data_4RDT
#
_entry.id   4RDT
#
_cell.length_a   101.340
_cell.length_b   156.227
_cell.length_c   158.075
_cell.angle_alpha   90.00
_cell.angle_beta   90.00
_cell.angle_gamma   90.00
#
_symmetry.space_group_name_H-M   'P 21 21 2'
#
loop_
_entity.id
_entity.type
_entity.pdbx_description
1 polymer ZnuD
2 non-polymer 'ZINC ION'
3 non-polymer GLYCEROL
4 non-polymer (HYDROXYETHYLOXY)TRI(ETHYLOXY)OCTANE
5 non-polymer 'SULFATE ION'
6 water water
#
_entity_poly.entity_id   1
_entity_poly.type   'polypeptide(L)'
_entity_poly.pdbx_seq_one_letter_code
;MAHHHHHHLVPRGSHETEQSVDLETVSVVGKSRPRATSGLLHTSTASDKIISGDTLRQKAVNLGDALDGVPGIHASQYGG
GASAPVIRGQTGRRIKVLNHHGETGDMADFSPDHAIMVDTALSQQVEILRGPVTLLYSSGNVAGLVDVADGKIPEKMPEN
GVSGELGLRLSSGNLEKLTSGGINIGLGKNFVLHTEGLYRKSGDYAVPRYRNLKRLPDSHADSQTGSIGLSWVGEKGFIG
VAYSDRRDQYGLPAHSHEYDDCHADIIWQKSLINKRYLQLYPHLLTEEDIDYDNPGLSCGFHDDDNAHAHTHSGRPWIDL
RNKRYELRAEWKQPFPGFEALRVHLNRNDYRHDEKAGDAVENFFNNQTQNARIELRHQPIGRLKGSWGVQYLQQKSSALS
AISEAVKQPMLLDNKVQHYSFFGVEQANWDNFTLEGGVRVEKQKASIQYDKALIDRENYYNHPLPDLGAHRQTARSFALS
GNWYFTPQHKLSLTASHQERLPSTQELYAHGKHVATNTFEVGNKHLNKERSNNIELALGYEGDRWQYNLALYRNRFGNYI
YAQTLNDGRGPKSIEDDSEMKLVRYNQSGADFYGAEGEIYFKPTPRYRIGVSGDYVRGRLKNLPSLPGREDAYGNRPFIA
QDDQNAPRVPAARLGFHLKASLTDRIDANLDYYRVFAQNKLARYETRTPGHHMLNLGANYRRNTRYGEWNWYVKADNLLN
QSVYAHSSFLSDTPQMGRSFTGGVNVKF
;
_entity_poly.pdbx_strand_id   A,B
#
loop_
_chem_comp.id
_chem_comp.type
_chem_comp.name
_chem_comp.formula
C8E non-polymer (HYDROXYETHYLOXY)TRI(ETHYLOXY)OCTANE 'C16 H34 O5'
GOL non-polymer GLYCEROL 'C3 H8 O3'
SO4 non-polymer 'SULFATE ION' 'O4 S -2'
ZN non-polymer 'ZINC ION' 'Zn 2'
#
# COMPACT_ATOMS: atom_id res chain seq x y z
N PRO A 34 25.35 -35.35 -31.26
CA PRO A 34 24.22 -34.63 -31.86
C PRO A 34 22.87 -35.19 -31.40
N ARG A 35 22.54 -34.98 -30.12
CA ARG A 35 21.30 -35.51 -29.54
C ARG A 35 20.54 -34.43 -28.73
N ALA A 36 19.45 -34.85 -28.09
CA ALA A 36 18.63 -33.94 -27.27
C ALA A 36 18.61 -34.43 -25.82
N THR A 37 18.33 -33.52 -24.88
CA THR A 37 18.45 -33.86 -23.46
C THR A 37 17.15 -33.74 -22.63
N SER A 38 16.15 -33.06 -23.17
CA SER A 38 14.95 -32.70 -22.40
C SER A 38 14.12 -33.90 -21.91
N GLY A 39 14.15 -35.00 -22.65
CA GLY A 39 13.41 -36.18 -22.23
C GLY A 39 14.37 -37.25 -21.79
N LEU A 40 14.14 -37.78 -20.60
CA LEU A 40 14.94 -38.86 -20.07
C LEU A 40 14.86 -40.07 -20.98
N LEU A 41 13.68 -40.25 -21.59
CA LEU A 41 13.47 -41.22 -22.66
C LEU A 41 13.29 -40.48 -23.98
N HIS A 42 14.10 -40.84 -24.98
CA HIS A 42 14.10 -40.17 -26.28
C HIS A 42 12.93 -40.45 -27.23
N THR A 43 11.94 -39.57 -27.26
CA THR A 43 10.94 -39.62 -28.33
C THR A 43 11.27 -38.50 -29.32
N SER A 44 11.65 -38.87 -30.54
CA SER A 44 12.08 -37.89 -31.53
C SER A 44 11.17 -37.83 -32.77
N THR A 45 10.47 -36.71 -32.94
CA THR A 45 9.67 -36.49 -34.14
C THR A 45 10.54 -35.76 -35.17
N ALA A 46 10.11 -35.78 -36.43
CA ALA A 46 10.92 -35.20 -37.50
C ALA A 46 10.98 -33.68 -37.46
N SER A 47 10.02 -33.06 -36.76
CA SER A 47 9.99 -31.61 -36.65
C SER A 47 10.58 -31.18 -35.32
N ASP A 48 11.72 -31.79 -34.99
CA ASP A 48 12.52 -31.40 -33.84
C ASP A 48 13.80 -30.74 -34.34
N LYS A 49 14.20 -29.67 -33.68
CA LYS A 49 15.29 -28.83 -34.15
C LYS A 49 16.22 -28.50 -33.01
N ILE A 50 17.49 -28.86 -33.17
CA ILE A 50 18.48 -28.56 -32.15
C ILE A 50 19.48 -27.52 -32.66
N ILE A 51 19.44 -26.32 -32.07
CA ILE A 51 20.34 -25.25 -32.45
C ILE A 51 21.65 -25.36 -31.66
N SER A 52 22.79 -25.23 -32.37
CA SER A 52 24.12 -25.25 -31.74
C SER A 52 24.38 -24.03 -30.85
N GLY A 53 25.03 -24.24 -29.70
CA GLY A 53 25.46 -23.13 -28.86
C GLY A 53 26.50 -22.14 -29.33
N ASP A 54 27.50 -22.57 -30.09
CA ASP A 54 28.49 -21.67 -30.68
C ASP A 54 27.75 -20.67 -31.57
N THR A 55 26.80 -21.20 -32.34
CA THR A 55 25.95 -20.39 -33.23
C THR A 55 25.19 -19.34 -32.43
N LEU A 56 24.71 -19.71 -31.25
CA LEU A 56 23.86 -18.81 -30.49
C LEU A 56 24.68 -17.64 -30.00
N ARG A 57 25.99 -17.87 -29.86
CA ARG A 57 26.93 -16.82 -29.46
C ARG A 57 26.97 -15.68 -30.49
N GLN A 58 26.54 -15.99 -31.70
CA GLN A 58 26.54 -15.05 -32.82
C GLN A 58 25.15 -14.51 -33.14
N LYS A 59 24.21 -14.89 -32.29
CA LYS A 59 22.82 -14.54 -32.49
C LYS A 59 22.46 -13.46 -31.52
N ALA A 60 21.27 -12.90 -31.70
CA ALA A 60 20.72 -11.94 -30.76
C ALA A 60 20.67 -12.51 -29.36
N VAL A 61 20.65 -11.62 -28.38
CA VAL A 61 20.70 -12.00 -26.97
C VAL A 61 19.34 -12.57 -26.51
N ASN A 62 18.25 -11.91 -26.85
CA ASN A 62 16.92 -12.41 -26.46
C ASN A 62 16.52 -13.70 -27.16
N LEU A 63 15.77 -14.55 -26.45
CA LEU A 63 15.40 -15.85 -26.99
C LEU A 63 14.60 -15.76 -28.29
N GLY A 64 13.63 -14.85 -28.32
CA GLY A 64 12.74 -14.75 -29.46
C GLY A 64 13.41 -14.26 -30.73
N ASP A 65 14.46 -13.47 -30.56
CA ASP A 65 15.19 -12.94 -31.70
C ASP A 65 16.15 -14.01 -32.22
N ALA A 66 16.67 -14.80 -31.29
CA ALA A 66 17.64 -15.83 -31.60
C ALA A 66 17.03 -17.03 -32.35
N LEU A 67 15.77 -17.32 -32.08
CA LEU A 67 15.12 -18.47 -32.70
C LEU A 67 14.38 -18.10 -34.00
N ASP A 68 14.09 -16.82 -34.15
CA ASP A 68 13.45 -16.30 -35.35
C ASP A 68 14.30 -16.62 -36.58
N GLY A 69 13.70 -17.27 -37.57
CA GLY A 69 14.41 -17.70 -38.75
C GLY A 69 14.38 -19.22 -38.90
N VAL A 70 14.27 -19.91 -37.75
CA VAL A 70 13.98 -21.32 -37.76
C VAL A 70 12.54 -21.42 -38.22
N PRO A 71 12.28 -22.21 -39.27
CA PRO A 71 10.95 -22.34 -39.88
C PRO A 71 9.85 -22.58 -38.86
N GLY A 72 8.83 -21.73 -38.91
CA GLY A 72 7.69 -21.84 -38.00
C GLY A 72 7.78 -21.06 -36.70
N ILE A 73 8.87 -20.31 -36.52
CA ILE A 73 9.12 -19.59 -35.28
C ILE A 73 9.26 -18.10 -35.54
N HIS A 74 8.37 -17.29 -34.97
CA HIS A 74 8.57 -15.86 -35.03
C HIS A 74 8.79 -15.22 -33.68
N ALA A 75 8.95 -13.89 -33.69
CA ALA A 75 9.24 -13.15 -32.47
C ALA A 75 8.20 -12.10 -32.11
N SER A 76 7.98 -11.93 -30.82
CA SER A 76 7.26 -10.81 -30.25
C SER A 76 8.26 -9.88 -29.59
N GLN A 77 8.83 -8.95 -30.34
CA GLN A 77 9.89 -8.10 -29.78
C GLN A 77 9.29 -6.98 -28.97
N TYR A 78 10.07 -6.47 -28.04
CA TYR A 78 9.61 -5.36 -27.23
C TYR A 78 10.82 -4.50 -26.91
N GLY A 79 11.34 -3.83 -27.93
CA GLY A 79 12.55 -3.06 -27.76
C GLY A 79 13.72 -4.01 -27.56
N GLY A 80 14.89 -3.48 -27.23
CA GLY A 80 16.06 -4.30 -27.01
C GLY A 80 15.95 -5.17 -25.77
N GLY A 81 14.99 -4.84 -24.91
CA GLY A 81 14.82 -5.54 -23.65
C GLY A 81 14.33 -6.97 -23.73
N ALA A 82 13.09 -7.16 -24.17
CA ALA A 82 12.46 -8.48 -24.18
C ALA A 82 12.05 -8.91 -25.58
N SER A 83 12.11 -10.21 -25.88
CA SER A 83 11.32 -10.79 -27.00
C SER A 83 11.03 -12.27 -26.78
N ALA A 84 9.78 -12.65 -26.95
CA ALA A 84 9.37 -14.06 -26.83
C ALA A 84 9.30 -14.76 -28.18
N PRO A 85 9.66 -16.05 -28.24
CA PRO A 85 9.39 -16.84 -29.45
C PRO A 85 7.90 -16.96 -29.67
N VAL A 86 7.45 -16.79 -30.91
CA VAL A 86 6.09 -17.15 -31.30
C VAL A 86 6.17 -18.38 -32.21
N ILE A 87 5.67 -19.50 -31.71
CA ILE A 87 5.80 -20.77 -32.42
C ILE A 87 4.48 -21.26 -32.96
N ARG A 88 4.42 -21.46 -34.28
CA ARG A 88 3.17 -21.82 -34.95
C ARG A 88 2.03 -20.93 -34.47
N GLY A 89 2.27 -19.62 -34.49
CA GLY A 89 1.27 -18.65 -34.09
C GLY A 89 0.97 -18.62 -32.61
N GLN A 90 1.50 -19.55 -31.84
CA GLN A 90 1.20 -19.61 -30.41
C GLN A 90 2.37 -19.08 -29.65
N THR A 91 2.13 -18.64 -28.42
CA THR A 91 3.18 -18.07 -27.60
C THR A 91 2.73 -18.12 -26.14
N GLY A 92 3.58 -17.72 -25.21
CA GLY A 92 3.17 -17.68 -23.81
C GLY A 92 2.83 -19.04 -23.26
N ARG A 93 1.61 -19.16 -22.73
CA ARG A 93 1.17 -20.37 -22.05
C ARG A 93 0.82 -21.50 -23.01
N ARG A 94 0.86 -21.22 -24.31
CA ARG A 94 0.57 -22.28 -25.27
C ARG A 94 1.83 -22.94 -25.81
N ILE A 95 2.96 -22.51 -25.29
CA ILE A 95 4.23 -23.18 -25.51
C ILE A 95 4.88 -23.37 -24.15
N LYS A 96 6.11 -23.87 -24.13
CA LYS A 96 6.85 -23.99 -22.89
C LYS A 96 8.34 -23.68 -23.03
N VAL A 97 8.80 -22.56 -22.46
CA VAL A 97 10.24 -22.30 -22.39
C VAL A 97 10.73 -22.98 -21.13
N LEU A 98 11.83 -23.70 -21.28
CA LEU A 98 12.35 -24.48 -20.19
C LEU A 98 13.78 -24.03 -19.95
N ASN A 99 14.14 -23.77 -18.69
CA ASN A 99 15.54 -23.51 -18.30
C ASN A 99 16.20 -24.79 -17.84
N HIS A 100 16.91 -25.46 -18.75
CA HIS A 100 17.49 -26.78 -18.47
C HIS A 100 16.53 -27.72 -17.73
N HIS A 101 15.42 -28.05 -18.40
CA HIS A 101 14.40 -28.95 -17.86
C HIS A 101 13.60 -28.34 -16.70
N GLY A 102 13.94 -27.13 -16.32
CA GLY A 102 13.31 -26.48 -15.18
C GLY A 102 12.46 -25.29 -15.55
N GLU A 103 11.54 -24.95 -14.66
CA GLU A 103 10.76 -23.73 -14.80
C GLU A 103 11.66 -22.52 -14.71
N THR A 104 11.59 -21.62 -15.69
CA THR A 104 12.41 -20.43 -15.65
C THR A 104 11.98 -19.59 -14.48
N GLY A 105 10.69 -19.60 -14.17
CA GLY A 105 10.22 -18.93 -12.98
C GLY A 105 9.96 -17.45 -13.17
N ASP A 106 10.10 -16.98 -14.41
CA ASP A 106 9.93 -15.57 -14.72
C ASP A 106 8.49 -15.15 -14.84
N MET A 107 8.23 -14.04 -15.52
CA MET A 107 6.86 -13.62 -15.80
C MET A 107 6.61 -13.16 -17.23
N ALA A 108 7.27 -13.82 -18.17
CA ALA A 108 7.15 -13.51 -19.58
C ALA A 108 5.80 -13.97 -20.17
N ASP A 109 5.13 -14.87 -19.46
CA ASP A 109 3.80 -15.33 -19.86
C ASP A 109 2.75 -14.25 -19.65
N PHE A 110 3.07 -13.26 -18.83
CA PHE A 110 2.14 -12.20 -18.48
C PHE A 110 1.97 -11.25 -19.67
N SER A 111 3.08 -10.94 -20.32
CA SER A 111 3.11 -9.98 -21.41
C SER A 111 4.50 -9.98 -22.05
N PRO A 112 4.59 -9.71 -23.36
CA PRO A 112 5.87 -9.92 -24.04
C PRO A 112 6.90 -8.85 -23.72
N ASP A 113 6.49 -7.86 -22.94
CA ASP A 113 7.40 -6.81 -22.49
C ASP A 113 8.25 -7.34 -21.34
N HIS A 114 7.83 -8.47 -20.75
CA HIS A 114 8.64 -9.12 -19.70
C HIS A 114 9.63 -10.09 -20.31
N ALA A 115 10.90 -9.93 -19.96
CA ALA A 115 11.96 -10.74 -20.54
C ALA A 115 11.87 -12.18 -20.07
N ILE A 116 12.30 -13.11 -20.92
CA ILE A 116 12.31 -14.55 -20.57
C ILE A 116 13.64 -14.91 -19.91
N MET A 117 13.57 -15.53 -18.74
CA MET A 117 14.76 -15.82 -17.96
C MET A 117 15.58 -16.99 -18.47
N VAL A 118 16.12 -16.87 -19.69
CA VAL A 118 17.10 -17.83 -20.18
C VAL A 118 18.25 -17.09 -20.85
N ASP A 119 19.45 -17.66 -20.83
CA ASP A 119 20.63 -17.01 -21.41
C ASP A 119 21.14 -17.87 -22.55
N THR A 120 20.63 -17.64 -23.76
CA THR A 120 20.89 -18.52 -24.88
C THR A 120 22.34 -18.42 -25.35
N ALA A 121 22.94 -17.26 -25.09
CA ALA A 121 24.33 -16.97 -25.44
C ALA A 121 25.28 -17.65 -24.45
N LEU A 122 24.69 -18.17 -23.37
CA LEU A 122 25.43 -18.86 -22.33
C LEU A 122 24.97 -20.31 -22.24
N SER A 123 24.12 -20.70 -23.19
CA SER A 123 23.48 -22.00 -23.25
C SER A 123 24.43 -23.03 -23.86
N GLN A 124 24.24 -24.31 -23.58
CA GLN A 124 24.98 -25.28 -24.37
C GLN A 124 24.35 -25.54 -25.72
N GLN A 125 23.02 -25.71 -25.72
CA GLN A 125 22.23 -25.99 -26.92
C GLN A 125 20.80 -25.51 -26.64
N VAL A 126 20.06 -25.09 -27.66
CA VAL A 126 18.60 -24.91 -27.49
C VAL A 126 17.82 -25.84 -28.45
N GLU A 127 17.11 -26.79 -27.86
CA GLU A 127 16.31 -27.77 -28.59
C GLU A 127 14.83 -27.39 -28.68
N ILE A 128 14.32 -27.37 -29.90
CA ILE A 128 12.91 -27.11 -30.13
C ILE A 128 12.16 -28.42 -30.43
N LEU A 129 11.41 -28.87 -29.43
CA LEU A 129 10.78 -30.18 -29.46
C LEU A 129 9.26 -30.18 -29.47
N ARG A 130 8.67 -31.11 -30.21
CA ARG A 130 7.24 -31.38 -30.19
C ARG A 130 7.08 -32.84 -29.82
N GLY A 131 5.85 -33.24 -29.48
CA GLY A 131 5.56 -34.65 -29.19
C GLY A 131 5.03 -34.94 -27.80
N PRO A 132 5.04 -36.22 -27.41
CA PRO A 132 4.60 -36.62 -26.07
C PRO A 132 5.48 -36.10 -24.96
N VAL A 133 6.70 -35.69 -25.32
CA VAL A 133 7.63 -35.11 -24.37
C VAL A 133 7.11 -33.83 -23.72
N THR A 134 6.27 -33.09 -24.44
CA THR A 134 5.77 -31.83 -23.91
C THR A 134 4.99 -32.11 -22.62
N LEU A 135 4.39 -33.29 -22.55
CA LEU A 135 3.64 -33.68 -21.38
C LEU A 135 4.49 -33.91 -20.16
N LEU A 136 5.80 -34.05 -20.36
CA LEU A 136 6.70 -34.17 -19.22
C LEU A 136 6.80 -32.88 -18.43
N TYR A 137 6.56 -31.74 -19.09
CA TYR A 137 6.85 -30.42 -18.49
C TYR A 137 5.68 -29.46 -18.22
N SER A 138 4.60 -29.63 -18.97
CA SER A 138 3.47 -28.71 -18.87
C SER A 138 2.19 -29.26 -19.53
N SER A 139 1.07 -28.60 -19.26
CA SER A 139 -0.20 -28.94 -19.86
C SER A 139 -0.66 -27.77 -20.71
N GLY A 140 -0.94 -28.04 -21.99
CA GLY A 140 -1.43 -26.99 -22.87
C GLY A 140 -0.41 -26.58 -23.91
N ASN A 141 0.78 -27.17 -23.81
CA ASN A 141 1.86 -26.87 -24.74
C ASN A 141 1.48 -27.45 -26.08
N VAL A 142 1.04 -26.61 -27.02
CA VAL A 142 0.52 -27.11 -28.28
C VAL A 142 1.43 -26.88 -29.49
N ALA A 143 2.48 -26.09 -29.31
CA ALA A 143 3.23 -25.65 -30.49
C ALA A 143 4.68 -26.10 -30.50
N GLY A 144 5.22 -26.26 -29.30
CA GLY A 144 6.62 -26.62 -29.17
C GLY A 144 7.15 -26.40 -27.78
N LEU A 145 8.07 -27.27 -27.39
CA LEU A 145 8.82 -27.08 -26.17
C LEU A 145 10.20 -26.53 -26.52
N VAL A 146 10.56 -25.40 -25.92
CA VAL A 146 11.86 -24.78 -26.18
C VAL A 146 12.65 -24.93 -24.90
N ASP A 147 13.59 -25.87 -24.92
CA ASP A 147 14.44 -26.11 -23.78
C ASP A 147 15.81 -25.52 -23.99
N VAL A 148 16.25 -24.71 -23.04
CA VAL A 148 17.58 -24.15 -23.12
C VAL A 148 18.47 -24.84 -22.11
N ALA A 149 19.44 -25.59 -22.61
CA ALA A 149 20.33 -26.33 -21.74
C ALA A 149 21.56 -25.49 -21.47
N ASP A 150 22.06 -25.54 -20.25
CA ASP A 150 23.14 -24.68 -19.82
C ASP A 150 24.33 -25.43 -19.20
N GLY A 151 25.42 -24.72 -18.95
CA GLY A 151 26.61 -25.34 -18.36
C GLY A 151 26.68 -25.24 -16.85
N LYS A 152 25.64 -24.63 -16.27
CA LYS A 152 25.54 -24.34 -14.84
C LYS A 152 26.11 -25.43 -13.91
N ILE A 153 25.69 -26.67 -14.17
CA ILE A 153 26.07 -27.82 -13.36
C ILE A 153 26.68 -28.89 -14.27
N PRO A 154 28.02 -28.91 -14.36
CA PRO A 154 28.87 -29.64 -15.32
C PRO A 154 28.44 -31.03 -15.79
N GLU A 155 27.97 -31.89 -14.87
CA GLU A 155 27.54 -33.26 -15.21
C GLU A 155 28.67 -34.16 -15.62
N LYS A 156 29.77 -33.57 -16.10
CA LYS A 156 30.95 -34.32 -16.49
C LYS A 156 32.25 -33.61 -16.08
N MET A 157 33.27 -34.38 -15.70
CA MET A 157 34.58 -33.81 -15.40
C MET A 157 35.26 -33.27 -16.65
N PRO A 158 35.74 -32.02 -16.58
CA PRO A 158 36.43 -31.35 -17.68
C PRO A 158 37.76 -32.03 -17.98
N GLU A 159 38.22 -32.09 -19.23
CA GLU A 159 39.63 -32.45 -19.47
C GLU A 159 40.64 -31.46 -18.93
N ASN A 160 41.79 -32.01 -18.55
CA ASN A 160 42.89 -31.23 -17.99
C ASN A 160 42.53 -30.56 -16.69
N GLY A 161 41.34 -30.86 -16.17
CA GLY A 161 40.92 -30.27 -14.93
C GLY A 161 40.20 -28.96 -15.14
N VAL A 162 40.46 -28.31 -16.28
CA VAL A 162 39.75 -27.06 -16.56
C VAL A 162 39.26 -26.94 -18.00
N SER A 163 38.19 -26.17 -18.17
CA SER A 163 37.59 -25.88 -19.46
C SER A 163 36.67 -24.68 -19.32
N GLY A 164 36.36 -24.04 -20.44
CA GLY A 164 35.45 -22.91 -20.45
C GLY A 164 35.64 -22.15 -21.74
N GLU A 165 34.98 -21.01 -21.87
CA GLU A 165 35.12 -20.22 -23.07
C GLU A 165 35.06 -18.73 -22.81
N LEU A 166 35.48 -17.95 -23.79
CA LEU A 166 35.45 -16.50 -23.66
C LEU A 166 34.93 -15.88 -24.93
N GLY A 167 34.09 -14.86 -24.79
CA GLY A 167 33.43 -14.28 -25.93
C GLY A 167 33.29 -12.78 -25.85
N LEU A 168 33.34 -12.13 -27.01
CA LEU A 168 33.26 -10.68 -27.06
C LEU A 168 32.71 -10.33 -28.44
N ARG A 169 31.78 -9.37 -28.48
CA ARG A 169 31.30 -8.82 -29.75
C ARG A 169 30.69 -7.44 -29.68
N LEU A 170 30.75 -6.74 -30.81
CA LEU A 170 30.20 -5.40 -30.90
C LEU A 170 29.17 -5.36 -32.04
N SER A 171 28.14 -4.52 -31.93
CA SER A 171 27.13 -4.42 -32.98
C SER A 171 26.72 -2.99 -33.28
N SER A 172 26.69 -2.66 -34.57
CA SER A 172 26.43 -1.29 -35.02
C SER A 172 24.99 -0.84 -34.88
N GLY A 173 24.80 0.44 -34.57
CA GLY A 173 23.47 1.00 -34.45
C GLY A 173 22.61 0.29 -33.42
N ASN A 174 23.28 -0.35 -32.47
CA ASN A 174 22.61 -1.12 -31.44
C ASN A 174 22.57 -0.46 -30.04
N LEU A 175 23.69 -0.03 -29.45
CA LEU A 175 25.06 -0.21 -29.92
C LEU A 175 25.62 -1.27 -28.99
N GLU A 176 25.49 -2.52 -29.40
CA GLU A 176 25.69 -3.64 -28.50
C GLU A 176 27.17 -3.89 -28.18
N LYS A 177 27.46 -4.07 -26.90
CA LYS A 177 28.72 -4.63 -26.48
C LYS A 177 28.32 -5.90 -25.75
N LEU A 178 28.90 -7.03 -26.11
CA LEU A 178 28.48 -8.26 -25.49
C LEU A 178 29.71 -9.07 -25.13
N THR A 179 29.97 -9.21 -23.83
CA THR A 179 31.05 -10.07 -23.39
C THR A 179 30.52 -11.26 -22.60
N SER A 180 31.14 -12.41 -22.77
CA SER A 180 30.66 -13.62 -22.12
C SER A 180 31.82 -14.54 -21.80
N GLY A 181 31.60 -15.36 -20.79
CA GLY A 181 32.58 -16.34 -20.38
C GLY A 181 31.90 -17.39 -19.53
N GLY A 182 32.57 -18.51 -19.37
CA GLY A 182 32.07 -19.57 -18.52
C GLY A 182 33.28 -20.37 -18.16
N ILE A 183 33.30 -21.03 -17.01
CA ILE A 183 34.50 -21.75 -16.64
C ILE A 183 34.07 -23.04 -15.91
N ASN A 184 34.79 -24.13 -16.17
CA ASN A 184 34.60 -25.40 -15.46
C ASN A 184 35.93 -25.88 -14.89
N ILE A 185 35.97 -26.13 -13.59
CA ILE A 185 37.20 -26.56 -12.91
C ILE A 185 37.07 -27.83 -12.06
N GLY A 186 37.98 -28.76 -12.31
CA GLY A 186 38.03 -29.97 -11.50
C GLY A 186 38.70 -29.61 -10.19
N LEU A 187 37.83 -29.54 -9.19
CA LEU A 187 38.13 -29.24 -7.81
C LEU A 187 38.50 -30.56 -7.19
N GLY A 188 39.45 -31.24 -7.79
CA GLY A 188 39.85 -32.54 -7.30
C GLY A 188 39.62 -33.69 -8.25
N LYS A 189 39.28 -34.85 -7.68
CA LYS A 189 39.17 -36.11 -8.43
C LYS A 189 37.79 -36.36 -9.04
N ASN A 190 36.72 -36.00 -8.31
CA ASN A 190 35.37 -36.15 -8.82
C ASN A 190 34.49 -34.98 -8.42
N PHE A 191 35.01 -33.77 -8.61
CA PHE A 191 34.36 -32.56 -8.14
C PHE A 191 34.58 -31.47 -9.16
N VAL A 192 33.54 -30.77 -9.56
CA VAL A 192 33.73 -29.71 -10.56
C VAL A 192 33.03 -28.43 -10.18
N LEU A 193 33.78 -27.32 -10.21
CA LEU A 193 33.16 -26.02 -10.05
C LEU A 193 32.90 -25.37 -11.40
N HIS A 194 31.74 -24.74 -11.53
CA HIS A 194 31.42 -24.00 -12.74
C HIS A 194 31.04 -22.58 -12.41
N THR A 195 31.58 -21.65 -13.18
CA THR A 195 31.11 -20.28 -13.14
C THR A 195 30.85 -19.86 -14.57
N GLU A 196 29.93 -18.91 -14.77
CA GLU A 196 29.65 -18.39 -16.10
C GLU A 196 28.93 -17.08 -15.94
N GLY A 197 29.11 -16.22 -16.93
CA GLY A 197 28.52 -14.90 -16.88
C GLY A 197 28.52 -14.16 -18.20
N LEU A 198 27.73 -13.12 -18.27
CA LEU A 198 27.59 -12.38 -19.49
C LEU A 198 27.29 -10.94 -19.12
N TYR A 199 27.91 -9.96 -19.79
CA TYR A 199 27.47 -8.58 -19.62
C TYR A 199 27.26 -7.96 -20.96
N ARG A 200 26.11 -7.28 -21.07
CA ARG A 200 25.66 -6.59 -22.28
C ARG A 200 25.13 -5.18 -22.07
N LYS A 201 25.61 -4.26 -22.91
CA LYS A 201 25.15 -2.87 -22.93
C LYS A 201 24.72 -2.58 -24.37
N SER A 202 23.53 -2.00 -24.52
CA SER A 202 23.02 -1.61 -25.85
C SER A 202 22.08 -0.41 -25.83
N GLY A 203 22.12 0.40 -26.88
CA GLY A 203 21.40 1.66 -26.86
C GLY A 203 20.02 1.65 -27.46
N ASP A 204 19.42 2.83 -27.62
CA ASP A 204 18.23 2.94 -28.43
C ASP A 204 18.63 2.56 -29.85
N TYR A 205 17.81 1.77 -30.53
CA TYR A 205 18.27 1.27 -31.83
C TYR A 205 17.94 2.24 -32.97
N ALA A 206 18.82 2.26 -33.96
CA ALA A 206 18.64 3.10 -35.12
C ALA A 206 17.42 2.62 -35.89
N VAL A 207 16.66 3.56 -36.42
CA VAL A 207 15.48 3.22 -37.20
C VAL A 207 15.51 3.96 -38.51
N PRO A 208 15.15 3.26 -39.59
CA PRO A 208 15.13 3.91 -40.90
C PRO A 208 13.80 4.61 -41.07
N ARG A 209 13.83 5.82 -41.62
CA ARG A 209 12.61 6.54 -42.00
C ARG A 209 11.57 6.70 -40.90
N TYR A 210 11.93 6.42 -39.66
CA TYR A 210 10.92 6.48 -38.63
C TYR A 210 10.86 7.86 -38.03
N ARG A 211 9.77 8.56 -38.31
CA ARG A 211 9.60 9.94 -37.87
C ARG A 211 10.81 10.78 -38.31
N ASN A 212 11.27 11.69 -37.44
CA ASN A 212 12.53 12.32 -37.78
C ASN A 212 13.60 11.90 -36.81
N LEU A 213 13.71 10.59 -36.61
CA LEU A 213 14.57 10.10 -35.55
C LEU A 213 15.73 9.29 -36.08
N LYS A 214 16.88 9.45 -35.43
CA LYS A 214 18.03 8.65 -35.78
C LYS A 214 17.88 7.31 -35.08
N ARG A 215 17.35 7.35 -33.86
CA ARG A 215 17.17 6.13 -33.07
C ARG A 215 15.83 6.07 -32.34
N LEU A 216 15.30 4.87 -32.15
CA LEU A 216 14.02 4.71 -31.49
C LEU A 216 14.18 4.86 -29.98
N PRO A 217 13.61 5.92 -29.41
CA PRO A 217 13.69 6.20 -27.96
C PRO A 217 13.26 4.98 -27.11
N ASP A 218 13.88 4.83 -25.94
CA ASP A 218 13.48 3.82 -24.95
C ASP A 218 13.58 2.36 -25.38
N SER A 219 14.53 2.06 -26.27
CA SER A 219 14.71 0.70 -26.75
C SER A 219 16.11 0.17 -26.39
N HIS A 220 16.69 0.75 -25.35
CA HIS A 220 18.02 0.37 -24.86
C HIS A 220 17.89 -0.79 -23.84
N ALA A 221 18.98 -1.51 -23.63
CA ALA A 221 18.90 -2.71 -22.81
C ALA A 221 20.25 -3.09 -22.17
N ASP A 222 20.25 -3.23 -20.84
CA ASP A 222 21.41 -3.71 -20.10
C ASP A 222 21.02 -4.98 -19.37
N SER A 223 21.95 -5.93 -19.30
CA SER A 223 21.72 -7.21 -18.64
C SER A 223 23.03 -7.80 -18.08
N GLN A 224 22.98 -8.37 -16.87
CA GLN A 224 24.08 -9.22 -16.41
C GLN A 224 23.63 -10.51 -15.77
N THR A 225 24.38 -11.58 -15.98
CA THR A 225 23.98 -12.87 -15.46
C THR A 225 25.21 -13.47 -14.85
N GLY A 226 25.05 -14.27 -13.81
CA GLY A 226 26.17 -14.92 -13.19
C GLY A 226 25.73 -16.22 -12.60
N SER A 227 26.61 -17.20 -12.57
CA SER A 227 26.31 -18.52 -12.04
C SER A 227 27.56 -19.10 -11.44
N ILE A 228 27.34 -19.90 -10.41
CA ILE A 228 28.40 -20.61 -9.77
C ILE A 228 27.83 -21.98 -9.61
N GLY A 229 28.59 -22.98 -10.03
CA GLY A 229 28.15 -24.34 -9.95
C GLY A 229 29.16 -25.28 -9.33
N LEU A 230 28.67 -26.45 -8.94
CA LEU A 230 29.46 -27.44 -8.26
C LEU A 230 28.82 -28.77 -8.53
N SER A 231 29.56 -29.72 -9.10
CA SER A 231 28.92 -30.98 -9.49
C SER A 231 29.91 -32.14 -9.37
N TRP A 232 29.34 -33.32 -9.15
CA TRP A 232 30.09 -34.53 -8.84
C TRP A 232 30.44 -35.20 -10.14
N VAL A 233 30.94 -36.41 -10.05
CA VAL A 233 31.01 -37.24 -11.24
C VAL A 233 30.81 -38.71 -10.97
N GLY A 234 30.36 -39.40 -12.01
CA GLY A 234 30.07 -40.82 -12.01
C GLY A 234 31.26 -41.71 -12.23
N GLU A 235 31.06 -42.99 -11.98
CA GLU A 235 29.71 -43.48 -11.71
C GLU A 235 29.18 -43.23 -10.28
N LYS A 236 27.85 -43.20 -10.13
CA LYS A 236 26.91 -43.54 -11.19
C LYS A 236 26.57 -42.38 -12.12
N GLY A 237 26.53 -41.17 -11.58
CA GLY A 237 26.02 -40.01 -12.31
C GLY A 237 26.74 -38.74 -11.92
N PHE A 238 25.98 -37.76 -11.45
CA PHE A 238 26.50 -36.47 -11.02
C PHE A 238 25.44 -35.93 -10.08
N ILE A 239 25.83 -35.14 -9.10
CA ILE A 239 24.90 -34.30 -8.35
C ILE A 239 25.44 -32.89 -8.34
N GLY A 240 24.58 -31.89 -8.23
CA GLY A 240 25.13 -30.56 -8.24
C GLY A 240 24.15 -29.45 -7.96
N VAL A 241 24.69 -28.32 -7.53
CA VAL A 241 23.86 -27.16 -7.25
C VAL A 241 24.41 -25.98 -8.03
N ALA A 242 23.62 -24.94 -8.17
CA ALA A 242 24.08 -23.73 -8.82
C ALA A 242 23.27 -22.54 -8.35
N TYR A 243 23.97 -21.43 -8.13
CA TYR A 243 23.32 -20.17 -7.81
C TYR A 243 23.50 -19.26 -9.02
N SER A 244 22.46 -18.52 -9.34
CA SER A 244 22.48 -17.65 -10.48
C SER A 244 21.94 -16.31 -10.05
N ASP A 245 22.30 -15.28 -10.81
CA ASP A 245 21.84 -13.94 -10.53
C ASP A 245 21.81 -13.19 -11.83
N ARG A 246 20.67 -12.54 -12.06
CA ARG A 246 20.44 -11.80 -13.28
C ARG A 246 19.73 -10.52 -12.96
N ARG A 247 20.36 -9.43 -13.36
CA ARG A 247 19.76 -8.12 -13.30
C ARG A 247 19.58 -7.56 -14.72
N ASP A 248 18.35 -7.18 -15.08
CA ASP A 248 18.06 -6.61 -16.39
C ASP A 248 17.56 -5.19 -16.21
N GLN A 249 18.00 -4.30 -17.09
CA GLN A 249 17.51 -2.93 -17.10
C GLN A 249 17.31 -2.51 -18.55
N TYR A 250 16.07 -2.22 -18.93
CA TYR A 250 15.78 -1.91 -20.32
C TYR A 250 14.54 -1.04 -20.46
N GLY A 251 14.48 -0.29 -21.56
CA GLY A 251 13.38 0.64 -21.80
C GLY A 251 12.09 0.02 -22.36
N LEU A 252 11.01 0.81 -22.28
CA LEU A 252 9.71 0.41 -22.84
C LEU A 252 9.29 1.34 -23.98
N PRO A 253 9.51 0.92 -25.23
CA PRO A 253 9.27 1.77 -26.41
C PRO A 253 7.81 2.16 -26.60
N ALA A 254 7.57 3.13 -27.50
CA ALA A 254 6.24 3.68 -27.78
C ALA A 254 5.50 4.05 -26.50
N HIS A 255 6.10 4.93 -25.70
CA HIS A 255 5.64 5.14 -24.33
C HIS A 255 6.31 6.37 -23.71
N ASP A 261 0.36 10.90 -14.97
CA ASP A 261 0.73 10.65 -13.57
C ASP A 261 -0.50 10.37 -12.73
N CYS A 262 -1.65 10.83 -13.20
CA CYS A 262 -2.87 10.77 -12.39
C CYS A 262 -3.59 9.43 -12.43
N HIS A 263 -3.48 8.70 -11.32
CA HIS A 263 -4.29 7.51 -11.06
C HIS A 263 -4.24 7.10 -9.59
N ALA A 264 -5.41 6.85 -9.00
CA ALA A 264 -5.54 6.43 -7.61
C ALA A 264 -7.03 6.21 -7.35
N ASP A 265 -7.84 6.76 -8.24
CA ASP A 265 -9.28 6.70 -8.11
C ASP A 265 -9.89 6.46 -9.50
N ILE A 266 -11.20 6.25 -9.55
CA ILE A 266 -11.93 5.95 -10.77
C ILE A 266 -11.54 4.63 -11.42
N ILE A 267 -10.23 4.37 -11.54
CA ILE A 267 -9.74 3.06 -11.99
C ILE A 267 -10.46 2.02 -11.15
N TRP A 268 -10.52 2.31 -9.86
CA TRP A 268 -11.41 1.62 -8.94
C TRP A 268 -11.90 2.67 -7.94
N GLN A 269 -13.12 2.49 -7.48
CA GLN A 269 -13.91 1.32 -7.88
C GLN A 269 -15.27 1.68 -8.46
N LYS A 270 -15.69 0.97 -9.52
CA LYS A 270 -14.91 -0.10 -10.14
C LYS A 270 -15.55 -0.43 -11.50
N SER A 271 -14.92 -1.31 -12.25
CA SER A 271 -15.43 -1.68 -13.57
C SER A 271 -15.68 -3.19 -13.70
N LEU A 272 -16.88 -3.55 -14.14
CA LEU A 272 -17.27 -4.95 -14.24
C LEU A 272 -17.18 -5.44 -15.68
N THR A 286 -21.64 -2.13 -15.33
CA THR A 286 -20.31 -2.64 -15.63
C THR A 286 -19.51 -1.60 -16.38
N GLU A 287 -20.22 -0.67 -17.00
CA GLU A 287 -19.60 0.26 -17.96
C GLU A 287 -19.16 1.58 -17.32
N GLU A 288 -17.96 1.59 -16.76
CA GLU A 288 -17.37 2.82 -16.23
C GLU A 288 -16.01 3.09 -16.88
N ASP A 289 -15.79 2.53 -18.06
CA ASP A 289 -14.69 2.96 -18.90
C ASP A 289 -15.11 4.30 -19.49
N ILE A 290 -16.41 4.57 -19.38
CA ILE A 290 -16.98 5.85 -19.71
C ILE A 290 -16.39 6.94 -18.81
N ASP A 291 -16.11 6.58 -17.55
CA ASP A 291 -15.68 7.57 -16.58
C ASP A 291 -14.18 7.53 -16.28
N TYR A 292 -13.42 6.66 -16.94
CA TYR A 292 -11.97 6.71 -16.74
C TYR A 292 -11.14 7.16 -17.94
N ASP A 293 -11.72 7.21 -19.13
CA ASP A 293 -11.03 7.86 -20.23
C ASP A 293 -11.64 9.23 -20.51
N ASN A 294 -12.50 9.67 -19.61
CA ASN A 294 -12.87 11.08 -19.55
C ASN A 294 -11.82 11.89 -18.76
N PRO A 295 -11.33 11.35 -17.62
CA PRO A 295 -10.16 11.98 -17.00
C PRO A 295 -8.84 11.40 -17.51
N GLY A 296 -8.84 10.85 -18.72
CA GLY A 296 -7.61 10.42 -19.37
C GLY A 296 -7.18 11.52 -20.32
N LEU A 297 -8.15 12.37 -20.68
CA LEU A 297 -7.93 13.49 -21.57
C LEU A 297 -7.99 14.78 -20.75
N SER A 298 -8.18 14.62 -19.45
CA SER A 298 -8.20 15.74 -18.53
C SER A 298 -6.77 16.02 -18.07
N CYS A 299 -6.02 14.95 -17.87
CA CYS A 299 -4.59 15.06 -17.53
C CYS A 299 -3.78 15.06 -18.81
N GLY A 300 -4.45 14.83 -19.93
CA GLY A 300 -3.82 14.96 -21.23
C GLY A 300 -3.66 16.42 -21.59
N PHE A 301 -4.78 17.16 -21.52
CA PHE A 301 -4.78 18.60 -21.80
C PHE A 301 -4.11 19.39 -20.68
N GLY A 314 8.87 11.63 -16.05
CA GLY A 314 9.29 10.23 -16.07
C GLY A 314 9.78 9.69 -17.40
N ARG A 315 10.43 8.53 -17.35
CA ARG A 315 10.89 7.84 -18.53
C ARG A 315 10.71 6.33 -18.32
N PRO A 316 10.00 5.67 -19.25
CA PRO A 316 9.54 4.28 -19.05
C PRO A 316 10.68 3.28 -19.16
N TRP A 317 10.82 2.40 -18.17
CA TRP A 317 11.81 1.33 -18.24
C TRP A 317 11.48 0.24 -17.25
N ILE A 318 12.20 -0.88 -17.34
CA ILE A 318 11.96 -2.02 -16.47
C ILE A 318 13.28 -2.35 -15.79
N ASP A 319 13.26 -2.43 -14.46
CA ASP A 319 14.42 -2.80 -13.68
C ASP A 319 14.04 -4.16 -13.10
N LEU A 320 14.74 -5.22 -13.53
CA LEU A 320 14.37 -6.60 -13.17
C LEU A 320 15.52 -7.39 -12.54
N ARG A 321 15.21 -8.14 -11.49
CA ARG A 321 16.21 -8.93 -10.78
C ARG A 321 15.76 -10.37 -10.61
N ASN A 322 16.58 -11.31 -11.07
CA ASN A 322 16.29 -12.74 -10.93
C ASN A 322 17.37 -13.55 -10.22
N LYS A 323 16.99 -14.17 -9.11
CA LYS A 323 17.90 -14.97 -8.32
C LYS A 323 17.46 -16.43 -8.33
N ARG A 324 18.39 -17.34 -8.56
CA ARG A 324 18.02 -18.74 -8.78
C ARG A 324 18.89 -19.72 -8.03
N TYR A 325 18.23 -20.62 -7.31
CA TYR A 325 18.93 -21.70 -6.63
C TYR A 325 18.37 -23.01 -7.14
N GLU A 326 19.24 -23.90 -7.58
CA GLU A 326 18.74 -25.13 -8.12
C GLU A 326 19.70 -26.26 -7.80
N LEU A 327 19.20 -27.47 -7.93
CA LEU A 327 19.98 -28.67 -7.73
C LEU A 327 19.61 -29.67 -8.81
N ARG A 328 20.62 -30.25 -9.45
CA ARG A 328 20.37 -31.30 -10.43
C ARG A 328 21.12 -32.54 -10.00
N ALA A 329 20.58 -33.68 -10.39
CA ALA A 329 21.20 -34.95 -10.11
C ALA A 329 20.64 -35.97 -11.07
N GLU A 330 21.47 -36.91 -11.49
CA GLU A 330 21.03 -37.92 -12.42
C GLU A 330 22.05 -39.06 -12.54
N TRP A 331 21.84 -40.16 -11.81
CA TRP A 331 22.74 -41.29 -12.05
C TRP A 331 22.14 -42.49 -12.77
N LYS A 332 23.05 -43.39 -13.16
CA LYS A 332 22.85 -44.29 -14.29
C LYS A 332 22.42 -45.73 -14.07
N GLN A 333 22.10 -46.11 -12.84
CA GLN A 333 21.55 -47.45 -12.58
C GLN A 333 21.10 -47.47 -11.14
N PRO A 334 20.02 -46.74 -10.84
CA PRO A 334 19.66 -46.41 -9.46
C PRO A 334 19.44 -47.65 -8.61
N PHE A 335 18.75 -48.66 -9.16
CA PHE A 335 18.29 -49.83 -8.41
C PHE A 335 17.42 -50.72 -9.33
N PRO A 336 16.85 -51.85 -8.82
CA PRO A 336 16.60 -52.90 -9.81
C PRO A 336 15.39 -52.62 -10.67
N GLY A 337 15.55 -52.76 -11.98
CA GLY A 337 14.45 -52.55 -12.89
C GLY A 337 14.46 -51.19 -13.54
N PHE A 338 15.40 -50.34 -13.17
CA PHE A 338 15.46 -49.01 -13.74
C PHE A 338 16.83 -48.71 -14.30
N GLU A 339 16.86 -47.97 -15.40
CA GLU A 339 18.09 -47.68 -16.12
C GLU A 339 18.62 -46.29 -15.73
N ALA A 340 17.73 -45.42 -15.30
CA ALA A 340 18.11 -44.04 -14.97
C ALA A 340 17.18 -43.38 -13.94
N LEU A 341 17.71 -42.38 -13.25
CA LEU A 341 16.97 -41.63 -12.24
C LEU A 341 17.40 -40.17 -12.40
N ARG A 342 16.45 -39.24 -12.40
CA ARG A 342 16.75 -37.82 -12.62
C ARG A 342 16.00 -36.84 -11.73
N VAL A 343 16.72 -36.06 -10.93
CA VAL A 343 16.01 -35.08 -10.13
C VAL A 343 16.42 -33.65 -10.48
N HIS A 344 15.63 -32.71 -10.01
CA HIS A 344 15.75 -31.30 -10.34
C HIS A 344 14.95 -30.58 -9.27
N LEU A 345 15.65 -29.79 -8.48
CA LEU A 345 15.05 -28.94 -7.47
C LEU A 345 15.36 -27.53 -7.90
N ASN A 346 14.40 -26.65 -7.73
CA ASN A 346 14.61 -25.28 -8.15
C ASN A 346 13.88 -24.27 -7.27
N ARG A 347 14.56 -23.17 -6.98
CA ARG A 347 13.94 -22.00 -6.37
C ARG A 347 14.29 -20.80 -7.18
N ASN A 348 13.28 -20.01 -7.50
CA ASN A 348 13.54 -18.91 -8.38
C ASN A 348 12.89 -17.66 -7.83
N ASP A 349 13.73 -16.67 -7.55
CA ASP A 349 13.32 -15.36 -7.06
C ASP A 349 13.26 -14.43 -8.25
N TYR A 350 12.05 -14.06 -8.65
CA TYR A 350 11.89 -13.13 -9.76
C TYR A 350 11.20 -11.87 -9.30
N ARG A 351 11.69 -10.75 -9.81
CA ARG A 351 11.14 -9.43 -9.48
CA ARG A 351 11.02 -9.49 -9.58
C ARG A 351 11.36 -8.49 -10.65
N HIS A 352 10.45 -7.54 -10.85
CA HIS A 352 10.71 -6.45 -11.76
C HIS A 352 9.83 -5.26 -11.42
N ASP A 353 10.43 -4.06 -11.45
CA ASP A 353 9.67 -2.84 -11.23
C ASP A 353 9.46 -2.22 -12.60
N GLU A 354 8.24 -1.83 -12.90
CA GLU A 354 8.02 -1.06 -14.11
C GLU A 354 8.02 0.40 -13.70
N LYS A 355 8.97 1.15 -14.23
CA LYS A 355 9.25 2.46 -13.69
C LYS A 355 9.16 3.61 -14.68
N ALA A 356 8.82 4.78 -14.14
CA ALA A 356 8.94 6.04 -14.85
C ALA A 356 9.93 6.89 -14.06
N GLY A 357 11.14 7.04 -14.59
CA GLY A 357 12.22 7.65 -13.84
C GLY A 357 12.64 6.80 -12.65
N ASP A 358 12.55 7.37 -11.45
CA ASP A 358 12.91 6.63 -10.25
C ASP A 358 11.68 6.14 -9.48
N ALA A 359 10.50 6.33 -10.05
CA ALA A 359 9.26 5.93 -9.39
C ALA A 359 8.74 4.62 -9.94
N VAL A 360 8.26 3.74 -9.06
CA VAL A 360 7.70 2.46 -9.49
C VAL A 360 6.20 2.57 -9.76
N GLU A 361 5.79 2.12 -10.94
CA GLU A 361 4.38 2.16 -11.33
C GLU A 361 3.69 0.81 -11.15
N ASN A 362 4.41 -0.27 -11.46
CA ASN A 362 3.97 -1.63 -11.15
C ASN A 362 5.10 -2.43 -10.52
N PHE A 363 4.76 -3.15 -9.45
CA PHE A 363 5.70 -4.10 -8.82
C PHE A 363 5.34 -5.48 -9.29
N PHE A 364 6.30 -6.17 -9.88
CA PHE A 364 6.08 -7.55 -10.29
C PHE A 364 6.90 -8.52 -9.46
N ASN A 365 6.28 -9.62 -9.07
CA ASN A 365 6.92 -10.62 -8.24
C ASN A 365 6.43 -12.02 -8.57
N ASN A 366 7.35 -12.97 -8.53
CA ASN A 366 7.00 -14.36 -8.82
C ASN A 366 7.95 -15.30 -8.13
N GLN A 367 7.52 -15.88 -7.02
CA GLN A 367 8.36 -16.84 -6.33
C GLN A 367 8.00 -18.24 -6.83
N THR A 368 9.02 -19.00 -7.21
CA THR A 368 8.79 -20.28 -7.82
C THR A 368 9.62 -21.29 -7.09
N GLN A 369 9.00 -22.40 -6.75
CA GLN A 369 9.74 -23.56 -6.31
C GLN A 369 9.25 -24.73 -7.14
N ASN A 370 10.22 -25.48 -7.67
CA ASN A 370 9.96 -26.54 -8.61
C ASN A 370 10.76 -27.79 -8.35
N ALA A 371 10.07 -28.92 -8.38
CA ALA A 371 10.70 -30.20 -8.15
C ALA A 371 10.19 -31.24 -9.15
N ARG A 372 11.09 -31.98 -9.77
CA ARG A 372 10.68 -33.04 -10.66
C ARG A 372 11.59 -34.23 -10.54
N ILE A 373 10.96 -35.40 -10.43
CA ILE A 373 11.70 -36.65 -10.36
C ILE A 373 11.26 -37.55 -11.52
N GLU A 374 12.19 -37.95 -12.40
CA GLU A 374 11.84 -38.81 -13.52
C GLU A 374 12.78 -40.00 -13.43
N LEU A 375 12.22 -41.21 -13.58
CA LEU A 375 13.03 -42.41 -13.68
C LEU A 375 12.64 -43.18 -14.92
N ARG A 376 13.63 -43.83 -15.52
CA ARG A 376 13.43 -44.60 -16.72
C ARG A 376 13.43 -46.08 -16.41
N HIS A 377 12.31 -46.73 -16.68
CA HIS A 377 12.14 -48.12 -16.30
C HIS A 377 12.95 -49.02 -17.21
N GLN A 378 13.06 -50.29 -16.81
CA GLN A 378 13.75 -51.29 -17.61
C GLN A 378 13.02 -51.46 -18.93
N PRO A 379 13.77 -51.54 -20.03
CA PRO A 379 13.09 -51.88 -21.28
C PRO A 379 12.42 -53.25 -21.14
N ILE A 380 11.10 -53.27 -21.03
CA ILE A 380 10.39 -54.54 -20.93
C ILE A 380 10.28 -55.13 -22.33
N GLY A 381 11.40 -55.58 -22.87
CA GLY A 381 11.45 -56.14 -24.21
C GLY A 381 11.07 -55.16 -25.29
N ARG A 382 11.99 -54.25 -25.59
CA ARG A 382 11.80 -53.21 -26.63
C ARG A 382 10.61 -52.26 -26.47
N LEU A 383 10.09 -52.10 -25.25
CA LEU A 383 9.20 -50.99 -24.96
C LEU A 383 9.85 -50.21 -23.80
N LYS A 384 10.03 -48.92 -24.01
CA LYS A 384 10.76 -48.10 -23.07
C LYS A 384 9.88 -47.04 -22.45
N GLY A 385 10.21 -46.57 -21.26
CA GLY A 385 9.36 -45.57 -20.66
C GLY A 385 9.97 -44.81 -19.51
N SER A 386 9.60 -43.54 -19.39
CA SER A 386 10.02 -42.72 -18.28
C SER A 386 8.78 -42.16 -17.61
N TRP A 387 8.64 -42.32 -16.31
CA TRP A 387 7.49 -41.81 -15.59
C TRP A 387 8.02 -40.89 -14.51
N GLY A 388 7.30 -39.80 -14.26
CA GLY A 388 7.77 -38.83 -13.29
C GLY A 388 6.68 -38.12 -12.54
N VAL A 389 7.09 -37.44 -11.47
CA VAL A 389 6.20 -36.60 -10.68
C VAL A 389 6.81 -35.22 -10.57
N GLN A 390 5.97 -34.19 -10.50
CA GLN A 390 6.48 -32.81 -10.44
C GLN A 390 5.65 -31.98 -9.45
N TYR A 391 6.34 -31.22 -8.58
CA TYR A 391 5.63 -30.29 -7.71
C TYR A 391 6.05 -28.86 -7.97
N LEU A 392 5.09 -28.00 -8.25
CA LEU A 392 5.37 -26.61 -8.58
C LEU A 392 4.45 -25.69 -7.79
N GLN A 393 5.02 -24.84 -6.93
CA GLN A 393 4.19 -23.87 -6.21
C GLN A 393 4.71 -22.52 -6.66
N GLN A 394 3.81 -21.62 -7.04
CA GLN A 394 4.21 -20.29 -7.49
C GLN A 394 3.42 -19.14 -6.86
N LYS A 395 4.08 -18.41 -5.96
CA LYS A 395 3.53 -17.20 -5.34
C LYS A 395 3.88 -15.98 -6.15
N SER A 396 2.85 -15.31 -6.67
CA SER A 396 3.07 -14.17 -7.55
C SER A 396 2.09 -13.05 -7.20
N SER A 397 2.49 -11.83 -7.49
CA SER A 397 1.62 -10.68 -7.37
C SER A 397 2.01 -9.64 -8.40
N ALA A 398 1.13 -8.68 -8.64
CA ALA A 398 1.47 -7.53 -9.46
C ALA A 398 0.75 -6.33 -8.89
N LEU A 399 1.51 -5.45 -8.24
CA LEU A 399 0.93 -4.35 -7.47
C LEU A 399 1.29 -3.00 -8.06
N SER A 400 0.65 -1.95 -7.54
CA SER A 400 0.94 -0.58 -7.94
C SER A 400 1.42 0.23 -6.75
N ALA A 401 1.68 1.50 -6.99
CA ALA A 401 2.06 2.43 -5.93
C ALA A 401 0.92 2.54 -4.93
N ILE A 402 -0.30 2.35 -5.43
CA ILE A 402 -1.51 2.46 -4.60
C ILE A 402 -1.62 1.26 -3.67
N SER A 403 -2.00 1.52 -2.43
CA SER A 403 -2.15 0.45 -1.43
C SER A 403 -3.24 -0.51 -1.85
N GLU A 404 -3.22 -1.69 -1.25
CA GLU A 404 -4.27 -2.69 -1.48
C GLU A 404 -5.49 -2.37 -0.64
N ALA A 405 -5.40 -1.30 0.15
CA ALA A 405 -6.49 -0.88 1.02
C ALA A 405 -7.44 0.08 0.32
N VAL A 406 -7.02 0.62 -0.82
CA VAL A 406 -7.86 1.52 -1.60
C VAL A 406 -8.36 0.84 -2.86
N LYS A 407 -7.44 0.21 -3.59
CA LYS A 407 -7.73 -0.35 -4.90
C LYS A 407 -7.46 -1.86 -4.89
N GLN A 408 -8.05 -2.59 -5.84
CA GLN A 408 -7.66 -3.97 -6.07
C GLN A 408 -6.47 -4.03 -7.03
N PRO A 409 -5.41 -4.74 -6.61
CA PRO A 409 -4.19 -4.94 -7.40
C PRO A 409 -4.49 -5.53 -8.77
N MET A 410 -3.64 -5.23 -9.76
CA MET A 410 -3.77 -5.82 -11.08
C MET A 410 -3.84 -7.34 -10.93
N LEU A 411 -2.85 -7.89 -10.23
CA LEU A 411 -2.90 -9.29 -9.83
C LEU A 411 -2.72 -9.38 -8.32
N LEU A 412 -3.77 -9.75 -7.61
CA LEU A 412 -3.67 -9.81 -6.16
C LEU A 412 -2.81 -11.01 -5.76
N ASP A 413 -2.16 -10.90 -4.61
CA ASP A 413 -1.24 -11.93 -4.14
C ASP A 413 -1.94 -13.29 -4.03
N ASN A 414 -1.37 -14.28 -4.72
CA ASN A 414 -2.00 -15.59 -4.80
C ASN A 414 -1.02 -16.75 -4.67
N LYS A 415 -1.57 -17.89 -4.27
CA LYS A 415 -0.79 -19.10 -4.06
C LYS A 415 -1.33 -20.19 -4.99
N VAL A 416 -0.53 -20.60 -5.97
CA VAL A 416 -0.91 -21.67 -6.89
C VAL A 416 -0.08 -22.93 -6.73
N GLN A 417 -0.73 -24.07 -6.54
CA GLN A 417 0.03 -25.31 -6.40
C GLN A 417 -0.32 -26.31 -7.53
N HIS A 418 0.69 -26.94 -8.13
CA HIS A 418 0.55 -27.90 -9.23
C HIS A 418 1.12 -29.24 -8.85
N TYR A 419 0.25 -30.24 -8.74
CA TYR A 419 0.67 -31.61 -8.48
C TYR A 419 0.58 -32.44 -9.74
N SER A 420 1.72 -32.86 -10.30
CA SER A 420 1.68 -33.40 -11.65
C SER A 420 2.30 -34.79 -11.72
N PHE A 421 1.57 -35.72 -12.35
CA PHE A 421 2.05 -37.08 -12.63
C PHE A 421 2.07 -37.23 -14.15
N PHE A 422 3.18 -37.71 -14.69
CA PHE A 422 3.37 -37.76 -16.13
C PHE A 422 4.25 -38.92 -16.53
N GLY A 423 4.37 -39.14 -17.83
CA GLY A 423 5.21 -40.21 -18.33
C GLY A 423 4.99 -40.49 -19.80
N VAL A 424 5.97 -41.14 -20.42
CA VAL A 424 5.88 -41.50 -21.82
C VAL A 424 6.24 -42.98 -21.95
N GLU A 425 5.62 -43.65 -22.92
CA GLU A 425 5.91 -45.04 -23.16
C GLU A 425 6.09 -45.25 -24.64
N GLN A 426 7.18 -45.89 -25.06
CA GLN A 426 7.37 -46.11 -26.48
C GLN A 426 7.60 -47.62 -26.81
N ALA A 427 6.95 -48.12 -27.86
CA ALA A 427 7.14 -49.50 -28.29
C ALA A 427 7.88 -49.49 -29.62
N ASN A 428 8.80 -50.43 -29.82
CA ASN A 428 9.58 -50.38 -31.04
C ASN A 428 9.40 -51.64 -31.89
N TRP A 429 8.65 -51.58 -32.98
CA TRP A 429 8.56 -52.72 -33.92
C TRP A 429 9.44 -52.51 -35.15
N ASP A 430 10.76 -52.58 -34.97
CA ASP A 430 11.77 -52.36 -36.02
C ASP A 430 11.74 -50.95 -36.63
N ASN A 431 11.32 -50.85 -37.89
CA ASN A 431 11.32 -49.56 -38.59
C ASN A 431 10.11 -48.66 -38.30
N PHE A 432 9.40 -48.96 -37.22
CA PHE A 432 8.30 -48.14 -36.75
C PHE A 432 8.26 -48.01 -35.23
N THR A 433 8.24 -46.76 -34.75
CA THR A 433 8.17 -46.48 -33.33
C THR A 433 6.80 -45.91 -32.96
N LEU A 434 6.27 -46.33 -31.81
CA LEU A 434 5.04 -45.75 -31.28
C LEU A 434 5.15 -45.28 -29.82
N GLU A 435 5.10 -43.97 -29.58
CA GLU A 435 5.20 -43.48 -28.20
C GLU A 435 3.94 -42.75 -27.77
N GLY A 436 3.46 -43.07 -26.58
CA GLY A 436 2.28 -42.41 -26.06
C GLY A 436 2.72 -41.64 -24.83
N GLY A 437 1.95 -40.63 -24.46
CA GLY A 437 2.28 -39.77 -23.34
C GLY A 437 1.04 -39.37 -22.57
N VAL A 438 1.21 -39.10 -21.29
CA VAL A 438 0.11 -38.65 -20.45
C VAL A 438 0.59 -37.61 -19.43
N ARG A 439 -0.33 -36.77 -18.99
CA ARG A 439 -0.09 -35.87 -17.88
C ARG A 439 -1.42 -35.57 -17.20
N VAL A 440 -1.39 -35.71 -15.88
CA VAL A 440 -2.50 -35.35 -15.01
C VAL A 440 -2.04 -34.43 -13.87
N GLU A 441 -2.35 -33.14 -13.97
CA GLU A 441 -2.05 -32.24 -12.85
C GLU A 441 -3.24 -31.57 -12.16
N LYS A 442 -3.24 -31.65 -10.83
CA LYS A 442 -4.22 -30.99 -9.97
C LYS A 442 -3.69 -29.65 -9.45
N GLN A 443 -4.57 -28.66 -9.37
CA GLN A 443 -4.21 -27.36 -8.82
C GLN A 443 -5.03 -26.96 -7.59
N LYS A 444 -4.35 -26.42 -6.58
CA LYS A 444 -5.02 -25.71 -5.49
C LYS A 444 -4.65 -24.23 -5.63
N ALA A 445 -5.56 -23.33 -5.24
CA ALA A 445 -5.34 -21.91 -5.49
C ALA A 445 -5.71 -21.02 -4.29
N SER A 446 -4.91 -21.09 -3.22
CA SER A 446 -5.09 -20.20 -2.09
C SER A 446 -4.81 -18.76 -2.54
N ILE A 447 -5.37 -17.79 -1.82
CA ILE A 447 -5.21 -16.38 -2.21
C ILE A 447 -4.53 -15.55 -1.12
N ARG A 471 -11.39 -26.37 -7.62
CA ARG A 471 -10.24 -27.25 -7.62
C ARG A 471 -10.34 -28.22 -8.77
N GLN A 472 -9.58 -27.96 -9.82
CA GLN A 472 -9.69 -28.75 -11.01
C GLN A 472 -8.50 -29.63 -11.27
N THR A 473 -8.57 -30.30 -12.39
CA THR A 473 -7.57 -31.23 -12.88
C THR A 473 -7.46 -31.13 -14.40
N ALA A 474 -6.23 -31.13 -14.90
CA ALA A 474 -6.00 -31.17 -16.34
C ALA A 474 -5.50 -32.55 -16.74
N ARG A 475 -6.16 -33.14 -17.72
CA ARG A 475 -5.71 -34.40 -18.26
C ARG A 475 -5.30 -34.19 -19.69
N SER A 476 -4.05 -34.45 -20.00
CA SER A 476 -3.58 -34.26 -21.36
C SER A 476 -2.96 -35.56 -21.83
N PHE A 477 -3.17 -35.94 -23.09
CA PHE A 477 -2.56 -37.17 -23.59
C PHE A 477 -2.02 -36.91 -24.97
N ALA A 478 -1.05 -37.70 -25.39
CA ALA A 478 -0.51 -37.56 -26.73
C ALA A 478 -0.10 -38.95 -27.20
N LEU A 479 -0.23 -39.19 -28.50
CA LEU A 479 0.13 -40.47 -29.10
C LEU A 479 0.78 -40.14 -30.43
N SER A 480 1.87 -40.82 -30.76
CA SER A 480 2.66 -40.49 -31.95
C SER A 480 3.35 -41.68 -32.59
N GLY A 481 3.36 -41.71 -33.92
CA GLY A 481 3.97 -42.78 -34.67
C GLY A 481 5.03 -42.33 -35.68
N ASN A 482 6.13 -43.07 -35.77
CA ASN A 482 7.15 -42.70 -36.75
C ASN A 482 7.46 -43.86 -37.68
N TRP A 483 7.34 -43.64 -38.99
CA TRP A 483 7.64 -44.69 -39.96
C TRP A 483 8.85 -44.32 -40.81
N TYR A 484 9.93 -45.03 -40.52
CA TYR A 484 11.18 -44.99 -41.25
C TYR A 484 11.12 -45.92 -42.45
N PHE A 485 11.07 -45.40 -43.67
CA PHE A 485 11.18 -46.30 -44.82
C PHE A 485 12.64 -46.68 -44.87
N THR A 486 13.47 -45.66 -44.65
CA THR A 486 14.91 -45.80 -44.64
C THR A 486 15.50 -44.69 -43.79
N PRO A 487 15.82 -44.98 -42.51
CA PRO A 487 16.37 -43.88 -41.70
C PRO A 487 17.67 -43.36 -42.31
N GLN A 488 17.75 -42.06 -42.56
CA GLN A 488 16.70 -41.11 -42.18
C GLN A 488 15.69 -40.64 -43.21
N HIS A 489 14.48 -41.19 -43.14
CA HIS A 489 13.40 -40.88 -44.07
C HIS A 489 12.27 -41.05 -43.10
N LYS A 490 11.75 -39.90 -42.69
CA LYS A 490 10.89 -39.86 -41.54
C LYS A 490 9.48 -39.45 -41.85
N LEU A 491 8.52 -40.20 -41.37
CA LEU A 491 7.17 -39.73 -41.50
C LEU A 491 6.57 -39.81 -40.10
N SER A 492 6.18 -38.65 -39.57
CA SER A 492 5.63 -38.63 -38.24
C SER A 492 4.16 -38.28 -38.34
N LEU A 493 3.36 -38.94 -37.51
CA LEU A 493 2.00 -38.56 -37.27
C LEU A 493 1.84 -38.44 -35.77
N THR A 494 1.39 -37.28 -35.33
CA THR A 494 1.33 -37.02 -33.91
C THR A 494 -0.05 -36.49 -33.55
N ALA A 495 -0.63 -37.01 -32.47
CA ALA A 495 -1.92 -36.47 -32.06
C ALA A 495 -1.89 -36.26 -30.56
N SER A 496 -2.69 -35.30 -30.10
CA SER A 496 -2.73 -34.99 -28.69
C SER A 496 -3.99 -34.28 -28.26
N HIS A 497 -4.38 -34.53 -27.03
CA HIS A 497 -5.40 -33.75 -26.37
C HIS A 497 -4.89 -33.09 -25.14
N GLN A 498 -4.88 -31.75 -25.12
CA GLN A 498 -4.25 -31.17 -23.97
C GLN A 498 -5.23 -30.24 -23.31
N GLU A 499 -5.18 -30.22 -21.99
CA GLU A 499 -5.97 -29.32 -21.18
C GLU A 499 -5.10 -28.34 -20.42
N ARG A 500 -5.33 -27.05 -20.60
CA ARG A 500 -4.62 -26.03 -19.84
C ARG A 500 -5.52 -25.43 -18.75
N LEU A 501 -5.18 -25.56 -17.47
CA LEU A 501 -5.98 -24.84 -16.47
C LEU A 501 -5.73 -23.33 -16.56
N PRO A 502 -6.78 -22.51 -16.41
CA PRO A 502 -6.67 -21.04 -16.46
C PRO A 502 -5.69 -20.49 -15.44
N SER A 503 -4.96 -19.44 -15.79
CA SER A 503 -4.02 -18.83 -14.85
C SER A 503 -4.75 -17.88 -13.91
N THR A 504 -4.12 -17.55 -12.79
CA THR A 504 -4.73 -16.61 -11.84
C THR A 504 -4.91 -15.24 -12.47
N GLN A 505 -3.97 -14.86 -13.34
CA GLN A 505 -4.10 -13.62 -14.11
C GLN A 505 -5.40 -13.64 -14.88
N GLU A 506 -5.68 -14.77 -15.54
CA GLU A 506 -6.85 -14.90 -16.40
C GLU A 506 -8.19 -14.82 -15.68
N LEU A 507 -8.27 -15.30 -14.44
CA LEU A 507 -9.54 -15.20 -13.72
C LEU A 507 -9.59 -14.09 -12.65
N TYR A 508 -8.46 -13.47 -12.36
CA TYR A 508 -8.43 -12.49 -11.28
C TYR A 508 -7.82 -11.13 -11.62
N ALA A 509 -7.30 -10.96 -12.84
CA ALA A 509 -6.65 -9.69 -13.20
C ALA A 509 -7.60 -8.50 -13.06
N HIS A 510 -7.06 -7.36 -12.64
CA HIS A 510 -7.88 -6.19 -12.37
C HIS A 510 -7.06 -4.91 -12.17
N GLY A 511 -6.32 -4.50 -13.19
CA GLY A 511 -5.51 -3.30 -13.02
C GLY A 511 -4.65 -2.87 -14.19
N LYS A 512 -4.32 -1.59 -14.20
CA LYS A 512 -3.52 -1.00 -15.26
C LYS A 512 -2.10 -1.58 -15.29
N HIS A 513 -1.76 -2.24 -16.38
CA HIS A 513 -0.37 -2.60 -16.65
C HIS A 513 0.23 -1.45 -17.46
N VAL A 514 1.19 -0.73 -16.88
CA VAL A 514 1.67 0.50 -17.52
C VAL A 514 2.32 0.28 -18.88
N ALA A 515 3.34 -0.57 -18.94
CA ALA A 515 4.10 -0.81 -20.17
C ALA A 515 3.20 -1.00 -21.39
N THR A 516 2.10 -1.73 -21.17
CA THR A 516 1.18 -2.10 -22.23
C THR A 516 0.08 -1.03 -22.33
N ASN A 517 0.00 -0.17 -21.32
CA ASN A 517 -1.07 0.83 -21.24
C ASN A 517 -2.44 0.19 -21.42
N THR A 518 -2.64 -0.96 -20.76
CA THR A 518 -3.89 -1.68 -20.84
C THR A 518 -4.44 -1.98 -19.46
N PHE A 519 -5.73 -1.82 -19.29
CA PHE A 519 -6.40 -2.30 -18.09
C PHE A 519 -6.80 -3.76 -18.34
N GLU A 520 -6.53 -4.62 -17.36
CA GLU A 520 -6.84 -6.04 -17.50
C GLU A 520 -7.96 -6.44 -16.57
N VAL A 521 -8.89 -7.25 -17.07
CA VAL A 521 -9.97 -7.79 -16.25
C VAL A 521 -10.05 -9.31 -16.41
N GLY A 522 -10.23 -10.02 -15.30
CA GLY A 522 -10.35 -11.47 -15.35
C GLY A 522 -11.78 -11.96 -15.51
N ASN A 523 -11.94 -13.29 -15.53
CA ASN A 523 -13.25 -13.90 -15.63
C ASN A 523 -13.41 -14.95 -14.54
N LYS A 524 -14.35 -14.73 -13.61
CA LYS A 524 -14.58 -15.68 -12.53
C LYS A 524 -14.97 -17.07 -13.04
N HIS A 525 -15.49 -17.14 -14.27
CA HIS A 525 -15.91 -18.42 -14.85
C HIS A 525 -15.33 -18.71 -16.23
N LEU A 526 -14.08 -19.17 -16.26
CA LEU A 526 -13.49 -19.76 -17.45
C LEU A 526 -13.44 -21.26 -17.26
N ASN A 527 -13.54 -22.01 -18.35
CA ASN A 527 -13.36 -23.46 -18.33
C ASN A 527 -12.03 -23.74 -19.03
N LYS A 528 -11.35 -24.82 -18.65
CA LYS A 528 -9.99 -25.08 -19.12
C LYS A 528 -9.82 -24.94 -20.63
N GLU A 529 -8.59 -24.74 -21.08
CA GLU A 529 -8.38 -24.68 -22.50
C GLU A 529 -8.24 -26.12 -22.92
N ARG A 530 -9.16 -26.59 -23.75
CA ARG A 530 -9.07 -27.96 -24.25
C ARG A 530 -8.63 -27.85 -25.70
N SER A 531 -7.80 -28.78 -26.14
CA SER A 531 -7.27 -28.68 -27.49
C SER A 531 -7.14 -30.04 -28.11
N ASN A 532 -7.48 -30.15 -29.38
CA ASN A 532 -7.27 -31.39 -30.09
C ASN A 532 -6.38 -31.11 -31.28
N ASN A 533 -5.21 -31.71 -31.24
CA ASN A 533 -4.11 -31.39 -32.12
C ASN A 533 -3.57 -32.55 -32.93
N ILE A 534 -3.42 -32.29 -34.21
CA ILE A 534 -2.87 -33.24 -35.15
C ILE A 534 -1.78 -32.61 -36.02
N GLU A 535 -0.70 -33.33 -36.29
CA GLU A 535 0.38 -32.78 -37.11
C GLU A 535 1.16 -33.85 -37.85
N LEU A 536 1.44 -33.64 -39.14
CA LEU A 536 2.28 -34.61 -39.84
C LEU A 536 3.55 -33.97 -40.37
N ALA A 537 4.68 -34.60 -40.07
CA ALA A 537 6.00 -34.09 -40.47
C ALA A 537 6.76 -35.12 -41.27
N LEU A 538 7.55 -34.64 -42.22
CA LEU A 538 8.30 -35.49 -43.12
C LEU A 538 9.71 -34.96 -43.22
N GLY A 539 10.69 -35.84 -43.09
CA GLY A 539 12.05 -35.37 -43.16
C GLY A 539 13.03 -36.26 -43.86
N TYR A 540 13.89 -35.66 -44.66
CA TYR A 540 14.93 -36.37 -45.35
C TYR A 540 16.19 -35.52 -45.31
N GLU A 541 17.32 -36.20 -45.10
CA GLU A 541 18.63 -35.57 -45.19
C GLU A 541 19.64 -36.57 -45.73
N GLY A 542 19.94 -36.48 -47.03
CA GLY A 542 20.73 -37.50 -47.67
C GLY A 542 21.75 -37.02 -48.67
N ASP A 543 22.73 -36.26 -48.18
CA ASP A 543 23.89 -35.84 -48.96
C ASP A 543 23.58 -34.90 -50.12
N ARG A 544 22.58 -35.24 -50.90
CA ARG A 544 22.24 -34.40 -52.02
C ARG A 544 21.07 -33.51 -51.60
N TRP A 545 19.96 -34.14 -51.23
CA TRP A 545 18.77 -33.42 -50.78
C TRP A 545 18.60 -33.48 -49.28
N GLN A 546 18.13 -32.36 -48.76
CA GLN A 546 17.79 -32.25 -47.37
C GLN A 546 16.51 -31.45 -47.33
N TYR A 547 15.54 -31.93 -46.57
CA TYR A 547 14.29 -31.20 -46.37
C TYR A 547 13.57 -31.52 -45.08
N ASN A 548 12.75 -30.59 -44.62
CA ASN A 548 11.93 -30.77 -43.43
C ASN A 548 10.58 -30.12 -43.62
N LEU A 549 9.50 -30.87 -43.56
CA LEU A 549 8.15 -30.33 -43.77
C LEU A 549 7.21 -30.67 -42.62
N ALA A 550 6.30 -29.77 -42.30
CA ALA A 550 5.34 -30.05 -41.23
C ALA A 550 4.00 -29.41 -41.58
N LEU A 551 2.91 -30.12 -41.30
CA LEU A 551 1.56 -29.60 -41.53
C LEU A 551 0.76 -29.76 -40.25
N TYR A 552 0.14 -28.68 -39.77
CA TYR A 552 -0.56 -28.78 -38.50
C TYR A 552 -1.90 -28.07 -38.40
N ARG A 553 -2.70 -28.62 -37.49
CA ARG A 553 -4.01 -28.15 -36.98
C ARG A 553 -4.18 -28.43 -35.54
N ASN A 554 -4.69 -27.36 -34.94
CA ASN A 554 -4.93 -27.24 -33.53
C ASN A 554 -6.38 -26.77 -33.37
N ARG A 555 -7.19 -27.63 -32.75
CA ARG A 555 -8.62 -27.41 -32.62
C ARG A 555 -8.95 -27.13 -31.16
N PHE A 556 -9.35 -25.91 -30.86
CA PHE A 556 -9.67 -25.56 -29.49
C PHE A 556 -11.16 -25.53 -29.31
N GLY A 557 -11.66 -26.31 -28.36
CA GLY A 557 -13.06 -26.25 -27.98
C GLY A 557 -13.20 -25.04 -27.08
N ASN A 558 -12.12 -24.78 -26.36
CA ASN A 558 -11.98 -23.59 -25.54
C ASN A 558 -10.60 -22.98 -25.76
N TYR A 559 -10.59 -21.72 -26.17
CA TYR A 559 -9.37 -20.96 -26.36
C TYR A 559 -9.56 -19.66 -25.58
N ILE A 560 -8.80 -19.52 -24.50
CA ILE A 560 -8.90 -18.33 -23.65
C ILE A 560 -8.07 -17.19 -24.25
N TYR A 561 -8.67 -16.02 -24.42
CA TYR A 561 -7.94 -14.92 -25.01
C TYR A 561 -8.30 -13.56 -24.38
N ALA A 562 -7.36 -12.62 -24.51
CA ALA A 562 -7.56 -11.25 -24.03
C ALA A 562 -8.39 -10.48 -25.03
N GLN A 563 -9.68 -10.35 -24.74
CA GLN A 563 -10.63 -9.73 -25.65
C GLN A 563 -10.67 -8.24 -25.46
N THR A 564 -10.17 -7.50 -26.46
CA THR A 564 -10.23 -6.04 -26.43
C THR A 564 -11.69 -5.59 -26.37
N LEU A 565 -11.94 -4.39 -25.86
CA LEU A 565 -13.29 -4.01 -25.50
C LEU A 565 -13.86 -2.73 -26.09
N ASN A 566 -15.10 -2.46 -25.69
CA ASN A 566 -15.84 -1.27 -26.04
C ASN A 566 -14.98 -0.02 -25.97
N ASP A 567 -15.19 0.89 -26.91
CA ASP A 567 -14.42 2.13 -27.03
C ASP A 567 -14.09 2.80 -25.71
N SER A 578 -4.55 6.77 -29.28
CA SER A 578 -3.51 6.32 -28.37
C SER A 578 -3.88 6.60 -26.93
N GLU A 579 -5.02 6.03 -26.52
CA GLU A 579 -5.53 6.14 -25.17
C GLU A 579 -5.03 4.93 -24.46
N MET A 580 -5.84 4.36 -23.59
CA MET A 580 -5.50 3.07 -23.01
C MET A 580 -6.47 1.92 -23.30
N LYS A 581 -5.94 0.84 -23.85
CA LYS A 581 -6.72 -0.35 -24.18
C LYS A 581 -7.45 -0.86 -22.95
N LEU A 582 -8.49 -1.65 -23.17
CA LEU A 582 -9.12 -2.43 -22.11
C LEU A 582 -9.38 -3.84 -22.60
N VAL A 583 -8.81 -4.83 -21.92
CA VAL A 583 -9.08 -6.22 -22.27
C VAL A 583 -9.82 -6.99 -21.18
N ARG A 584 -10.79 -7.78 -21.64
CA ARG A 584 -11.46 -8.77 -20.79
C ARG A 584 -10.96 -10.13 -21.22
N TYR A 585 -11.01 -11.10 -20.30
CA TYR A 585 -10.64 -12.47 -20.63
C TYR A 585 -11.85 -13.29 -21.06
N ASN A 586 -11.71 -13.98 -22.19
CA ASN A 586 -12.86 -14.59 -22.83
C ASN A 586 -12.63 -16.02 -23.32
N GLN A 587 -13.70 -16.64 -23.78
CA GLN A 587 -13.64 -18.01 -24.26
C GLN A 587 -14.35 -18.10 -25.59
N SER A 588 -13.80 -18.90 -26.49
CA SER A 588 -14.54 -19.31 -27.67
C SER A 588 -13.93 -20.62 -28.16
N GLY A 589 -13.91 -20.81 -29.48
CA GLY A 589 -13.21 -21.92 -30.06
C GLY A 589 -12.23 -21.34 -31.03
N ALA A 590 -11.30 -22.15 -31.50
CA ALA A 590 -10.29 -21.67 -32.41
C ALA A 590 -9.78 -22.77 -33.29
N ASP A 591 -9.27 -22.38 -34.45
CA ASP A 591 -8.84 -23.36 -35.42
C ASP A 591 -7.56 -22.77 -35.97
N PHE A 592 -6.46 -23.42 -35.62
CA PHE A 592 -5.16 -23.01 -36.12
C PHE A 592 -4.66 -24.09 -37.03
N TYR A 593 -4.19 -23.66 -38.19
CA TYR A 593 -3.53 -24.59 -39.07
C TYR A 593 -2.41 -23.89 -39.76
N GLY A 594 -1.45 -24.66 -40.24
CA GLY A 594 -0.35 -24.05 -40.95
C GLY A 594 0.63 -25.07 -41.42
N ALA A 595 1.67 -24.56 -42.07
CA ALA A 595 2.75 -25.37 -42.55
C ALA A 595 4.07 -24.62 -42.30
N GLU A 596 5.15 -25.39 -42.25
CA GLU A 596 6.46 -24.81 -42.16
C GLU A 596 7.43 -25.81 -42.75
N GLY A 597 8.55 -25.34 -43.26
CA GLY A 597 9.53 -26.23 -43.84
C GLY A 597 10.81 -25.60 -44.32
N GLU A 598 11.82 -26.44 -44.54
CA GLU A 598 13.09 -25.99 -45.10
C GLU A 598 13.60 -27.10 -46.00
N ILE A 599 14.30 -26.74 -47.06
CA ILE A 599 14.86 -27.76 -47.94
C ILE A 599 16.20 -27.29 -48.50
N TYR A 600 17.22 -28.12 -48.33
CA TYR A 600 18.57 -27.78 -48.74
C TYR A 600 19.16 -28.80 -49.71
N PHE A 601 19.68 -28.32 -50.84
CA PHE A 601 20.37 -29.17 -51.80
C PHE A 601 21.83 -28.73 -51.88
N LYS A 602 22.77 -29.66 -51.63
CA LYS A 602 24.19 -29.35 -51.71
C LYS A 602 24.83 -29.94 -52.96
N PRO A 603 25.18 -29.09 -53.93
CA PRO A 603 25.80 -29.52 -55.18
C PRO A 603 27.14 -30.21 -54.92
N THR A 604 27.90 -29.65 -53.98
CA THR A 604 29.20 -30.16 -53.59
C THR A 604 29.02 -30.39 -52.09
N PRO A 605 29.92 -31.13 -51.44
CA PRO A 605 29.84 -31.10 -49.97
C PRO A 605 30.31 -29.74 -49.44
N ARG A 606 30.95 -28.99 -50.34
CA ARG A 606 31.37 -27.60 -50.12
C ARG A 606 30.33 -26.49 -50.02
N TYR A 607 29.30 -26.50 -50.86
CA TYR A 607 28.38 -25.38 -50.92
C TYR A 607 26.98 -25.87 -50.51
N ARG A 608 26.14 -25.04 -49.91
CA ARG A 608 24.76 -25.47 -49.69
C ARG A 608 23.74 -24.34 -49.95
N ILE A 609 22.77 -24.62 -50.82
CA ILE A 609 21.67 -23.69 -51.08
C ILE A 609 20.36 -24.23 -50.52
N GLY A 610 19.48 -23.32 -50.11
CA GLY A 610 18.24 -23.71 -49.46
C GLY A 610 17.11 -22.72 -49.56
N VAL A 611 15.88 -23.23 -49.46
CA VAL A 611 14.71 -22.39 -49.37
C VAL A 611 13.91 -22.84 -48.17
N SER A 612 13.43 -21.86 -47.41
CA SER A 612 12.60 -22.13 -46.25
C SER A 612 11.36 -21.25 -46.31
N GLY A 613 10.36 -21.59 -45.51
CA GLY A 613 9.14 -20.84 -45.48
C GLY A 613 8.21 -21.31 -44.39
N ASP A 614 7.23 -20.47 -44.03
CA ASP A 614 6.21 -20.89 -43.06
C ASP A 614 4.96 -20.04 -43.27
N TYR A 615 3.86 -20.49 -42.68
CA TYR A 615 2.55 -19.88 -42.88
C TYR A 615 1.66 -20.44 -41.80
N VAL A 616 0.82 -19.59 -41.24
CA VAL A 616 -0.09 -20.01 -40.19
C VAL A 616 -1.38 -19.20 -40.22
N ARG A 617 -2.49 -19.90 -40.07
CA ARG A 617 -3.80 -19.28 -40.02
C ARG A 617 -4.43 -19.52 -38.66
N GLY A 618 -5.03 -18.47 -38.13
CA GLY A 618 -5.66 -18.55 -36.83
C GLY A 618 -7.03 -17.91 -36.86
N ARG A 619 -8.03 -18.67 -36.42
CA ARG A 619 -9.43 -18.23 -36.51
C ARG A 619 -10.12 -18.46 -35.17
N LEU A 620 -10.93 -17.49 -34.74
CA LEU A 620 -11.83 -17.71 -33.62
C LEU A 620 -13.18 -18.21 -34.16
N LYS A 621 -13.63 -19.35 -33.67
CA LYS A 621 -14.88 -19.95 -34.13
C LYS A 621 -15.90 -20.11 -33.00
N ASN A 622 -17.16 -19.91 -33.32
CA ASN A 622 -18.25 -20.08 -32.36
C ASN A 622 -18.09 -19.21 -31.10
N LEU A 623 -18.48 -17.95 -31.24
CA LEU A 623 -18.40 -16.98 -30.15
C LEU A 623 -19.77 -16.87 -29.47
N PRO A 624 -19.76 -16.71 -28.15
CA PRO A 624 -20.97 -16.33 -27.42
C PRO A 624 -21.55 -15.00 -27.92
N ASP A 642 -19.80 -12.92 -37.08
CA ASP A 642 -19.12 -13.89 -36.22
C ASP A 642 -17.94 -14.54 -36.93
N ASP A 643 -17.27 -15.44 -36.23
CA ASP A 643 -16.06 -16.10 -36.75
C ASP A 643 -15.04 -15.08 -37.20
N GLN A 644 -14.35 -14.51 -36.23
CA GLN A 644 -13.29 -13.54 -36.48
C GLN A 644 -11.90 -14.17 -36.45
N ASN A 645 -10.88 -13.41 -36.79
CA ASN A 645 -9.50 -13.91 -36.73
C ASN A 645 -8.91 -13.92 -35.31
N ALA A 646 -7.92 -14.78 -35.09
CA ALA A 646 -7.24 -14.89 -33.82
C ALA A 646 -6.16 -13.80 -33.69
N PRO A 647 -5.93 -13.32 -32.46
CA PRO A 647 -5.06 -12.15 -32.28
C PRO A 647 -3.57 -12.43 -32.44
N ARG A 648 -2.88 -11.41 -32.93
CA ARG A 648 -1.44 -11.39 -33.16
C ARG A 648 -0.86 -12.62 -33.82
N VAL A 649 -1.57 -13.14 -34.80
CA VAL A 649 -1.03 -14.18 -35.66
C VAL A 649 0.05 -13.62 -36.57
N PRO A 650 1.20 -14.32 -36.65
CA PRO A 650 2.33 -14.04 -37.55
C PRO A 650 1.91 -13.84 -39.00
N ALA A 651 2.90 -13.58 -39.85
CA ALA A 651 2.69 -13.47 -41.27
C ALA A 651 3.50 -14.52 -41.97
N ALA A 652 3.12 -14.87 -43.19
CA ALA A 652 3.86 -15.85 -43.95
C ALA A 652 5.26 -15.32 -44.22
N ARG A 653 6.20 -16.23 -44.40
CA ARG A 653 7.57 -15.85 -44.63
C ARG A 653 8.17 -16.88 -45.57
N LEU A 654 8.88 -16.42 -46.59
CA LEU A 654 9.61 -17.34 -47.45
C LEU A 654 11.06 -16.99 -47.22
N GLY A 655 11.92 -17.99 -47.20
CA GLY A 655 13.33 -17.74 -46.96
C GLY A 655 14.20 -18.31 -48.04
N PHE A 656 15.22 -17.53 -48.39
CA PHE A 656 16.23 -18.00 -49.30
C PHE A 656 17.52 -17.94 -48.47
N HIS A 657 18.30 -19.01 -48.62
CA HIS A 657 19.46 -19.34 -47.84
C HIS A 657 20.68 -19.76 -48.67
N LEU A 658 21.85 -19.25 -48.29
CA LEU A 658 23.10 -19.61 -48.94
C LEU A 658 24.13 -19.77 -47.86
N LYS A 659 25.01 -20.73 -48.00
CA LYS A 659 26.02 -20.87 -46.97
C LYS A 659 27.15 -21.64 -47.67
N ALA A 660 28.40 -21.24 -47.45
CA ALA A 660 29.52 -21.88 -48.14
C ALA A 660 30.88 -21.66 -47.48
N SER A 661 31.59 -22.75 -47.22
CA SER A 661 32.96 -22.67 -46.73
C SER A 661 34.03 -22.58 -47.81
N LEU A 662 34.96 -21.64 -47.66
CA LEU A 662 36.13 -21.54 -48.55
C LEU A 662 37.33 -20.84 -47.88
N THR A 663 38.16 -21.62 -47.18
CA THR A 663 37.96 -23.04 -46.94
C THR A 663 38.53 -23.41 -45.58
N ASP A 664 38.09 -24.54 -45.02
CA ASP A 664 38.65 -25.11 -43.78
C ASP A 664 38.46 -24.27 -42.52
N ARG A 665 38.39 -22.96 -42.68
CA ARG A 665 38.27 -22.05 -41.55
C ARG A 665 37.17 -21.02 -41.83
N ILE A 666 37.24 -20.39 -43.01
CA ILE A 666 36.31 -19.32 -43.42
C ILE A 666 34.96 -19.81 -43.99
N ASP A 667 33.86 -19.23 -43.49
CA ASP A 667 32.50 -19.66 -43.85
C ASP A 667 31.49 -18.51 -44.08
N ALA A 668 31.47 -17.93 -45.28
CA ALA A 668 30.48 -16.88 -45.59
C ALA A 668 29.05 -17.42 -45.71
N ASN A 669 28.06 -16.58 -45.44
CA ASN A 669 26.65 -16.97 -45.61
C ASN A 669 25.69 -15.82 -45.87
N LEU A 670 24.64 -16.10 -46.63
CA LEU A 670 23.64 -15.10 -47.02
C LEU A 670 22.24 -15.63 -46.71
N ASP A 671 21.40 -14.77 -46.13
CA ASP A 671 20.04 -15.17 -45.82
C ASP A 671 19.06 -14.08 -46.28
N TYR A 672 18.17 -14.42 -47.20
CA TYR A 672 17.15 -13.47 -47.65
C TYR A 672 15.73 -13.92 -47.36
N TYR A 673 15.11 -13.25 -46.41
CA TYR A 673 13.72 -13.53 -46.05
C TYR A 673 12.72 -12.58 -46.72
N ARG A 674 11.67 -13.13 -47.31
CA ARG A 674 10.55 -12.33 -47.80
C ARG A 674 9.44 -12.44 -46.79
N VAL A 675 9.27 -11.40 -46.00
CA VAL A 675 8.17 -11.38 -45.05
C VAL A 675 6.98 -10.66 -45.66
N PHE A 676 5.92 -11.43 -45.92
CA PHE A 676 4.71 -10.87 -46.53
C PHE A 676 3.91 -10.06 -45.52
N ALA A 677 2.93 -9.32 -46.02
CA ALA A 677 2.07 -8.53 -45.16
C ALA A 677 1.08 -9.40 -44.42
N GLN A 678 0.39 -8.83 -43.44
CA GLN A 678 -0.73 -9.52 -42.83
C GLN A 678 -2.06 -8.76 -42.93
N ASN A 679 -2.99 -9.32 -43.71
CA ASN A 679 -4.28 -8.69 -43.94
C ASN A 679 -5.42 -9.45 -43.31
N LYS A 680 -5.13 -10.63 -42.78
CA LYS A 680 -6.11 -11.37 -42.00
C LYS A 680 -5.89 -10.93 -40.57
N LEU A 681 -6.66 -9.95 -40.10
CA LEU A 681 -6.42 -9.37 -38.80
C LEU A 681 -7.58 -9.54 -37.83
N ALA A 682 -7.25 -9.51 -36.54
CA ALA A 682 -8.26 -9.67 -35.49
C ALA A 682 -9.06 -8.40 -35.26
N ARG A 683 -9.80 -8.41 -34.14
CA ARG A 683 -10.88 -7.46 -33.87
C ARG A 683 -10.54 -5.97 -34.04
N TYR A 684 -9.43 -5.51 -33.46
CA TYR A 684 -9.05 -4.10 -33.58
C TYR A 684 -7.64 -3.96 -34.16
N GLU A 685 -7.14 -5.05 -34.75
CA GLU A 685 -5.80 -5.03 -35.29
C GLU A 685 -5.73 -4.21 -36.57
N THR A 686 -4.52 -3.83 -36.96
CA THR A 686 -4.33 -3.08 -38.18
C THR A 686 -3.42 -3.85 -39.13
N ARG A 687 -3.39 -3.45 -40.38
CA ARG A 687 -2.54 -4.09 -41.38
C ARG A 687 -1.07 -3.97 -40.99
N THR A 688 -0.28 -4.95 -41.38
CA THR A 688 1.16 -4.86 -41.19
C THR A 688 1.85 -5.23 -42.48
N PRO A 689 2.71 -4.34 -43.00
CA PRO A 689 3.63 -4.74 -44.07
C PRO A 689 4.67 -5.65 -43.42
N GLY A 690 5.44 -6.44 -44.15
CA GLY A 690 5.59 -6.35 -45.58
C GLY A 690 6.99 -5.84 -45.79
N HIS A 691 7.99 -6.70 -45.59
CA HIS A 691 9.38 -6.27 -45.74
C HIS A 691 10.30 -7.30 -46.36
N HIS A 692 11.49 -6.86 -46.73
CA HIS A 692 12.50 -7.72 -47.32
C HIS A 692 13.73 -7.72 -46.45
N MET A 693 13.99 -8.84 -45.76
CA MET A 693 15.15 -8.93 -44.87
C MET A 693 16.36 -9.58 -45.52
N LEU A 694 17.45 -8.81 -45.64
CA LEU A 694 18.70 -9.34 -46.18
C LEU A 694 19.79 -9.36 -45.13
N ASN A 695 20.29 -10.57 -44.86
CA ASN A 695 21.31 -10.78 -43.85
C ASN A 695 22.54 -11.46 -44.45
N LEU A 696 23.70 -10.90 -44.11
CA LEU A 696 25.02 -11.41 -44.52
C LEU A 696 25.77 -11.89 -43.31
N GLY A 697 26.65 -12.87 -43.53
CA GLY A 697 27.44 -13.45 -42.45
C GLY A 697 28.69 -14.16 -42.92
N ALA A 698 29.67 -14.22 -42.02
CA ALA A 698 30.96 -14.87 -42.25
C ALA A 698 31.53 -15.33 -40.92
N ASN A 699 32.38 -16.37 -40.93
CA ASN A 699 33.01 -16.87 -39.70
C ASN A 699 34.48 -17.29 -39.80
N TYR A 700 35.24 -17.03 -38.74
CA TYR A 700 36.65 -17.36 -38.71
C TYR A 700 36.88 -18.50 -37.72
N ARG A 701 37.41 -19.62 -38.18
CA ARG A 701 37.74 -20.77 -37.34
C ARG A 701 39.25 -20.81 -37.09
N ARG A 702 39.70 -20.94 -35.85
CA ARG A 702 41.16 -20.89 -35.61
C ARG A 702 41.67 -21.62 -34.38
N ASN A 703 42.77 -22.35 -34.62
CA ASN A 703 43.43 -23.21 -33.64
C ASN A 703 44.79 -22.72 -33.15
N THR A 704 44.84 -22.01 -32.03
CA THR A 704 46.12 -21.65 -31.47
C THR A 704 46.33 -22.45 -30.19
N ARG A 705 47.33 -22.06 -29.42
CA ARG A 705 47.50 -22.64 -28.09
C ARG A 705 46.36 -22.14 -27.20
N TYR A 706 46.09 -22.89 -26.13
CA TYR A 706 45.13 -22.47 -25.11
C TYR A 706 43.67 -22.29 -25.56
N GLY A 707 43.40 -22.30 -26.85
CA GLY A 707 42.03 -22.09 -27.29
C GLY A 707 41.72 -22.02 -28.76
N GLU A 708 40.47 -22.34 -29.11
CA GLU A 708 40.00 -22.14 -30.46
C GLU A 708 39.52 -20.71 -30.48
N TRP A 709 39.82 -20.00 -31.57
CA TRP A 709 39.46 -18.61 -31.68
C TRP A 709 38.43 -18.38 -32.75
N ASN A 710 37.17 -18.17 -32.36
CA ASN A 710 36.14 -18.01 -33.35
C ASN A 710 35.70 -16.56 -33.53
N TRP A 711 36.36 -15.89 -34.47
CA TRP A 711 36.02 -14.53 -34.86
C TRP A 711 34.77 -14.62 -35.73
N TYR A 712 33.93 -13.61 -35.68
CA TYR A 712 32.78 -13.54 -36.57
C TYR A 712 32.31 -12.14 -36.97
N VAL A 713 31.72 -12.05 -38.16
CA VAL A 713 31.26 -10.78 -38.70
C VAL A 713 29.89 -10.97 -39.33
N LYS A 714 28.96 -10.10 -38.97
CA LYS A 714 27.58 -10.28 -39.36
C LYS A 714 27.01 -8.94 -39.84
N ALA A 715 26.15 -8.99 -40.86
CA ALA A 715 25.49 -7.79 -41.35
C ALA A 715 24.00 -8.03 -41.54
N ASP A 716 23.19 -7.42 -40.68
CA ASP A 716 21.76 -7.67 -40.70
C ASP A 716 20.96 -6.49 -41.23
N ASN A 717 19.94 -6.79 -42.02
CA ASN A 717 19.06 -5.77 -42.61
C ASN A 717 19.83 -4.77 -43.47
N LEU A 718 20.56 -5.29 -44.45
CA LEU A 718 21.35 -4.46 -45.37
C LEU A 718 20.48 -3.53 -46.20
N LEU A 719 19.28 -3.96 -46.51
CA LEU A 719 18.35 -3.15 -47.31
C LEU A 719 17.79 -1.98 -46.50
N ASN A 720 18.06 -2.01 -45.20
CA ASN A 720 17.59 -0.99 -44.25
C ASN A 720 16.08 -0.80 -44.31
N GLN A 721 15.34 -1.90 -44.21
CA GLN A 721 13.89 -1.83 -44.36
C GLN A 721 13.16 -1.45 -43.09
N SER A 722 11.96 -0.90 -43.28
CA SER A 722 11.08 -0.61 -42.17
C SER A 722 10.41 -1.92 -41.77
N VAL A 723 10.96 -2.55 -40.73
CA VAL A 723 10.53 -3.88 -40.32
C VAL A 723 9.49 -3.85 -39.22
N TYR A 724 8.32 -4.41 -39.51
CA TYR A 724 7.25 -4.47 -38.53
C TYR A 724 6.90 -5.93 -38.30
N ALA A 725 6.59 -6.28 -37.07
CA ALA A 725 6.15 -7.63 -36.73
C ALA A 725 4.73 -7.61 -36.17
N HIS A 726 3.76 -8.14 -36.92
CA HIS A 726 2.36 -8.18 -36.50
C HIS A 726 2.12 -9.02 -35.25
N SER A 727 3.04 -9.94 -35.00
CA SER A 727 2.92 -10.85 -33.86
C SER A 727 3.38 -10.22 -32.54
N SER A 728 3.82 -8.97 -32.60
CA SER A 728 4.32 -8.28 -31.40
C SER A 728 3.36 -7.21 -30.90
N PHE A 729 3.51 -6.80 -29.64
CA PHE A 729 2.63 -5.78 -29.10
C PHE A 729 3.01 -4.40 -29.62
N LEU A 730 4.14 -4.31 -30.29
CA LEU A 730 4.59 -3.05 -30.87
C LEU A 730 4.60 -3.19 -32.39
N SER A 731 3.43 -3.50 -32.92
CA SER A 731 3.25 -3.81 -34.33
C SER A 731 3.42 -2.60 -35.28
N ASP A 732 3.24 -1.38 -34.76
CA ASP A 732 3.36 -0.21 -35.62
C ASP A 732 4.68 0.47 -35.37
N THR A 733 5.53 -0.23 -34.63
CA THR A 733 6.83 0.27 -34.26
C THR A 733 7.89 -0.43 -35.08
N PRO A 734 8.67 0.34 -35.83
CA PRO A 734 9.70 -0.27 -36.68
C PRO A 734 10.77 -0.88 -35.80
N GLN A 735 11.41 -1.93 -36.29
CA GLN A 735 12.49 -2.56 -35.58
C GLN A 735 13.79 -2.09 -36.20
N MET A 736 14.90 -2.59 -35.66
CA MET A 736 16.24 -2.12 -35.99
C MET A 736 16.57 -2.12 -37.48
N GLY A 737 17.14 -1.01 -37.93
CA GLY A 737 17.59 -0.87 -39.29
C GLY A 737 18.90 -1.59 -39.48
N ARG A 738 19.67 -1.15 -40.48
CA ARG A 738 20.94 -1.76 -40.84
C ARG A 738 21.94 -1.77 -39.68
N SER A 739 22.53 -2.94 -39.44
CA SER A 739 23.41 -3.15 -38.29
C SER A 739 24.57 -4.07 -38.64
N PHE A 740 25.77 -3.67 -38.24
CA PHE A 740 26.95 -4.51 -38.44
C PHE A 740 27.45 -5.10 -37.11
N THR A 741 27.91 -6.35 -37.16
CA THR A 741 28.35 -7.05 -35.95
C THR A 741 29.69 -7.72 -36.22
N GLY A 742 30.62 -7.51 -35.30
CA GLY A 742 31.90 -8.19 -35.28
C GLY A 742 32.07 -8.84 -33.92
N GLY A 743 32.53 -10.09 -33.88
CA GLY A 743 32.65 -10.77 -32.61
C GLY A 743 33.73 -11.83 -32.51
N VAL A 744 34.07 -12.14 -31.27
CA VAL A 744 35.07 -13.17 -30.98
C VAL A 744 34.62 -14.13 -29.89
N ASN A 745 34.93 -15.40 -30.12
CA ASN A 745 34.80 -16.45 -29.13
C ASN A 745 36.06 -17.25 -28.99
N VAL A 746 36.35 -17.69 -27.77
CA VAL A 746 37.56 -18.43 -27.54
C VAL A 746 37.08 -19.60 -26.75
N LYS A 747 37.01 -20.72 -27.44
CA LYS A 747 36.66 -21.98 -26.83
C LYS A 747 37.94 -22.52 -26.23
N PHE A 748 37.85 -23.32 -25.18
CA PHE A 748 39.04 -24.00 -24.65
C PHE A 748 38.75 -25.11 -23.64
N PRO B 34 -22.56 18.63 44.94
CA PRO B 34 -21.70 19.56 44.20
C PRO B 34 -20.20 19.28 44.39
N ARG B 35 -19.72 18.15 43.86
CA ARG B 35 -18.33 17.74 44.04
C ARG B 35 -17.68 17.31 42.73
N ALA B 36 -16.45 16.83 42.81
CA ALA B 36 -15.70 16.37 41.64
C ALA B 36 -15.36 14.88 41.77
N THR B 37 -15.11 14.20 40.66
CA THR B 37 -14.92 12.75 40.70
C THR B 37 -13.57 12.24 40.18
N SER B 38 -12.82 13.08 39.48
CA SER B 38 -11.60 12.64 38.79
C SER B 38 -10.49 12.11 39.70
N GLY B 39 -10.42 12.60 40.92
CA GLY B 39 -9.40 12.14 41.85
C GLY B 39 -10.03 11.34 42.95
N LEU B 40 -9.50 10.14 43.17
CA LEU B 40 -9.99 9.27 44.22
C LEU B 40 -9.82 9.95 45.58
N LEU B 41 -8.76 10.73 45.68
CA LEU B 41 -8.52 11.62 46.82
C LEU B 41 -8.70 13.07 46.37
N HIS B 42 -9.57 13.80 47.05
CA HIS B 42 -9.93 15.17 46.68
C HIS B 42 -8.90 16.26 46.98
N THR B 43 -8.11 16.66 45.97
CA THR B 43 -7.31 17.86 46.08
C THR B 43 -8.01 18.97 45.28
N SER B 44 -8.50 20.00 45.95
CA SER B 44 -9.26 21.04 45.29
C SER B 44 -8.61 22.43 45.36
N THR B 45 -8.16 22.94 44.21
CA THR B 45 -7.64 24.30 44.12
C THR B 45 -8.79 25.24 43.79
N ALA B 46 -8.57 26.54 44.00
CA ALA B 46 -9.64 27.51 43.81
C ALA B 46 -9.99 27.74 42.34
N SER B 47 -9.07 27.38 41.45
CA SER B 47 -9.30 27.53 40.01
C SER B 47 -9.76 26.22 39.41
N ASP B 48 -10.70 25.58 40.11
CA ASP B 48 -11.35 24.38 39.61
C ASP B 48 -12.80 24.73 39.28
N LYS B 49 -13.29 24.20 38.17
CA LYS B 49 -14.59 24.59 37.64
C LYS B 49 -15.37 23.37 37.21
N ILE B 50 -16.55 23.21 37.80
CA ILE B 50 -17.40 22.09 37.47
C ILE B 50 -18.65 22.57 36.75
N ILE B 51 -18.76 22.24 35.46
CA ILE B 51 -19.90 22.62 34.66
C ILE B 51 -21.03 21.58 34.80
N SER B 52 -22.26 22.04 35.02
CA SER B 52 -23.44 21.18 35.11
C SER B 52 -23.80 20.50 33.79
N GLY B 53 -24.20 19.22 33.85
CA GLY B 53 -24.71 18.53 32.67
C GLY B 53 -25.98 18.96 31.98
N ASP B 54 -26.98 19.41 32.74
CA ASP B 54 -28.21 19.95 32.14
C ASP B 54 -27.83 21.14 31.25
N THR B 55 -26.93 21.97 31.77
CA THR B 55 -26.42 23.14 31.06
C THR B 55 -25.75 22.73 29.74
N LEU B 56 -25.04 21.62 29.78
CA LEU B 56 -24.26 21.22 28.61
C LEU B 56 -25.23 20.78 27.50
N ARG B 57 -26.43 20.35 27.90
CA ARG B 57 -27.47 19.97 26.95
C ARG B 57 -27.89 21.16 26.08
N GLN B 58 -27.61 22.36 26.58
CA GLN B 58 -27.98 23.60 25.90
C GLN B 58 -26.80 24.29 25.24
N LYS B 59 -25.67 23.60 25.28
CA LYS B 59 -24.42 24.11 24.75
C LYS B 59 -24.13 23.45 23.43
N ALA B 60 -23.11 23.95 22.75
CA ALA B 60 -22.64 23.34 21.53
C ALA B 60 -22.27 21.88 21.76
N VAL B 61 -22.27 21.10 20.69
CA VAL B 61 -22.00 19.68 20.77
C VAL B 61 -20.51 19.37 21.01
N ASN B 62 -19.62 20.04 20.27
CA ASN B 62 -18.18 19.86 20.43
C ASN B 62 -17.63 20.38 21.77
N LEU B 63 -16.65 19.68 22.32
CA LEU B 63 -16.11 20.04 23.63
C LEU B 63 -15.56 21.46 23.71
N GLY B 64 -14.79 21.86 22.69
CA GLY B 64 -14.15 23.16 22.69
C GLY B 64 -15.10 24.33 22.60
N ASP B 65 -16.25 24.12 21.96
CA ASP B 65 -17.24 25.16 21.80
C ASP B 65 -18.04 25.27 23.09
N ALA B 66 -18.24 24.13 23.73
CA ALA B 66 -19.03 24.05 24.97
C ALA B 66 -18.32 24.66 26.19
N LEU B 67 -16.99 24.60 26.21
CA LEU B 67 -16.24 25.12 27.35
C LEU B 67 -15.80 26.57 27.15
N ASP B 68 -15.80 27.02 25.90
CA ASP B 68 -15.48 28.40 25.57
C ASP B 68 -16.44 29.35 26.28
N GLY B 69 -15.89 30.31 27.02
CA GLY B 69 -16.69 31.24 27.80
C GLY B 69 -16.38 31.10 29.28
N VAL B 70 -15.94 29.90 29.66
CA VAL B 70 -15.38 29.70 30.99
C VAL B 70 -14.04 30.41 30.96
N PRO B 71 -13.81 31.33 31.91
CA PRO B 71 -12.60 32.15 31.95
C PRO B 71 -11.31 31.34 31.76
N GLY B 72 -10.48 31.74 30.81
CA GLY B 72 -9.22 31.09 30.53
C GLY B 72 -9.26 29.95 29.52
N ILE B 73 -10.43 29.69 28.94
CA ILE B 73 -10.60 28.59 28.00
C ILE B 73 -11.09 29.09 26.65
N HIS B 74 -10.30 28.86 25.61
CA HIS B 74 -10.80 29.14 24.26
C HIS B 74 -10.91 27.91 23.39
N ALA B 75 -11.32 28.14 22.14
CA ALA B 75 -11.55 27.05 21.21
C ALA B 75 -10.71 27.09 19.95
N SER B 76 -10.33 25.91 19.49
CA SER B 76 -9.77 25.70 18.17
C SER B 76 -10.81 25.04 17.28
N GLN B 77 -11.66 25.83 16.64
CA GLN B 77 -12.76 25.27 15.87
C GLN B 77 -12.28 24.80 14.51
N TYR B 78 -12.98 23.84 13.95
CA TYR B 78 -12.63 23.34 12.64
C TYR B 78 -13.90 22.94 11.94
N GLY B 79 -14.71 23.94 11.58
CA GLY B 79 -16.01 23.68 11.00
C GLY B 79 -16.91 23.11 12.08
N GLY B 80 -18.09 22.65 11.69
CA GLY B 80 -19.02 22.07 12.64
C GLY B 80 -18.54 20.75 13.19
N GLY B 81 -17.53 20.17 12.53
CA GLY B 81 -17.04 18.85 12.88
C GLY B 81 -16.31 18.75 14.20
N ALA B 82 -15.15 19.39 14.27
CA ALA B 82 -14.28 19.29 15.43
C ALA B 82 -14.01 20.64 16.10
N SER B 83 -13.88 20.66 17.42
CA SER B 83 -13.20 21.78 18.09
C SER B 83 -12.57 21.35 19.42
N ALA B 84 -11.31 21.70 19.64
CA ALA B 84 -10.61 21.41 20.89
C ALA B 84 -10.62 22.59 21.85
N PRO B 85 -10.70 22.34 23.17
CA PRO B 85 -10.49 23.42 24.14
C PRO B 85 -9.05 23.92 24.06
N VAL B 86 -8.87 25.23 24.10
CA VAL B 86 -7.55 25.80 24.32
C VAL B 86 -7.52 26.43 25.70
N ILE B 87 -6.73 25.85 26.60
CA ILE B 87 -6.72 26.27 28.00
C ILE B 87 -5.43 26.96 28.38
N ARG B 88 -5.55 28.20 28.84
CA ARG B 88 -4.39 29.03 29.13
C ARG B 88 -3.39 28.96 27.98
N GLY B 89 -3.88 29.17 26.77
CA GLY B 89 -3.02 29.17 25.59
C GLY B 89 -2.50 27.81 25.18
N GLN B 90 -2.73 26.80 26.01
CA GLN B 90 -2.21 25.47 25.71
C GLN B 90 -3.33 24.59 25.21
N THR B 91 -2.98 23.54 24.49
CA THR B 91 -3.96 22.64 23.93
C THR B 91 -3.27 21.33 23.56
N GLY B 92 -4.01 20.34 23.09
CA GLY B 92 -3.41 19.07 22.70
C GLY B 92 -2.73 18.36 23.85
N ARG B 93 -1.44 18.06 23.66
CA ARG B 93 -0.67 17.27 24.62
C ARG B 93 -0.25 18.05 25.86
N ARG B 94 -0.54 19.35 25.90
CA ARG B 94 -0.20 20.14 27.07
C ARG B 94 -1.38 20.30 28.02
N ILE B 95 -2.49 19.67 27.67
CA ILE B 95 -3.61 19.49 28.57
C ILE B 95 -4.00 18.02 28.54
N LYS B 96 -5.08 17.68 29.21
CA LYS B 96 -5.57 16.31 29.19
C LYS B 96 -7.10 16.21 29.19
N VAL B 97 -7.68 15.78 28.06
CA VAL B 97 -9.11 15.48 28.03
C VAL B 97 -9.24 14.05 28.49
N LEU B 98 -10.18 13.83 29.39
CA LEU B 98 -10.36 12.54 29.98
C LEU B 98 -11.80 12.07 29.72
N ASN B 99 -11.98 10.84 29.26
CA ASN B 99 -13.32 10.24 29.15
C ASN B 99 -13.64 9.43 30.41
N HIS B 100 -14.33 10.04 31.35
CA HIS B 100 -14.61 9.43 32.65
C HIS B 100 -13.37 8.72 33.24
N HIS B 101 -12.34 9.52 33.53
CA HIS B 101 -11.09 9.05 34.11
C HIS B 101 -10.26 8.19 33.14
N GLY B 102 -10.79 7.97 31.94
CA GLY B 102 -10.14 7.13 30.95
C GLY B 102 -9.59 7.87 29.75
N GLU B 103 -8.61 7.26 29.09
CA GLU B 103 -8.11 7.79 27.84
C GLU B 103 -9.21 7.73 26.80
N THR B 104 -9.46 8.86 26.14
CA THR B 104 -10.48 8.88 25.11
C THR B 104 -10.05 7.98 23.97
N GLY B 105 -8.75 7.92 23.71
CA GLY B 105 -8.25 6.99 22.74
C GLY B 105 -8.30 7.51 21.31
N ASP B 106 -8.75 8.76 21.15
CA ASP B 106 -8.91 9.36 19.83
C ASP B 106 -7.61 9.83 19.21
N MET B 107 -7.71 10.74 18.24
CA MET B 107 -6.51 11.36 17.67
C MET B 107 -6.61 12.87 17.49
N ALA B 108 -7.23 13.53 18.46
CA ALA B 108 -7.39 14.98 18.43
C ALA B 108 -6.10 15.73 18.78
N ASP B 109 -5.16 15.01 19.38
CA ASP B 109 -3.85 15.59 19.71
C ASP B 109 -3.02 15.79 18.46
N PHE B 110 -3.38 15.08 17.39
CA PHE B 110 -2.62 15.14 16.15
C PHE B 110 -2.84 16.50 15.46
N SER B 111 -4.08 16.96 15.46
CA SER B 111 -4.47 18.20 14.80
C SER B 111 -5.91 18.52 15.18
N PRO B 112 -6.27 19.82 15.23
CA PRO B 112 -7.58 20.19 15.76
C PRO B 112 -8.73 19.88 14.79
N ASP B 113 -8.40 19.38 13.61
CA ASP B 113 -9.40 18.95 12.66
C ASP B 113 -9.94 17.58 13.04
N HIS B 114 -9.25 16.89 13.96
CA HIS B 114 -9.73 15.61 14.47
C HIS B 114 -10.59 15.83 15.69
N ALA B 115 -11.79 15.27 15.67
CA ALA B 115 -12.75 15.43 16.75
C ALA B 115 -12.30 14.75 18.05
N ILE B 116 -12.67 15.31 19.20
CA ILE B 116 -12.35 14.71 20.49
C ILE B 116 -13.45 13.75 20.92
N MET B 117 -13.07 12.52 21.22
CA MET B 117 -14.05 11.49 21.54
C MET B 117 -14.69 11.60 22.92
N VAL B 118 -15.40 12.69 23.17
CA VAL B 118 -16.27 12.79 24.35
C VAL B 118 -17.64 13.34 23.95
N ASP B 119 -18.68 13.00 24.71
CA ASP B 119 -20.04 13.44 24.39
C ASP B 119 -20.56 14.27 25.54
N THR B 120 -20.31 15.57 25.48
CA THR B 120 -20.57 16.44 26.62
C THR B 120 -22.06 16.62 26.84
N ALA B 121 -22.83 16.45 25.77
CA ALA B 121 -24.28 16.57 25.78
C ALA B 121 -24.91 15.30 26.38
N LEU B 122 -24.06 14.29 26.57
CA LEU B 122 -24.46 13.02 27.14
C LEU B 122 -23.71 12.75 28.44
N SER B 123 -22.97 13.78 28.87
CA SER B 123 -22.10 13.72 30.04
C SER B 123 -22.92 13.94 31.31
N GLN B 124 -22.43 13.46 32.46
CA GLN B 124 -23.08 13.89 33.69
C GLN B 124 -22.62 15.29 34.12
N GLN B 125 -21.31 15.51 34.07
CA GLN B 125 -20.69 16.77 34.49
C GLN B 125 -19.35 16.87 33.73
N VAL B 126 -18.88 18.08 33.43
CA VAL B 126 -17.48 18.24 32.99
C VAL B 126 -16.72 19.15 33.96
N GLU B 127 -15.74 18.54 34.63
CA GLU B 127 -14.88 19.24 35.60
C GLU B 127 -13.56 19.68 35.01
N ILE B 128 -13.26 20.95 35.17
CA ILE B 128 -11.99 21.50 34.74
C ILE B 128 -11.06 21.71 35.94
N LEU B 129 -10.07 20.81 36.03
CA LEU B 129 -9.21 20.71 37.21
C LEU B 129 -7.73 21.02 36.95
N ARG B 130 -7.12 21.70 37.92
CA ARG B 130 -5.67 21.90 37.98
C ARG B 130 -5.16 21.32 39.29
N GLY B 131 -3.86 21.11 39.38
CA GLY B 131 -3.24 20.67 40.61
C GLY B 131 -2.46 19.38 40.51
N PRO B 132 -2.12 18.77 41.67
CA PRO B 132 -1.40 17.50 41.71
C PRO B 132 -2.20 16.34 41.09
N VAL B 133 -3.51 16.53 40.96
CA VAL B 133 -4.37 15.54 40.35
C VAL B 133 -4.01 15.25 38.89
N THR B 134 -3.45 16.24 38.20
CA THR B 134 -3.14 16.06 36.80
C THR B 134 -2.13 14.93 36.66
N LEU B 135 -1.29 14.76 37.67
CA LEU B 135 -0.29 13.71 37.68
C LEU B 135 -0.88 12.32 37.80
N LEU B 136 -2.15 12.23 38.17
CA LEU B 136 -2.82 10.93 38.19
C LEU B 136 -3.06 10.40 36.78
N TYR B 137 -3.14 11.28 35.79
CA TYR B 137 -3.59 10.89 34.45
C TYR B 137 -2.60 11.04 33.31
N SER B 138 -1.65 11.96 33.45
CA SER B 138 -0.72 12.23 32.35
C SER B 138 0.50 13.03 32.80
N SER B 139 1.50 13.09 31.92
CA SER B 139 2.70 13.87 32.17
C SER B 139 2.79 15.00 31.16
N GLY B 140 2.89 16.23 31.64
CA GLY B 140 3.02 17.36 30.76
C GLY B 140 1.78 18.24 30.75
N ASN B 141 0.76 17.81 31.48
CA ASN B 141 -0.48 18.55 31.58
C ASN B 141 -0.22 19.82 32.37
N VAL B 142 -0.09 20.95 31.69
CA VAL B 142 0.31 22.20 32.35
C VAL B 142 -0.80 23.22 32.53
N ALA B 143 -1.95 23.00 31.90
CA ALA B 143 -2.96 24.04 31.86
C ALA B 143 -4.27 23.68 32.53
N GLY B 144 -4.60 22.39 32.48
CA GLY B 144 -5.86 21.93 33.03
C GLY B 144 -6.19 20.53 32.60
N LEU B 145 -6.85 19.81 33.49
CA LEU B 145 -7.40 18.50 33.18
C LEU B 145 -8.90 18.67 32.95
N VAL B 146 -9.37 18.22 31.80
CA VAL B 146 -10.79 18.33 31.47
C VAL B 146 -11.32 16.92 31.48
N ASP B 147 -12.03 16.58 32.54
CA ASP B 147 -12.62 15.27 32.66
C ASP B 147 -14.11 15.32 32.36
N VAL B 148 -14.55 14.47 31.45
CA VAL B 148 -15.96 14.38 31.13
C VAL B 148 -16.53 13.11 31.74
N ALA B 149 -17.39 13.27 32.72
CA ALA B 149 -17.95 12.10 33.36
C ALA B 149 -19.28 11.75 32.70
N ASP B 150 -19.54 10.46 32.57
CA ASP B 150 -20.71 9.98 31.83
C ASP B 150 -21.59 9.02 32.62
N GLY B 151 -22.75 8.69 32.06
CA GLY B 151 -23.68 7.79 32.71
C GLY B 151 -23.51 6.34 32.29
N LYS B 152 -22.54 6.10 31.40
CA LYS B 152 -22.27 4.79 30.80
C LYS B 152 -22.45 3.61 31.75
N ILE B 153 -21.85 3.70 32.93
CA ILE B 153 -21.86 2.64 33.93
C ILE B 153 -22.39 3.21 35.26
N PRO B 154 -23.69 3.02 35.50
CA PRO B 154 -24.53 3.65 36.53
C PRO B 154 -23.91 3.92 37.91
N GLU B 155 -23.14 2.97 38.46
CA GLU B 155 -22.51 3.12 39.78
C GLU B 155 -23.50 3.11 40.95
N LYS B 156 -24.75 3.45 40.65
CA LYS B 156 -25.80 3.47 41.65
C LYS B 156 -27.13 2.95 41.08
N MET B 157 -27.91 2.26 41.91
CA MET B 157 -29.24 1.80 41.51
C MET B 157 -30.20 2.97 41.37
N PRO B 158 -30.91 3.03 40.24
CA PRO B 158 -31.88 4.09 39.92
C PRO B 158 -33.07 3.98 40.87
N GLU B 159 -33.71 5.08 41.28
CA GLU B 159 -35.03 4.97 41.90
C GLU B 159 -36.12 4.44 40.99
N ASN B 160 -37.07 3.74 41.62
CA ASN B 160 -38.20 3.13 40.93
C ASN B 160 -37.78 2.06 39.93
N GLY B 161 -36.49 1.75 39.92
CA GLY B 161 -35.99 0.74 39.01
C GLY B 161 -35.59 1.33 37.69
N VAL B 162 -36.15 2.49 37.34
CA VAL B 162 -35.76 3.14 36.10
C VAL B 162 -35.55 4.65 36.21
N SER B 163 -34.68 5.16 35.33
CA SER B 163 -34.36 6.57 35.24
C SER B 163 -33.67 6.84 33.90
N GLY B 164 -33.69 8.10 33.49
CA GLY B 164 -33.05 8.51 32.26
C GLY B 164 -33.59 9.86 31.84
N GLU B 165 -33.20 10.29 30.65
CA GLU B 165 -33.68 11.58 30.17
C GLU B 165 -33.87 11.60 28.66
N LEU B 166 -34.59 12.60 28.18
CA LEU B 166 -34.83 12.75 26.76
C LEU B 166 -34.66 14.20 26.36
N GLY B 167 -34.02 14.40 25.21
CA GLY B 167 -33.68 15.75 24.78
C GLY B 167 -33.83 15.97 23.29
N LEU B 168 -34.18 17.18 22.93
CA LEU B 168 -34.41 17.53 21.54
C LEU B 168 -34.16 19.03 21.41
N ARG B 169 -33.47 19.43 20.35
CA ARG B 169 -33.32 20.84 20.02
C ARG B 169 -32.99 21.15 18.57
N LEU B 170 -33.35 22.35 18.15
CA LEU B 170 -33.12 22.80 16.79
C LEU B 170 -32.30 24.10 16.84
N SER B 171 -31.47 24.35 15.84
CA SER B 171 -30.68 25.58 15.82
C SER B 171 -30.62 26.21 14.42
N SER B 172 -30.87 27.52 14.36
CA SER B 172 -30.97 28.24 13.10
C SER B 172 -29.63 28.50 12.42
N GLY B 173 -29.64 28.49 11.09
CA GLY B 173 -28.45 28.73 10.31
C GLY B 173 -27.32 27.76 10.61
N ASN B 174 -27.69 26.61 11.16
CA ASN B 174 -26.72 25.61 11.56
C ASN B 174 -26.57 24.40 10.62
N LEU B 175 -27.65 23.68 10.23
CA LEU B 175 -29.01 23.81 10.74
C LEU B 175 -29.22 22.61 11.64
N GLU B 176 -28.91 22.80 12.92
CA GLU B 176 -28.73 21.70 13.86
C GLU B 176 -30.05 21.06 14.27
N LYS B 177 -30.09 19.74 14.21
CA LYS B 177 -31.13 18.97 14.87
C LYS B 177 -30.38 18.11 15.86
N LEU B 178 -30.78 18.15 17.12
CA LEU B 178 -30.02 17.40 18.11
C LEU B 178 -30.99 16.66 19.01
N THR B 179 -31.01 15.35 18.91
CA THR B 179 -31.81 14.54 19.81
C THR B 179 -30.94 13.66 20.69
N SER B 180 -31.35 13.49 21.94
CA SER B 180 -30.55 12.75 22.88
C SER B 180 -31.41 12.05 23.90
N GLY B 181 -30.88 10.95 24.43
CA GLY B 181 -31.58 10.18 25.43
C GLY B 181 -30.57 9.32 26.14
N GLY B 182 -30.97 8.81 27.30
CA GLY B 182 -30.13 7.91 28.06
C GLY B 182 -31.08 7.18 28.96
N ILE B 183 -30.77 5.96 29.34
CA ILE B 183 -31.73 5.23 30.15
C ILE B 183 -30.96 4.38 31.16
N ASN B 184 -31.48 4.29 32.39
CA ASN B 184 -30.94 3.40 33.43
C ASN B 184 -32.03 2.50 33.98
N ILE B 185 -31.81 1.19 33.94
CA ILE B 185 -32.81 0.22 34.41
C ILE B 185 -32.29 -0.79 35.42
N GLY B 186 -33.03 -0.90 36.52
CA GLY B 186 -32.71 -1.91 37.52
C GLY B 186 -33.20 -3.25 37.01
N LEU B 187 -32.21 -4.02 36.59
CA LEU B 187 -32.33 -5.36 36.05
C LEU B 187 -32.34 -6.28 37.25
N GLY B 188 -33.24 -6.04 38.18
CA GLY B 188 -33.29 -6.83 39.39
C GLY B 188 -32.99 -6.07 40.67
N LYS B 189 -32.33 -6.75 41.60
CA LYS B 189 -32.10 -6.24 42.96
C LYS B 189 -30.81 -5.42 43.10
N ASN B 190 -29.74 -5.83 42.43
CA ASN B 190 -28.47 -5.10 42.47
C ASN B 190 -27.78 -5.11 41.11
N PHE B 191 -28.55 -4.82 40.07
CA PHE B 191 -28.09 -4.92 38.71
C PHE B 191 -28.70 -3.77 37.92
N VAL B 192 -27.90 -3.04 37.15
CA VAL B 192 -28.45 -1.93 36.38
C VAL B 192 -27.97 -1.93 34.95
N LEU B 193 -28.91 -1.84 34.01
CA LEU B 193 -28.55 -1.65 32.62
C LEU B 193 -28.63 -0.19 32.24
N HIS B 194 -27.65 0.29 31.48
CA HIS B 194 -27.69 1.65 30.97
C HIS B 194 -27.56 1.67 29.47
N THR B 195 -28.40 2.49 28.83
CA THR B 195 -28.21 2.80 27.43
C THR B 195 -28.27 4.31 27.29
N GLU B 196 -27.60 4.84 26.26
CA GLU B 196 -27.64 6.28 26.01
C GLU B 196 -27.17 6.48 24.58
N GLY B 197 -27.68 7.56 23.99
CA GLY B 197 -27.37 7.86 22.61
C GLY B 197 -27.74 9.27 22.21
N LEU B 198 -27.18 9.68 21.09
CA LEU B 198 -27.39 11.04 20.64
C LEU B 198 -27.31 11.02 19.11
N TYR B 199 -28.20 11.72 18.42
CA TYR B 199 -28.02 11.89 16.98
C TYR B 199 -28.15 13.36 16.63
N ARG B 200 -27.21 13.81 15.81
CA ARG B 200 -27.10 15.18 15.35
C ARG B 200 -26.85 15.35 13.85
N LYS B 201 -27.63 16.23 13.23
CA LYS B 201 -27.46 16.58 11.82
C LYS B 201 -27.33 18.11 11.77
N SER B 202 -26.33 18.60 11.04
CA SER B 202 -26.13 20.05 10.87
C SER B 202 -25.47 20.41 9.54
N GLY B 203 -25.83 21.56 8.99
CA GLY B 203 -25.36 21.92 7.66
C GLY B 203 -24.14 22.80 7.61
N ASP B 204 -23.80 23.27 6.42
CA ASP B 204 -22.79 24.31 6.29
C ASP B 204 -23.34 25.53 7.03
N TYR B 205 -22.52 26.19 7.82
CA TYR B 205 -23.04 27.27 8.65
C TYR B 205 -23.08 28.62 7.93
N ALA B 206 -24.12 29.39 8.25
CA ALA B 206 -24.30 30.70 7.66
C ALA B 206 -23.16 31.59 8.08
N VAL B 207 -22.70 32.43 7.17
CA VAL B 207 -21.61 33.35 7.47
C VAL B 207 -22.00 34.75 7.04
N PRO B 208 -21.67 35.73 7.89
CA PRO B 208 -21.98 37.11 7.55
C PRO B 208 -20.85 37.69 6.72
N ARG B 209 -21.21 38.43 5.66
CA ARG B 209 -20.24 39.17 4.86
C ARG B 209 -19.08 38.36 4.32
N TYR B 210 -19.12 37.03 4.46
CA TYR B 210 -18.06 36.23 3.91
C TYR B 210 -18.45 36.05 2.46
N ARG B 211 -18.36 37.17 1.74
CA ARG B 211 -18.98 37.31 0.43
C ARG B 211 -18.41 36.28 -0.52
N ASN B 212 -19.21 35.81 -1.48
CA ASN B 212 -20.60 36.17 -1.65
C ASN B 212 -21.42 34.95 -1.27
N LEU B 213 -21.26 34.49 -0.04
CA LEU B 213 -21.83 33.21 0.34
C LEU B 213 -22.88 33.34 1.42
N LYS B 214 -23.92 32.53 1.31
CA LYS B 214 -24.92 32.47 2.36
C LYS B 214 -24.39 31.58 3.47
N ARG B 215 -23.70 30.51 3.08
CA ARG B 215 -23.15 29.57 4.06
C ARG B 215 -21.72 29.13 3.73
N LEU B 216 -20.94 28.82 4.75
CA LEU B 216 -19.57 28.40 4.56
C LEU B 216 -19.49 26.95 4.14
N PRO B 217 -19.05 26.70 2.90
CA PRO B 217 -18.95 25.35 2.34
C PRO B 217 -18.17 24.39 3.24
N ASP B 218 -18.55 23.12 3.24
CA ASP B 218 -17.83 22.05 3.92
C ASP B 218 -17.72 22.17 5.44
N SER B 219 -18.71 22.78 6.07
CA SER B 219 -18.68 22.97 7.52
C SER B 219 -19.84 22.25 8.18
N HIS B 220 -20.40 21.26 7.47
CA HIS B 220 -21.50 20.45 7.97
C HIS B 220 -20.99 19.30 8.84
N ALA B 221 -21.86 18.73 9.67
CA ALA B 221 -21.44 17.72 10.63
C ALA B 221 -22.54 16.77 11.08
N ASP B 222 -22.30 15.48 10.92
CA ASP B 222 -23.22 14.44 11.41
C ASP B 222 -22.47 13.57 12.42
N SER B 223 -23.17 13.15 13.47
CA SER B 223 -22.57 12.33 14.52
C SER B 223 -23.63 11.43 15.17
N GLN B 224 -23.28 10.18 15.44
CA GLN B 224 -24.10 9.35 16.35
C GLN B 224 -23.30 8.59 17.38
N THR B 225 -23.86 8.45 18.57
CA THR B 225 -23.15 7.78 19.63
C THR B 225 -24.14 6.84 20.27
N GLY B 226 -23.64 5.73 20.79
CA GLY B 226 -24.48 4.78 21.47
C GLY B 226 -23.70 4.08 22.54
N SER B 227 -24.38 3.69 23.61
CA SER B 227 -23.73 3.01 24.72
C SER B 227 -24.71 2.08 25.36
N ILE B 228 -24.18 0.98 25.87
CA ILE B 228 -24.96 0.02 26.59
C ILE B 228 -24.12 -0.28 27.79
N GLY B 229 -24.73 -0.19 28.96
CA GLY B 229 -24.01 -0.44 30.18
C GLY B 229 -24.70 -1.40 31.11
N LEU B 230 -23.92 -1.89 32.06
CA LEU B 230 -24.37 -2.86 33.03
C LEU B 230 -23.49 -2.76 34.24
N SER B 231 -24.11 -2.52 35.38
CA SER B 231 -23.35 -2.25 36.59
C SER B 231 -24.05 -2.77 37.83
N TRP B 232 -23.27 -3.02 38.86
CA TRP B 232 -23.74 -3.61 40.09
C TRP B 232 -24.24 -2.52 40.99
N VAL B 233 -24.47 -2.87 42.22
CA VAL B 233 -24.69 -1.88 43.24
C VAL B 233 -24.17 -2.44 44.54
N GLY B 234 -23.95 -1.56 45.50
CA GLY B 234 -23.18 -1.97 46.67
C GLY B 234 -24.04 -2.14 47.89
N GLU B 235 -23.46 -2.47 49.05
CA GLU B 235 -22.01 -2.55 49.23
C GLU B 235 -21.33 -3.78 48.61
N LYS B 236 -20.02 -3.66 48.31
CA LYS B 236 -19.21 -2.51 48.72
C LYS B 236 -19.25 -1.33 47.76
N GLY B 237 -19.37 -1.61 46.47
CA GLY B 237 -19.24 -0.60 45.42
C GLY B 237 -20.13 -0.90 44.23
N PHE B 238 -19.51 -1.02 43.07
CA PHE B 238 -20.19 -1.30 41.82
C PHE B 238 -19.12 -1.91 40.93
N ILE B 239 -19.52 -2.79 40.03
CA ILE B 239 -18.66 -3.17 38.91
C ILE B 239 -19.46 -3.04 37.64
N GLY B 240 -18.81 -2.77 36.52
CA GLY B 240 -19.58 -2.63 35.31
C GLY B 240 -18.81 -2.49 34.03
N VAL B 241 -19.49 -2.81 32.93
CA VAL B 241 -18.88 -2.70 31.62
C VAL B 241 -19.79 -1.84 30.74
N ALA B 242 -19.22 -1.37 29.64
CA ALA B 242 -20.02 -0.61 28.69
C ALA B 242 -19.40 -0.69 27.31
N TYR B 243 -20.26 -0.83 26.30
CA TYR B 243 -19.82 -0.77 24.92
C TYR B 243 -20.36 0.50 24.34
N SER B 244 -19.55 1.16 23.53
CA SER B 244 -19.94 2.42 22.94
C SER B 244 -19.60 2.37 21.46
N ASP B 245 -20.27 3.21 20.69
CA ASP B 245 -20.05 3.29 19.27
C ASP B 245 -20.37 4.68 18.82
N ARG B 246 -19.44 5.24 18.07
CA ARG B 246 -19.56 6.59 17.59
C ARG B 246 -19.08 6.66 16.15
N ARG B 247 -19.97 7.13 15.30
CA ARG B 247 -19.64 7.43 13.90
C ARG B 247 -19.80 8.92 13.66
N ASP B 248 -18.76 9.57 13.18
CA ASP B 248 -18.79 10.99 12.87
C ASP B 248 -18.56 11.20 11.39
N GLN B 249 -19.31 12.13 10.79
CA GLN B 249 -19.11 12.48 9.39
C GLN B 249 -19.24 13.99 9.26
N TYR B 250 -18.16 14.65 8.87
CA TYR B 250 -18.15 16.11 8.83
C TYR B 250 -17.15 16.65 7.81
N GLY B 251 -17.41 17.85 7.31
CA GLY B 251 -16.58 18.47 6.29
C GLY B 251 -15.32 19.15 6.79
N LEU B 252 -14.41 19.41 5.85
CA LEU B 252 -13.17 20.15 6.15
C LEU B 252 -13.13 21.49 5.42
N PRO B 253 -13.46 22.58 6.13
CA PRO B 253 -13.57 23.91 5.54
C PRO B 253 -12.26 24.49 5.00
N ALA B 254 -12.37 25.55 4.20
CA ALA B 254 -11.24 26.19 3.52
C ALA B 254 -10.39 25.20 2.74
N ASP B 261 -4.92 16.33 -7.16
CA ASP B 261 -5.02 14.87 -7.16
C ASP B 261 -3.63 14.25 -7.27
N CYS B 262 -2.68 15.01 -7.80
CA CYS B 262 -1.35 14.48 -8.11
C CYS B 262 -0.41 14.41 -6.92
N HIS B 263 -0.19 13.19 -6.44
CA HIS B 263 0.87 12.88 -5.48
C HIS B 263 1.14 11.37 -5.40
N ALA B 264 2.42 11.00 -5.48
CA ALA B 264 2.86 9.61 -5.39
C ALA B 264 4.37 9.60 -5.48
N ASP B 265 4.91 10.72 -5.94
CA ASP B 265 6.33 10.88 -6.15
C ASP B 265 6.74 12.28 -5.72
N ILE B 266 8.04 12.55 -5.73
CA ILE B 266 8.61 13.83 -5.28
C ILE B 266 8.40 14.12 -3.80
N ILE B 267 7.16 13.93 -3.30
CA ILE B 267 6.87 14.03 -1.87
C ILE B 267 7.90 13.17 -1.17
N TRP B 268 8.12 12.00 -1.74
CA TRP B 268 9.25 11.15 -1.41
C TRP B 268 9.68 10.48 -2.71
N GLN B 269 10.98 10.29 -2.92
CA GLN B 269 11.98 10.51 -1.88
C GLN B 269 13.05 11.55 -2.27
N LYS B 270 13.43 12.45 -1.37
CA LYS B 270 12.80 12.69 -0.06
C LYS B 270 13.25 14.07 0.43
N SER B 271 12.70 14.51 1.56
CA SER B 271 13.06 15.82 2.11
C SER B 271 13.57 15.71 3.56
N LEU B 272 14.74 16.31 3.80
CA LEU B 272 15.38 16.22 5.12
C LEU B 272 15.16 17.51 5.91
N THR B 286 18.86 18.65 1.92
CA THR B 286 17.63 18.58 2.70
C THR B 286 16.52 19.34 1.98
N GLU B 287 16.92 20.25 1.10
CA GLU B 287 16.01 21.22 0.52
C GLU B 287 15.42 20.75 -0.83
N GLU B 288 14.35 19.97 -0.77
CA GLU B 288 13.62 19.58 -1.97
C GLU B 288 12.14 19.99 -1.87
N ASP B 289 11.85 20.98 -1.04
CA ASP B 289 10.55 21.65 -1.09
C ASP B 289 10.62 22.55 -2.31
N ILE B 290 11.84 22.75 -2.79
CA ILE B 290 12.07 23.41 -4.07
C ILE B 290 11.44 22.61 -5.20
N ASP B 291 11.45 21.29 -5.09
CA ASP B 291 10.99 20.44 -6.19
C ASP B 291 9.60 19.85 -5.97
N TYR B 292 8.93 20.19 -4.86
CA TYR B 292 7.56 19.72 -4.71
C TYR B 292 6.46 20.79 -4.77
N ASP B 293 6.83 22.07 -4.65
CA ASP B 293 5.85 23.10 -4.93
C ASP B 293 6.13 23.74 -6.29
N ASN B 294 7.02 23.12 -7.05
CA ASN B 294 7.09 23.40 -8.48
C ASN B 294 6.05 22.58 -9.26
N PRO B 295 5.86 21.28 -8.89
CA PRO B 295 4.71 20.56 -9.44
C PRO B 295 3.46 20.70 -8.57
N GLY B 296 3.38 21.76 -7.79
CA GLY B 296 2.17 22.07 -7.04
C GLY B 296 1.39 23.10 -7.81
N LEU B 297 2.09 23.79 -8.71
CA LEU B 297 1.52 24.82 -9.56
C LEU B 297 1.46 24.28 -10.98
N SER B 298 1.89 23.02 -11.14
CA SER B 298 1.82 22.34 -12.42
C SER B 298 0.46 21.67 -12.56
N CYS B 299 -0.03 21.12 -11.45
CA CYS B 299 -1.37 20.54 -11.41
C CYS B 299 -2.36 21.61 -10.99
N GLY B 300 -1.85 22.78 -10.65
CA GLY B 300 -2.70 23.93 -10.39
C GLY B 300 -3.19 24.52 -11.69
N PHE B 301 -2.25 24.81 -12.59
CA PHE B 301 -2.57 25.34 -13.91
C PHE B 301 -3.26 24.28 -14.78
N SER B 313 -11.09 16.43 -8.74
CA SER B 313 -12.42 16.74 -8.24
C SER B 313 -12.49 16.59 -6.73
N GLY B 314 -13.48 15.83 -6.25
CA GLY B 314 -13.60 15.51 -4.84
C GLY B 314 -14.18 16.60 -3.94
N ARG B 315 -14.59 16.20 -2.75
CA ARG B 315 -15.07 17.13 -1.73
C ARG B 315 -14.57 16.69 -0.37
N PRO B 316 -13.89 17.59 0.36
CA PRO B 316 -13.15 17.24 1.58
C PRO B 316 -14.07 16.94 2.75
N TRP B 317 -13.87 15.81 3.40
CA TRP B 317 -14.63 15.48 4.61
C TRP B 317 -13.93 14.38 5.40
N ILE B 318 -14.42 14.12 6.61
CA ILE B 318 -13.82 13.12 7.48
C ILE B 318 -14.93 12.15 7.86
N ASP B 319 -14.66 10.86 7.66
CA ASP B 319 -15.59 9.81 8.04
C ASP B 319 -14.86 9.07 9.17
N LEU B 320 -15.40 9.15 10.38
CA LEU B 320 -14.73 8.61 11.57
C LEU B 320 -15.58 7.64 12.37
N ARG B 321 -14.95 6.55 12.82
CA ARG B 321 -15.66 5.54 13.59
C ARG B 321 -14.90 5.19 14.86
N ASN B 322 -15.59 5.29 16.00
CA ASN B 322 -15.00 4.97 17.29
C ASN B 322 -15.78 3.93 18.09
N LYS B 323 -15.11 2.83 18.39
CA LYS B 323 -15.70 1.73 19.14
C LYS B 323 -14.97 1.56 20.48
N ARG B 324 -15.73 1.44 21.56
CA ARG B 324 -15.15 1.48 22.90
C ARG B 324 -15.67 0.40 23.82
N TYR B 325 -14.75 -0.33 24.43
CA TYR B 325 -15.10 -1.32 25.43
C TYR B 325 -14.38 -0.96 26.70
N GLU B 326 -15.12 -0.87 27.80
CA GLU B 326 -14.47 -0.47 29.03
C GLU B 326 -15.11 -1.17 30.20
N LEU B 327 -14.40 -1.17 31.32
CA LEU B 327 -14.90 -1.73 32.55
C LEU B 327 -14.51 -0.81 33.67
N ARG B 328 -15.47 -0.51 34.53
CA ARG B 328 -15.19 0.28 35.72
C ARG B 328 -15.60 -0.50 36.94
N ALA B 329 -14.91 -0.23 38.04
CA ALA B 329 -15.22 -0.85 39.31
C ALA B 329 -14.64 0.00 40.41
N GLU B 330 -15.31 0.06 41.54
CA GLU B 330 -14.84 0.85 42.64
C GLU B 330 -15.62 0.56 43.92
N TRP B 331 -15.09 -0.30 44.79
CA TRP B 331 -15.77 -0.44 46.09
C TRP B 331 -15.06 0.15 47.29
N LYS B 332 -15.83 0.20 48.38
CA LYS B 332 -15.64 1.16 49.46
C LYS B 332 -14.91 0.75 50.74
N GLN B 333 -14.32 -0.44 50.79
CA GLN B 333 -13.49 -0.84 51.93
C GLN B 333 -12.82 -2.14 51.57
N PRO B 334 -11.87 -2.08 50.63
CA PRO B 334 -11.37 -3.28 49.95
C PRO B 334 -10.76 -4.28 50.93
N PHE B 335 -10.01 -3.80 51.91
CA PHE B 335 -9.20 -4.64 52.80
C PHE B 335 -8.32 -3.75 53.73
N PRO B 336 -7.46 -4.34 54.60
CA PRO B 336 -7.17 -3.52 55.78
C PRO B 336 -6.20 -2.40 55.51
N GLY B 337 -6.55 -1.19 55.94
CA GLY B 337 -5.66 -0.06 55.76
C GLY B 337 -6.05 0.81 54.59
N PHE B 338 -7.07 0.41 53.85
CA PHE B 338 -7.47 1.20 52.70
C PHE B 338 -8.96 1.53 52.74
N GLU B 339 -9.30 2.72 52.28
CA GLU B 339 -10.67 3.22 52.35
C GLU B 339 -11.39 3.00 51.02
N ALA B 340 -10.62 2.92 49.94
CA ALA B 340 -11.20 2.78 48.62
C ALA B 340 -10.28 2.10 47.61
N LEU B 341 -10.88 1.51 46.58
CA LEU B 341 -10.16 0.82 45.52
C LEU B 341 -10.88 1.16 44.22
N ARG B 342 -10.14 1.52 43.17
CA ARG B 342 -10.74 1.92 41.89
C ARG B 342 -10.08 1.39 40.65
N VAL B 343 -10.78 0.63 39.84
CA VAL B 343 -10.17 0.17 38.60
C VAL B 343 -10.91 0.69 37.37
N HIS B 344 -10.26 0.55 36.23
CA HIS B 344 -10.70 1.11 34.97
C HIS B 344 -9.92 0.37 33.91
N LEU B 345 -10.62 -0.39 33.10
CA LEU B 345 -10.05 -1.08 31.97
C LEU B 345 -10.70 -0.49 30.75
N ASN B 346 -9.92 -0.30 29.70
CA ASN B 346 -10.45 0.32 28.51
C ASN B 346 -9.80 -0.20 27.24
N ARG B 347 -10.63 -0.40 26.23
CA ARG B 347 -10.16 -0.65 24.87
C ARG B 347 -10.88 0.29 23.94
N ASN B 348 -10.11 0.94 23.09
CA ASN B 348 -10.71 1.95 22.26
C ASN B 348 -10.26 1.76 20.82
N ASP B 349 -11.23 1.51 19.95
CA ASP B 349 -11.01 1.36 18.51
C ASP B 349 -11.31 2.69 17.86
N TYR B 350 -10.29 3.37 17.40
CA TYR B 350 -10.49 4.64 16.72
C TYR B 350 -9.99 4.58 15.29
N ARG B 351 -10.76 5.17 14.39
CA ARG B 351 -10.33 5.32 13.01
C ARG B 351 -11.03 6.47 12.35
N HIS B 352 -10.38 7.00 11.33
CA HIS B 352 -11.00 8.03 10.51
C HIS B 352 -10.34 8.08 9.15
N ASP B 353 -11.15 8.22 8.11
CA ASP B 353 -10.61 8.38 6.77
C ASP B 353 -10.76 9.84 6.43
N GLU B 354 -9.70 10.46 5.92
CA GLU B 354 -9.83 11.80 5.40
C GLU B 354 -10.06 11.68 3.92
N LYS B 355 -11.21 12.14 3.46
CA LYS B 355 -11.65 11.79 2.12
C LYS B 355 -11.94 12.97 1.22
N ALA B 356 -11.78 12.74 -0.08
CA ALA B 356 -12.25 13.64 -1.11
C ALA B 356 -13.25 12.84 -1.94
N GLY B 357 -14.52 13.14 -1.79
CA GLY B 357 -15.58 12.32 -2.37
C GLY B 357 -15.61 10.93 -1.74
N ASP B 358 -15.47 9.89 -2.56
CA ASP B 358 -15.46 8.53 -2.05
C ASP B 358 -14.05 7.93 -1.93
N ALA B 359 -13.04 8.75 -2.19
CA ALA B 359 -11.65 8.28 -2.14
C ALA B 359 -10.98 8.69 -0.84
N VAL B 360 -10.20 7.77 -0.27
CA VAL B 360 -9.47 8.06 0.97
C VAL B 360 -8.09 8.65 0.68
N GLU B 361 -7.79 9.77 1.31
CA GLU B 361 -6.50 10.43 1.12
C GLU B 361 -5.54 10.16 2.29
N ASN B 362 -6.09 10.10 3.50
CA ASN B 362 -5.32 9.64 4.66
C ASN B 362 -6.15 8.68 5.50
N PHE B 363 -5.51 7.58 5.90
CA PHE B 363 -6.12 6.62 6.82
C PHE B 363 -5.58 6.89 8.20
N PHE B 364 -6.47 7.14 9.15
CA PHE B 364 -6.04 7.32 10.53
C PHE B 364 -6.52 6.17 11.41
N ASN B 365 -5.63 5.73 12.28
CA ASN B 365 -5.91 4.62 13.17
C ASN B 365 -5.22 4.79 14.50
N ASN B 366 -5.90 4.39 15.58
CA ASN B 366 -5.36 4.49 16.91
C ASN B 366 -5.98 3.46 17.82
N GLN B 367 -5.26 2.37 18.08
CA GLN B 367 -5.77 1.38 18.99
C GLN B 367 -5.24 1.67 20.38
N THR B 368 -6.14 1.69 21.35
CA THR B 368 -5.76 2.10 22.68
C THR B 368 -6.25 1.04 23.64
N GLN B 369 -5.37 0.64 24.53
CA GLN B 369 -5.79 -0.15 25.66
C GLN B 369 -5.23 0.53 26.89
N ASN B 370 -6.10 0.70 27.87
CA ASN B 370 -5.79 1.46 29.07
C ASN B 370 -6.27 0.83 30.36
N ALA B 371 -5.38 0.79 31.33
CA ALA B 371 -5.70 0.21 32.62
C ALA B 371 -5.17 1.08 33.75
N ARG B 372 -6.00 1.36 34.74
CA ARG B 372 -5.52 2.11 35.89
C ARG B 372 -6.13 1.60 37.17
N ILE B 373 -5.28 1.41 38.16
CA ILE B 373 -5.73 0.98 39.47
C ILE B 373 -5.32 2.01 40.52
N GLU B 374 -6.28 2.58 41.23
CA GLU B 374 -5.95 3.57 42.25
C GLU B 374 -6.60 3.08 43.54
N LEU B 375 -5.85 3.13 44.63
CA LEU B 375 -6.42 2.84 45.95
C LEU B 375 -6.09 3.97 46.90
N ARG B 376 -7.01 4.22 47.80
CA ARG B 376 -6.86 5.29 48.78
C ARG B 376 -6.52 4.72 50.14
N HIS B 377 -5.35 5.08 50.63
CA HIS B 377 -4.85 4.50 51.86
C HIS B 377 -5.60 5.05 53.07
N GLN B 378 -5.40 4.39 54.22
CA GLN B 378 -5.99 4.85 55.47
C GLN B 378 -5.46 6.23 55.78
N PRO B 379 -6.35 7.14 56.23
CA PRO B 379 -5.82 8.42 56.72
C PRO B 379 -4.89 8.16 57.89
N ILE B 380 -3.59 8.32 57.69
CA ILE B 380 -2.63 8.13 58.77
C ILE B 380 -2.64 9.39 59.62
N GLY B 381 -3.73 9.60 60.36
CA GLY B 381 -3.86 10.78 61.19
C GLY B 381 -3.86 12.08 60.42
N ARG B 382 -4.98 12.35 59.75
CA ARG B 382 -5.17 13.57 58.95
C ARG B 382 -4.18 13.83 57.81
N LEU B 383 -3.52 12.79 57.32
CA LEU B 383 -2.85 12.89 56.03
C LEU B 383 -3.42 11.79 55.13
N LYS B 384 -3.89 12.21 53.96
CA LYS B 384 -4.60 11.30 53.09
C LYS B 384 -3.86 11.08 51.79
N GLY B 385 -4.08 9.94 51.13
CA GLY B 385 -3.36 9.71 49.88
C GLY B 385 -3.93 8.61 49.02
N SER B 386 -3.80 8.81 47.71
CA SER B 386 -4.18 7.79 46.75
C SER B 386 -2.99 7.51 45.86
N TRP B 387 -2.63 6.24 45.73
CA TRP B 387 -1.49 5.89 44.89
C TRP B 387 -2.00 4.90 43.86
N GLY B 388 -1.49 5.01 42.64
CA GLY B 388 -1.97 4.16 41.57
C GLY B 388 -0.94 3.78 40.54
N VAL B 389 -1.30 2.80 39.72
CA VAL B 389 -0.47 2.37 38.60
C VAL B 389 -1.33 2.38 37.35
N GLN B 390 -0.72 2.69 36.20
CA GLN B 390 -1.46 2.75 34.95
C GLN B 390 -0.67 2.13 33.80
N TYR B 391 -1.33 1.30 32.99
CA TYR B 391 -0.69 0.77 31.80
C TYR B 391 -1.43 1.21 30.53
N LEU B 392 -0.70 1.83 29.61
CA LEU B 392 -1.31 2.35 28.40
C LEU B 392 -0.48 1.93 27.20
N GLN B 393 -1.06 1.14 26.29
CA GLN B 393 -0.34 0.78 25.08
C GLN B 393 -1.19 1.37 23.94
N GLN B 394 -0.55 2.07 23.01
CA GLN B 394 -1.27 2.66 21.88
C GLN B 394 -0.62 2.43 20.53
N LYS B 395 -1.25 1.55 19.74
CA LYS B 395 -0.87 1.30 18.36
C LYS B 395 -1.58 2.24 17.39
N SER B 396 -0.82 3.05 16.70
CA SER B 396 -1.38 4.07 15.83
C SER B 396 -0.61 4.13 14.52
N SER B 397 -1.30 4.56 13.46
CA SER B 397 -0.65 4.83 12.19
C SER B 397 -1.40 5.94 11.48
N ALA B 398 -0.78 6.50 10.46
CA ALA B 398 -1.46 7.44 9.59
C ALA B 398 -0.91 7.25 8.18
N LEU B 399 -1.71 6.64 7.32
CA LEU B 399 -1.24 6.21 6.01
C LEU B 399 -1.95 6.97 4.89
N SER B 400 -1.47 6.77 3.66
CA SER B 400 -2.08 7.37 2.49
C SER B 400 -2.52 6.27 1.52
N ALA B 401 -3.05 6.68 0.38
CA ALA B 401 -3.44 5.75 -0.67
C ALA B 401 -2.19 5.04 -1.20
N ILE B 402 -1.06 5.71 -1.11
CA ILE B 402 0.21 5.17 -1.57
C ILE B 402 0.71 4.08 -0.64
N SER B 403 1.22 3.00 -1.21
CA SER B 403 1.74 1.89 -0.43
C SER B 403 2.92 2.32 0.42
N GLU B 404 3.23 1.52 1.43
CA GLU B 404 4.39 1.78 2.27
C GLU B 404 5.66 1.27 1.58
N ALA B 405 5.48 0.69 0.39
CA ALA B 405 6.59 0.14 -0.37
C ALA B 405 7.22 1.18 -1.30
N VAL B 406 6.52 2.29 -1.49
CA VAL B 406 7.03 3.37 -2.34
C VAL B 406 7.44 4.56 -1.48
N LYS B 407 6.56 4.97 -0.58
CA LYS B 407 6.75 6.18 0.20
C LYS B 407 6.78 5.85 1.69
N GLN B 408 7.33 6.75 2.50
CA GLN B 408 7.20 6.63 3.95
C GLN B 408 5.91 7.30 4.40
N PRO B 409 5.09 6.57 5.18
CA PRO B 409 3.83 7.04 5.74
C PRO B 409 4.01 8.31 6.56
N MET B 410 2.98 9.16 6.61
CA MET B 410 3.00 10.35 7.45
C MET B 410 3.39 9.93 8.86
N LEU B 411 2.67 8.97 9.40
CA LEU B 411 3.04 8.35 10.65
C LEU B 411 3.14 6.84 10.44
N LEU B 412 4.35 6.28 10.49
CA LEU B 412 4.49 4.86 10.25
C LEU B 412 3.97 4.08 11.46
N ASP B 413 3.50 2.87 11.20
CA ASP B 413 2.89 2.05 12.24
C ASP B 413 3.84 1.83 13.41
N ASN B 414 3.38 2.20 14.60
CA ASN B 414 4.23 2.17 15.77
C ASN B 414 3.55 1.63 17.03
N LYS B 415 4.36 1.14 17.95
CA LYS B 415 3.89 0.57 19.20
C LYS B 415 4.48 1.39 20.35
N VAL B 416 3.63 2.08 21.10
CA VAL B 416 4.05 2.86 22.26
C VAL B 416 3.52 2.30 23.58
N GLN B 417 4.41 2.04 24.54
CA GLN B 417 3.93 1.54 25.81
C GLN B 417 4.28 2.51 26.96
N HIS B 418 3.33 2.76 27.85
CA HIS B 418 3.48 3.68 28.99
C HIS B 418 3.26 2.96 30.31
N TYR B 419 4.32 2.83 31.09
CA TYR B 419 4.23 2.25 32.43
C TYR B 419 4.28 3.33 33.49
N SER B 420 3.18 3.57 34.20
CA SER B 420 3.11 4.77 35.00
C SER B 420 2.76 4.47 36.47
N PHE B 421 3.56 5.04 37.38
CA PHE B 421 3.30 4.97 38.81
C PHE B 421 3.07 6.39 39.30
N PHE B 422 2.00 6.61 40.05
CA PHE B 422 1.60 7.94 40.44
C PHE B 422 0.90 7.95 41.79
N GLY B 423 0.63 9.14 42.30
CA GLY B 423 -0.06 9.27 43.57
C GLY B 423 -0.02 10.67 44.14
N VAL B 424 -0.94 10.95 45.04
CA VAL B 424 -1.00 12.27 45.68
C VAL B 424 -1.08 12.05 47.17
N GLU B 425 -0.49 12.97 47.94
CA GLU B 425 -0.53 12.89 49.38
C GLU B 425 -0.89 14.26 49.94
N GLN B 426 -1.88 14.33 50.81
CA GLN B 426 -2.24 15.63 51.39
C GLN B 426 -2.25 15.61 52.92
N ALA B 427 -1.69 16.66 53.53
CA ALA B 427 -1.68 16.79 54.98
C ALA B 427 -2.60 17.91 55.37
N ASN B 428 -3.34 17.75 56.47
CA ASN B 428 -4.31 18.78 56.82
C ASN B 428 -4.02 19.39 58.20
N TRP B 429 -3.48 20.62 58.25
CA TRP B 429 -3.32 21.32 59.53
C TRP B 429 -4.41 22.38 59.73
N ASP B 430 -5.64 21.91 59.99
CA ASP B 430 -6.82 22.78 60.16
C ASP B 430 -7.16 23.63 58.93
N ASN B 431 -6.99 24.95 59.02
CA ASN B 431 -7.37 25.85 57.94
C ASN B 431 -6.34 25.96 56.81
N PHE B 432 -5.42 25.00 56.75
CA PHE B 432 -4.43 24.95 55.68
C PHE B 432 -4.17 23.52 55.21
N THR B 433 -4.33 23.29 53.91
CA THR B 433 -4.08 21.98 53.32
C THR B 433 -2.81 21.99 52.47
N LEU B 434 -2.03 20.91 52.53
CA LEU B 434 -0.88 20.75 51.66
C LEU B 434 -0.84 19.41 50.92
N GLU B 435 -0.99 19.43 49.60
CA GLU B 435 -0.98 18.17 48.84
C GLU B 435 0.17 18.14 47.86
N GLY B 436 0.89 17.03 47.83
CA GLY B 436 1.97 16.87 46.89
C GLY B 436 1.60 15.76 45.94
N GLY B 437 2.22 15.74 44.77
CA GLY B 437 1.91 14.76 43.75
C GLY B 437 3.15 14.34 43.00
N VAL B 438 3.13 13.12 42.49
CA VAL B 438 4.25 12.60 41.70
C VAL B 438 3.74 11.73 40.56
N ARG B 439 4.54 11.64 39.50
CA ARG B 439 4.29 10.68 38.44
C ARG B 439 5.62 10.33 37.79
N VAL B 440 5.84 9.03 37.65
CA VAL B 440 7.00 8.48 36.93
C VAL B 440 6.55 7.46 35.88
N GLU B 441 6.57 7.85 34.60
CA GLU B 441 6.27 6.88 33.55
C GLU B 441 7.40 6.58 32.56
N LYS B 442 7.62 5.27 32.35
CA LYS B 442 8.58 4.76 31.36
C LYS B 442 7.89 4.40 30.04
N GLN B 443 8.56 4.68 28.93
CA GLN B 443 8.04 4.31 27.63
C GLN B 443 8.96 3.36 26.84
N LYS B 444 8.36 2.35 26.22
CA LYS B 444 9.04 1.58 25.19
C LYS B 444 8.38 1.91 23.85
N ALA B 445 9.15 1.88 22.75
CA ALA B 445 8.62 2.32 21.47
C ALA B 445 8.99 1.41 20.30
N SER B 446 8.42 0.21 20.26
CA SER B 446 8.59 -0.68 19.12
C SER B 446 7.95 -0.04 17.89
N ILE B 447 8.41 -0.44 16.71
CA ILE B 447 7.92 0.16 15.47
C ILE B 447 7.28 -0.88 14.55
N ARG B 471 13.91 4.99 25.02
CA ARG B 471 13.87 4.25 26.28
C ARG B 471 14.18 5.18 27.42
N GLN B 472 13.26 6.11 27.68
CA GLN B 472 13.46 7.20 28.65
C GLN B 472 12.27 7.36 29.57
N THR B 473 12.46 8.08 30.68
CA THR B 473 11.44 8.20 31.70
C THR B 473 11.06 9.63 32.01
N ALA B 474 9.78 9.89 32.25
CA ALA B 474 9.34 11.23 32.62
C ALA B 474 9.05 11.27 34.12
N ARG B 475 9.66 12.23 34.79
CA ARG B 475 9.39 12.42 36.20
C ARG B 475 8.73 13.77 36.38
N SER B 476 7.52 13.77 36.90
CA SER B 476 6.81 15.01 37.09
C SER B 476 6.40 15.10 38.55
N PHE B 477 6.47 16.29 39.15
CA PHE B 477 6.04 16.42 40.55
C PHE B 477 5.24 17.70 40.67
N ALA B 478 4.39 17.78 41.68
CA ALA B 478 3.63 18.98 41.92
C ALA B 478 3.42 19.09 43.41
N LEU B 479 3.36 20.32 43.90
CA LEU B 479 3.17 20.58 45.32
C LEU B 479 2.27 21.81 45.40
N SER B 480 1.30 21.77 46.31
CA SER B 480 0.29 22.83 46.37
C SER B 480 -0.25 23.09 47.78
N GLY B 481 -0.46 24.36 48.11
CA GLY B 481 -0.96 24.77 49.40
C GLY B 481 -2.22 25.62 49.35
N ASN B 482 -3.16 25.38 50.25
CA ASN B 482 -4.39 26.18 50.27
C ASN B 482 -4.59 26.81 51.64
N TRP B 483 -4.73 28.12 51.69
CA TRP B 483 -4.97 28.80 52.96
C TRP B 483 -6.36 29.45 52.98
N TYR B 484 -7.22 28.82 53.77
CA TYR B 484 -8.56 29.28 54.08
C TYR B 484 -8.51 30.28 55.24
N PHE B 485 -8.76 31.57 55.00
CA PHE B 485 -8.87 32.48 56.12
C PHE B 485 -10.21 32.18 56.73
N THR B 486 -11.19 31.99 55.85
CA THR B 486 -12.56 31.66 56.20
C THR B 486 -13.20 30.93 55.04
N PRO B 487 -13.25 29.59 55.09
CA PRO B 487 -13.86 28.89 53.95
C PRO B 487 -15.32 29.33 53.80
N GLN B 488 -15.71 29.78 52.61
CA GLN B 488 -14.82 29.80 51.45
C GLN B 488 -14.08 31.08 51.05
N HIS B 489 -12.79 31.14 51.37
CA HIS B 489 -11.97 32.31 51.08
C HIS B 489 -10.70 31.57 50.86
N LYS B 490 -10.36 31.49 49.59
CA LYS B 490 -9.35 30.55 49.16
C LYS B 490 -8.12 31.21 48.60
N LEU B 491 -6.95 30.81 49.07
CA LEU B 491 -5.75 31.28 48.42
C LEU B 491 -4.95 30.04 48.10
N SER B 492 -4.71 29.81 46.82
CA SER B 492 -3.97 28.64 46.42
C SER B 492 -2.62 29.08 45.87
N LEU B 493 -1.59 28.33 46.20
CA LEU B 493 -0.31 28.45 45.55
C LEU B 493 0.06 27.06 45.09
N THR B 494 0.33 26.92 43.80
CA THR B 494 0.56 25.61 43.23
C THR B 494 1.84 25.64 42.41
N ALA B 495 2.68 24.62 42.56
CA ALA B 495 3.88 24.58 41.77
C ALA B 495 4.05 23.18 41.23
N SER B 496 4.71 23.06 40.09
CA SER B 496 4.91 21.77 39.48
C SER B 496 6.08 21.74 38.51
N HIS B 497 6.70 20.57 38.43
CA HIS B 497 7.64 20.29 37.38
C HIS B 497 7.21 19.12 36.56
N GLN B 498 6.95 19.34 35.28
CA GLN B 498 6.41 18.20 34.57
C GLN B 498 7.28 17.93 33.38
N GLU B 499 7.44 16.65 33.08
CA GLU B 499 8.15 16.21 31.91
C GLU B 499 7.25 15.48 30.93
N ARG B 500 7.19 15.96 29.69
CA ARG B 500 6.43 15.27 28.66
C ARG B 500 7.34 14.51 27.69
N LEU B 501 7.25 13.19 27.60
CA LEU B 501 8.04 12.51 26.56
C LEU B 501 7.47 12.80 25.16
N PRO B 502 8.36 13.02 24.18
CA PRO B 502 7.96 13.32 22.80
C PRO B 502 7.07 12.23 22.20
N SER B 503 6.10 12.61 21.38
CA SER B 503 5.22 11.64 20.75
C SER B 503 5.88 11.06 19.51
N THR B 504 5.39 9.90 19.05
CA THR B 504 5.94 9.29 17.84
C THR B 504 5.74 10.18 16.63
N GLN B 505 4.64 10.92 16.61
CA GLN B 505 4.39 11.91 15.56
C GLN B 505 5.52 12.91 15.54
N GLU B 506 5.90 13.38 16.72
CA GLU B 506 6.92 14.42 16.83
C GLU B 506 8.33 14.01 16.39
N LEU B 507 8.70 12.75 16.56
CA LEU B 507 10.02 12.32 16.11
C LEU B 507 10.02 11.50 14.80
N TYR B 508 8.85 11.11 14.32
CA TYR B 508 8.80 10.24 13.15
C TYR B 508 7.88 10.70 12.02
N ALA B 509 7.16 11.80 12.20
CA ALA B 509 6.22 12.28 11.17
C ALA B 509 6.92 12.53 9.84
N HIS B 510 6.24 12.22 8.73
CA HIS B 510 6.84 12.34 7.41
C HIS B 510 5.85 12.22 6.27
N GLY B 511 4.86 13.12 6.21
CA GLY B 511 3.88 13.03 5.14
C GLY B 511 2.77 14.05 5.13
N LYS B 512 2.19 14.24 3.95
CA LYS B 512 1.13 15.20 3.74
C LYS B 512 -0.13 14.84 4.53
N HIS B 513 -0.52 15.71 5.47
CA HIS B 513 -1.83 15.63 6.09
C HIS B 513 -2.77 16.50 5.25
N VAL B 514 -3.74 15.89 4.60
CA VAL B 514 -4.55 16.63 3.62
C VAL B 514 -5.36 17.78 4.22
N ALA B 515 -6.18 17.49 5.23
CA ALA B 515 -7.06 18.47 5.85
C ALA B 515 -6.34 19.78 6.15
N THR B 516 -5.11 19.65 6.63
CA THR B 516 -4.31 20.78 7.06
C THR B 516 -3.48 21.29 5.89
N ASN B 517 -3.40 20.51 4.82
CA ASN B 517 -2.56 20.83 3.67
C ASN B 517 -1.13 21.15 4.09
N THR B 518 -0.61 20.35 5.02
CA THR B 518 0.73 20.53 5.55
C THR B 518 1.54 19.25 5.44
N PHE B 519 2.80 19.37 5.05
CA PHE B 519 3.73 18.25 5.15
C PHE B 519 4.35 18.31 6.54
N GLU B 520 4.42 17.16 7.20
CA GLU B 520 4.98 17.10 8.54
C GLU B 520 6.30 16.35 8.55
N VAL B 521 7.27 16.86 9.29
CA VAL B 521 8.56 16.19 9.46
C VAL B 521 8.90 16.08 10.95
N GLY B 522 9.40 14.92 11.36
CA GLY B 522 9.80 14.73 12.74
C GLY B 522 11.25 15.07 13.02
N ASN B 523 11.67 14.87 14.27
CA ASN B 523 13.05 15.12 14.67
C ASN B 523 13.58 13.91 15.43
N LYS B 524 14.60 13.25 14.87
CA LYS B 524 15.19 12.07 15.52
C LYS B 524 15.75 12.39 16.90
N HIS B 525 16.07 13.66 17.14
CA HIS B 525 16.64 14.06 18.43
C HIS B 525 15.91 15.23 19.11
N LEU B 526 14.79 14.93 19.76
CA LEU B 526 14.14 15.86 20.67
C LEU B 526 14.41 15.39 22.09
N ASN B 527 14.47 16.33 23.03
CA ASN B 527 14.59 16.00 24.45
C ASN B 527 13.25 16.36 25.08
N LYS B 528 12.87 15.66 26.15
CA LYS B 528 11.54 15.81 26.72
C LYS B 528 11.11 17.25 26.95
N GLU B 529 9.81 17.49 27.04
CA GLU B 529 9.37 18.83 27.33
C GLU B 529 9.44 18.93 28.83
N ARG B 530 10.29 19.83 29.32
CA ARG B 530 10.38 20.03 30.75
C ARG B 530 9.71 21.35 31.03
N SER B 531 9.01 21.43 32.16
CA SER B 531 8.27 22.65 32.43
C SER B 531 8.31 22.97 33.91
N ASN B 532 8.46 24.25 34.24
CA ASN B 532 8.39 24.66 35.62
C ASN B 532 7.28 25.68 35.75
N ASN B 533 6.28 25.33 36.52
CA ASN B 533 5.05 26.08 36.50
C ASN B 533 4.70 26.63 37.85
N ILE B 534 3.91 27.68 37.89
CA ILE B 534 3.61 28.33 39.14
C ILE B 534 2.34 29.10 38.93
N GLU B 535 1.41 29.01 39.87
CA GLU B 535 0.12 29.67 39.69
C GLU B 535 -0.54 30.03 41.02
N LEU B 536 -1.07 31.24 41.14
CA LEU B 536 -1.78 31.58 42.37
C LEU B 536 -3.22 31.95 42.06
N ALA B 537 -4.14 31.34 42.79
CA ALA B 537 -5.56 31.54 42.59
C ALA B 537 -6.23 31.98 43.89
N LEU B 538 -7.24 32.83 43.74
CA LEU B 538 -7.94 33.39 44.88
C LEU B 538 -9.43 33.31 44.61
N GLY B 539 -10.19 32.83 45.58
CA GLY B 539 -11.61 32.71 45.37
C GLY B 539 -12.50 33.02 46.55
N TYR B 540 -13.56 33.74 46.27
CA TYR B 540 -14.55 34.08 47.28
C TYR B 540 -15.93 33.93 46.65
N GLU B 541 -16.86 33.39 47.44
CA GLU B 541 -18.25 33.33 47.06
C GLU B 541 -19.13 33.47 48.31
N GLY B 542 -19.64 34.67 48.54
CA GLY B 542 -20.31 34.94 49.80
C GLY B 542 -21.55 35.81 49.72
N ASP B 543 -22.57 35.28 49.04
CA ASP B 543 -23.89 35.89 48.99
C ASP B 543 -23.95 37.25 48.30
N ARG B 544 -23.05 38.18 48.65
CA ARG B 544 -23.05 39.48 48.00
C ARG B 544 -22.03 39.46 46.87
N TRP B 545 -20.79 39.14 47.20
CA TRP B 545 -19.70 39.08 46.23
C TRP B 545 -19.30 37.66 45.93
N GLN B 546 -18.99 37.45 44.66
CA GLN B 546 -18.45 36.19 44.20
C GLN B 546 -17.37 36.56 43.21
N TYR B 547 -16.21 35.95 43.35
CA TYR B 547 -15.13 36.12 42.40
C TYR B 547 -14.15 34.95 42.33
N ASN B 548 -13.47 34.85 41.19
CA ASN B 548 -12.45 33.83 40.97
C ASN B 548 -11.29 34.41 40.16
N LEU B 549 -10.09 34.44 40.73
CA LEU B 549 -8.92 34.99 40.03
C LEU B 549 -7.76 34.02 39.98
N ALA B 550 -7.00 34.04 38.89
CA ALA B 550 -5.85 33.16 38.77
C ALA B 550 -4.74 33.87 38.01
N LEU B 551 -3.50 33.70 38.46
CA LEU B 551 -2.34 34.26 37.79
C LEU B 551 -1.33 33.18 37.52
N TYR B 552 -0.87 33.04 36.29
CA TYR B 552 0.03 31.94 35.98
C TYR B 552 1.22 32.22 35.07
N ARG B 553 2.25 31.42 35.26
CA ARG B 553 3.50 31.27 34.49
C ARG B 553 3.95 29.85 34.44
N ASN B 554 4.33 29.55 33.19
CA ASN B 554 4.76 28.27 32.73
C ASN B 554 6.09 28.48 32.02
N ARG B 555 7.14 27.88 32.57
CA ARG B 555 8.51 28.08 32.11
C ARG B 555 9.00 26.80 31.47
N PHE B 556 9.17 26.81 30.15
CA PHE B 556 9.66 25.63 29.47
C PHE B 556 11.14 25.77 29.19
N GLY B 557 11.93 24.82 29.66
CA GLY B 557 13.33 24.73 29.28
C GLY B 557 13.35 24.11 27.90
N ASN B 558 12.37 23.25 27.66
CA ASN B 558 12.14 22.66 26.35
C ASN B 558 10.65 22.71 26.04
N TYR B 559 10.32 23.30 24.90
CA TYR B 559 8.95 23.40 24.41
C TYR B 559 9.00 22.93 22.97
N ILE B 560 8.42 21.75 22.72
CA ILE B 560 8.41 21.18 21.37
C ILE B 560 7.29 21.81 20.55
N TYR B 561 7.61 22.31 19.36
CA TYR B 561 6.58 22.93 18.54
C TYR B 561 6.76 22.66 17.05
N ALA B 562 5.66 22.74 16.31
CA ALA B 562 5.66 22.58 14.86
C ALA B 562 6.15 23.85 14.18
N GLN B 563 7.42 23.85 13.81
CA GLN B 563 8.07 25.02 13.25
C GLN B 563 7.83 25.12 11.76
N THR B 564 7.06 26.12 11.34
CA THR B 564 6.82 26.37 9.92
C THR B 564 8.16 26.69 9.24
N LEU B 565 8.25 26.45 7.94
CA LEU B 565 9.55 26.45 7.28
C LEU B 565 9.74 27.37 6.09
N ASN B 566 10.94 27.26 5.54
CA ASN B 566 11.37 27.98 4.35
C ASN B 566 10.29 27.97 3.27
N ASP B 567 10.17 29.08 2.57
CA ASP B 567 9.16 29.28 1.51
C ASP B 567 8.93 28.04 0.63
N SER B 578 -3.50 28.54 0.17
CA SER B 578 -3.01 28.68 -1.19
C SER B 578 -2.17 27.47 -1.60
N GLU B 579 -0.90 27.48 -1.19
CA GLU B 579 0.03 26.37 -1.42
C GLU B 579 -0.01 25.49 -0.19
N MET B 580 1.02 24.68 0.00
CA MET B 580 1.03 23.81 1.17
C MET B 580 2.12 24.15 2.18
N LYS B 581 1.73 24.30 3.44
CA LYS B 581 2.67 24.54 4.52
C LYS B 581 3.68 23.40 4.63
N LEU B 582 4.79 23.69 5.29
CA LEU B 582 5.73 22.64 5.70
C LEU B 582 6.18 22.91 7.13
N VAL B 583 5.95 21.96 8.03
CA VAL B 583 6.42 22.11 9.39
C VAL B 583 7.46 21.07 9.77
N ARG B 584 8.48 21.54 10.49
CA ARG B 584 9.44 20.67 11.13
C ARG B 584 9.17 20.73 12.62
N TYR B 585 9.56 19.69 13.34
CA TYR B 585 9.42 19.70 14.79
C TYR B 585 10.68 20.20 15.48
N ASN B 586 10.51 21.12 16.42
CA ASN B 586 11.65 21.86 16.96
C ASN B 586 11.62 22.02 18.48
N GLN B 587 12.71 22.55 19.00
CA GLN B 587 12.83 22.76 20.43
C GLN B 587 13.33 24.16 20.71
N SER B 588 12.83 24.77 21.76
CA SER B 588 13.42 25.99 22.29
C SER B 588 13.00 26.10 23.74
N GLY B 589 12.81 27.32 24.21
CA GLY B 589 12.26 27.54 25.52
C GLY B 589 11.03 28.39 25.32
N ALA B 590 10.24 28.52 26.36
CA ALA B 590 9.01 29.27 26.25
C ALA B 590 8.62 29.85 27.59
N ASP B 591 7.88 30.94 27.55
CA ASP B 591 7.47 31.61 28.76
C ASP B 591 6.03 31.98 28.53
N PHE B 592 5.14 31.31 29.25
CA PHE B 592 3.72 31.60 29.17
C PHE B 592 3.30 32.19 30.48
N TYR B 593 2.57 33.29 30.40
CA TYR B 593 1.97 33.82 31.58
C TYR B 593 0.64 34.42 31.22
N GLY B 594 -0.21 34.55 32.22
CA GLY B 594 -1.51 35.12 31.98
C GLY B 594 -2.36 35.18 33.22
N ALA B 595 -3.55 35.69 33.04
CA ALA B 595 -4.51 35.80 34.11
C ALA B 595 -5.88 35.44 33.56
N GLU B 596 -6.76 35.04 34.46
CA GLU B 596 -8.14 34.79 34.09
C GLU B 596 -8.97 34.97 35.34
N GLY B 597 -10.24 35.32 35.16
CA GLY B 597 -11.10 35.53 36.29
C GLY B 597 -12.55 35.85 36.00
N GLU B 598 -13.39 35.71 37.01
CA GLU B 598 -14.79 36.08 36.92
C GLU B 598 -15.21 36.65 38.26
N ILE B 599 -16.12 37.60 38.26
CA ILE B 599 -16.61 38.15 39.53
C ILE B 599 -18.09 38.51 39.42
N TYR B 600 -18.88 37.98 40.35
CA TYR B 600 -20.32 38.19 40.33
C TYR B 600 -20.83 38.81 41.61
N PHE B 601 -21.61 39.89 41.48
CA PHE B 601 -22.27 40.52 42.62
C PHE B 601 -23.79 40.39 42.46
N LYS B 602 -24.46 39.79 43.44
CA LYS B 602 -25.92 39.64 43.38
C LYS B 602 -26.62 40.62 44.32
N PRO B 603 -27.27 41.64 43.76
CA PRO B 603 -28.00 42.64 44.55
C PRO B 603 -29.12 41.99 45.38
N THR B 604 -29.81 41.04 44.76
CA THR B 604 -30.90 40.31 45.37
C THR B 604 -30.44 38.86 45.24
N PRO B 605 -31.07 37.92 45.97
CA PRO B 605 -30.75 36.54 45.60
C PRO B 605 -31.39 36.18 44.25
N ARG B 606 -32.29 37.06 43.82
CA ARG B 606 -32.96 37.03 42.52
C ARG B 606 -32.13 37.32 41.25
N TYR B 607 -31.29 38.34 41.29
CA TYR B 607 -30.62 38.79 40.07
C TYR B 607 -29.11 38.58 40.23
N ARG B 608 -28.36 38.32 39.16
CA ARG B 608 -26.89 38.31 39.30
C ARG B 608 -26.18 38.95 38.11
N ILE B 609 -25.33 39.94 38.40
CA ILE B 609 -24.49 40.59 37.40
C ILE B 609 -23.03 40.19 37.58
N GLY B 610 -22.29 40.14 36.47
CA GLY B 610 -20.91 39.69 36.51
C GLY B 610 -20.02 40.19 35.39
N VAL B 611 -18.73 40.23 35.67
CA VAL B 611 -17.76 40.54 34.64
C VAL B 611 -16.70 39.45 34.68
N SER B 612 -16.30 39.00 33.50
CA SER B 612 -15.25 38.00 33.38
C SER B 612 -14.24 38.46 32.35
N GLY B 613 -13.08 37.83 32.35
CA GLY B 613 -12.03 38.18 31.42
C GLY B 613 -10.86 37.23 31.50
N ASP B 614 -10.02 37.24 30.47
CA ASP B 614 -8.80 36.44 30.48
C ASP B 614 -7.79 37.03 29.51
N TYR B 615 -6.54 36.59 29.62
CA TYR B 615 -5.45 37.16 28.87
C TYR B 615 -4.30 36.19 29.03
N VAL B 616 -3.57 35.97 27.95
CA VAL B 616 -2.43 35.06 27.99
C VAL B 616 -1.35 35.50 27.00
N ARG B 617 -0.11 35.44 27.47
CA ARG B 617 1.04 35.76 26.68
C ARG B 617 1.89 34.53 26.49
N GLY B 618 2.36 34.33 25.27
CA GLY B 618 3.21 33.19 24.97
C GLY B 618 4.40 33.61 24.16
N ARG B 619 5.59 33.25 24.61
CA ARG B 619 6.83 33.70 23.97
C ARG B 619 7.76 32.52 23.77
N LEU B 620 8.42 32.45 22.62
CA LEU B 620 9.52 31.49 22.47
C LEU B 620 10.83 32.17 22.83
N LYS B 621 11.57 31.58 23.77
CA LYS B 621 12.83 32.15 24.24
C LYS B 621 14.03 31.24 23.98
N ASN B 622 15.17 31.84 23.66
CA ASN B 622 16.41 31.10 23.42
C ASN B 622 16.27 30.02 22.35
N LEU B 623 16.39 30.46 21.10
CA LEU B 623 16.29 29.56 19.96
C LEU B 623 17.69 29.21 19.47
N PRO B 624 17.87 27.95 19.03
CA PRO B 624 19.08 27.56 18.31
C PRO B 624 19.29 28.40 17.05
N ASP B 642 15.73 37.27 17.32
CA ASP B 642 15.40 36.12 18.17
C ASP B 642 14.27 36.46 19.15
N ASP B 643 13.93 35.49 19.98
CA ASP B 643 12.81 35.62 20.91
C ASP B 643 11.53 36.04 20.19
N GLN B 644 10.89 35.06 19.54
CA GLN B 644 9.65 35.27 18.82
C GLN B 644 8.44 34.85 19.67
N ASN B 645 7.24 35.12 19.16
CA ASN B 645 6.02 34.70 19.86
C ASN B 645 5.68 33.22 19.66
N ALA B 646 4.93 32.66 20.61
CA ALA B 646 4.48 31.27 20.53
C ALA B 646 3.27 31.15 19.62
N PRO B 647 3.13 30.00 18.93
CA PRO B 647 2.09 29.86 17.92
C PRO B 647 0.68 29.66 18.45
N ARG B 648 -0.27 30.21 17.68
CA ARG B 648 -1.71 30.14 17.95
C ARG B 648 -2.13 30.43 19.37
N VAL B 649 -1.50 31.44 19.96
CA VAL B 649 -1.94 31.95 21.24
C VAL B 649 -3.26 32.71 21.08
N PRO B 650 -4.22 32.43 21.97
CA PRO B 650 -5.52 33.12 22.05
C PRO B 650 -5.40 34.64 22.10
N ALA B 651 -6.55 35.30 22.18
CA ALA B 651 -6.58 36.74 22.36
C ALA B 651 -7.27 37.07 23.67
N ALA B 652 -7.02 38.26 24.19
CA ALA B 652 -7.67 38.66 25.42
C ALA B 652 -9.18 38.76 25.20
N ARG B 653 -9.93 38.56 26.26
CA ARG B 653 -11.37 38.59 26.18
C ARG B 653 -11.91 39.18 27.47
N LEU B 654 -12.85 40.12 27.35
CA LEU B 654 -13.50 40.63 28.54
C LEU B 654 -14.94 40.19 28.38
N GLY B 655 -15.57 39.81 29.49
CA GLY B 655 -16.93 39.36 29.43
C GLY B 655 -17.85 40.12 30.35
N PHE B 656 -19.03 40.39 29.84
CA PHE B 656 -20.07 40.98 30.65
C PHE B 656 -21.19 39.94 30.62
N HIS B 657 -21.76 39.72 31.81
CA HIS B 657 -22.70 38.69 32.15
C HIS B 657 -23.92 39.17 32.93
N LEU B 658 -25.10 38.67 32.54
CA LEU B 658 -26.33 38.98 33.22
C LEU B 658 -27.12 37.71 33.31
N LYS B 659 -27.82 37.48 34.41
CA LYS B 659 -28.59 36.27 34.49
C LYS B 659 -29.65 36.57 35.56
N ALA B 660 -30.91 36.20 35.32
CA ALA B 660 -31.97 36.53 36.28
C ALA B 660 -33.21 35.65 36.14
N SER B 661 -33.65 35.06 37.25
CA SER B 661 -34.92 34.34 37.29
C SER B 661 -36.15 35.18 37.60
N LEU B 662 -37.21 35.01 36.81
CA LEU B 662 -38.50 35.66 37.09
C LEU B 662 -39.69 34.92 36.49
N THR B 663 -40.23 33.95 37.21
CA THR B 663 -39.71 33.48 38.50
C THR B 663 -39.98 31.99 38.65
N ASP B 664 -39.23 31.34 39.54
CA ASP B 664 -39.45 29.94 39.92
C ASP B 664 -39.24 28.91 38.81
N ARG B 665 -39.46 29.32 37.56
CA ARG B 665 -39.34 28.42 36.43
C ARG B 665 -38.52 29.09 35.32
N ILE B 666 -38.91 30.32 34.97
CA ILE B 666 -38.28 31.10 33.88
C ILE B 666 -36.97 31.81 34.27
N ASP B 667 -35.95 31.67 33.42
CA ASP B 667 -34.60 32.20 33.68
C ASP B 667 -33.89 32.84 32.47
N ALA B 668 -34.17 34.10 32.15
CA ALA B 668 -33.48 34.78 31.06
C ALA B 668 -32.01 35.09 31.37
N ASN B 669 -31.17 35.17 30.35
CA ASN B 669 -29.76 35.54 30.54
C ASN B 669 -29.10 36.19 29.32
N LEU B 670 -28.16 37.09 29.60
CA LEU B 670 -27.44 37.83 28.56
C LEU B 670 -25.94 37.72 28.78
N ASP B 671 -25.20 37.49 27.69
CA ASP B 671 -23.75 37.40 27.78
C ASP B 671 -23.10 38.23 26.67
N TYR B 672 -22.32 39.23 27.05
CA TYR B 672 -21.59 40.04 26.07
C TYR B 672 -20.09 39.95 26.22
N TYR B 673 -19.46 39.28 25.26
CA TYR B 673 -18.01 39.17 25.25
C TYR B 673 -17.34 40.18 24.32
N ARG B 674 -16.30 40.85 24.80
CA ARG B 674 -15.47 41.70 23.96
C ARG B 674 -14.20 40.92 23.67
N VAL B 675 -14.11 40.39 22.46
CA VAL B 675 -12.90 39.68 22.06
C VAL B 675 -11.99 40.63 21.31
N PHE B 676 -10.86 40.97 21.92
CA PHE B 676 -9.92 41.89 21.32
C PHE B 676 -9.12 41.22 20.21
N ALA B 677 -8.41 42.03 19.44
CA ALA B 677 -7.59 41.53 18.35
C ALA B 677 -6.32 40.89 18.87
N GLN B 678 -5.62 40.16 18.00
CA GLN B 678 -4.31 39.65 18.36
C GLN B 678 -3.20 40.16 17.43
N ASN B 679 -2.30 40.98 17.99
CA ASN B 679 -1.21 41.57 17.22
C ASN B 679 0.15 41.06 17.64
N LYS B 680 0.18 40.28 18.71
CA LYS B 680 1.40 39.59 19.07
C LYS B 680 1.33 38.24 18.40
N LEU B 681 1.95 38.13 17.22
CA LEU B 681 1.81 36.93 16.40
C LEU B 681 3.13 36.19 16.18
N ALA B 682 3.02 34.89 15.93
CA ALA B 682 4.18 34.05 15.70
C ALA B 682 4.76 34.21 14.30
N ARG B 683 5.63 33.28 13.94
CA ARG B 683 6.53 33.40 12.80
C ARG B 683 5.89 33.78 11.45
N TYR B 684 4.82 33.09 11.07
CA TYR B 684 4.14 33.38 9.81
C TYR B 684 2.67 33.68 10.02
N GLU B 685 2.31 33.95 11.27
CA GLU B 685 0.92 34.21 11.59
C GLU B 685 0.48 35.57 11.07
N THR B 686 -0.83 35.79 10.99
CA THR B 686 -1.36 37.06 10.55
C THR B 686 -2.23 37.65 11.66
N ARG B 687 -2.55 38.94 11.53
CA ARG B 687 -3.41 39.61 12.51
C ARG B 687 -4.79 38.96 12.54
N THR B 688 -5.42 38.99 13.70
CA THR B 688 -6.80 38.53 13.83
C THR B 688 -7.61 39.58 14.56
N PRO B 689 -8.69 40.07 13.95
CA PRO B 689 -9.68 40.84 14.71
C PRO B 689 -10.40 39.83 15.62
N GLY B 690 -11.11 40.25 16.66
CA GLY B 690 -11.50 41.62 16.90
C GLY B 690 -12.99 41.66 16.68
N HIS B 691 -13.75 41.11 17.64
CA HIS B 691 -15.20 41.06 17.48
C HIS B 691 -15.98 41.27 18.77
N HIS B 692 -17.29 41.49 18.61
CA HIS B 692 -18.20 41.69 19.72
C HIS B 692 -19.24 40.59 19.73
N MET B 693 -19.16 39.69 20.70
CA MET B 693 -20.12 38.58 20.79
C MET B 693 -21.26 38.85 21.75
N LEU B 694 -22.47 38.90 21.21
CA LEU B 694 -23.67 39.08 22.03
C LEU B 694 -24.56 37.83 22.00
N ASN B 695 -24.76 37.26 23.18
CA ASN B 695 -25.56 36.05 23.33
C ASN B 695 -26.70 36.25 24.31
N LEU B 696 -27.87 35.80 23.89
CA LEU B 696 -29.10 35.83 24.67
C LEU B 696 -29.55 34.42 25.01
N GLY B 697 -30.23 34.28 26.13
CA GLY B 697 -30.71 32.98 26.59
C GLY B 697 -31.86 33.07 27.58
N ALA B 698 -32.64 32.00 27.61
CA ALA B 698 -33.79 31.85 28.50
C ALA B 698 -34.04 30.36 28.74
N ASN B 699 -34.66 30.02 29.86
CA ASN B 699 -34.98 28.62 30.19
C ASN B 699 -36.33 28.35 30.86
N TYR B 700 -36.94 27.22 30.49
CA TYR B 700 -38.24 26.86 31.03
C TYR B 700 -38.08 25.64 31.96
N ARG B 701 -38.44 25.79 33.23
CA ARG B 701 -38.39 24.70 34.19
C ARG B 701 -39.81 24.15 34.42
N ARG B 702 -40.02 22.83 34.35
CA ARG B 702 -41.40 22.34 34.49
C ARG B 702 -41.56 20.91 35.01
N ASN B 703 -42.51 20.80 35.94
CA ASN B 703 -42.84 19.57 36.67
C ASN B 703 -44.16 18.91 36.31
N THR B 704 -44.16 17.96 35.38
CA THR B 704 -45.39 17.23 35.12
C THR B 704 -45.22 15.82 35.65
N ARG B 705 -46.15 14.93 35.28
CA ARG B 705 -45.98 13.52 35.56
C ARG B 705 -44.84 12.98 34.72
N TYR B 706 -44.26 11.87 35.16
CA TYR B 706 -43.24 11.16 34.39
C TYR B 706 -41.94 11.90 34.08
N GLY B 707 -41.88 13.20 34.33
CA GLY B 707 -40.67 13.92 34.00
C GLY B 707 -40.63 15.42 34.19
N GLU B 708 -39.41 15.94 34.37
CA GLU B 708 -39.21 17.37 34.39
C GLU B 708 -39.03 17.76 32.94
N TRP B 709 -39.64 18.87 32.54
CA TRP B 709 -39.58 19.29 31.15
C TRP B 709 -38.80 20.58 31.01
N ASN B 710 -37.57 20.49 30.53
CA ASN B 710 -36.76 21.68 30.41
C ASN B 710 -36.65 22.21 28.99
N TRP B 711 -37.57 23.10 28.65
CA TRP B 711 -37.58 23.78 27.37
C TRP B 711 -36.49 24.85 27.44
N TYR B 712 -35.88 25.16 26.32
CA TYR B 712 -34.91 26.26 26.27
C TYR B 712 -34.80 26.99 24.93
N VAL B 713 -34.44 28.26 25.01
CA VAL B 713 -34.32 29.11 23.83
C VAL B 713 -33.07 29.95 23.93
N LYS B 714 -32.28 29.95 22.87
CA LYS B 714 -30.96 30.58 22.90
C LYS B 714 -30.76 31.39 21.63
N ALA B 715 -30.09 32.53 21.75
CA ALA B 715 -29.77 33.36 20.59
C ALA B 715 -28.31 33.78 20.63
N ASP B 716 -27.51 33.23 19.72
CA ASP B 716 -26.08 33.48 19.75
C ASP B 716 -25.63 34.38 18.59
N ASN B 717 -24.70 35.28 18.88
CA ASN B 717 -24.16 36.20 17.89
C ASN B 717 -25.24 37.07 17.23
N LEU B 718 -26.00 37.77 18.06
CA LEU B 718 -27.08 38.64 17.58
C LEU B 718 -26.56 39.79 16.71
N LEU B 719 -25.35 40.25 17.01
CA LEU B 719 -24.74 41.34 16.26
C LEU B 719 -24.30 40.88 14.87
N ASN B 720 -24.34 39.58 14.65
CA ASN B 720 -23.95 38.95 13.39
C ASN B 720 -22.54 39.36 12.97
N GLN B 721 -21.58 39.20 13.88
CA GLN B 721 -20.22 39.64 13.62
C GLN B 721 -19.39 38.64 12.86
N SER B 722 -18.36 39.15 12.19
CA SER B 722 -17.38 38.30 11.53
C SER B 722 -16.42 37.82 12.60
N VAL B 723 -16.66 36.60 13.07
CA VAL B 723 -15.92 36.05 14.19
C VAL B 723 -14.74 35.20 13.74
N TYR B 724 -13.55 35.60 14.16
CA TYR B 724 -12.35 34.85 13.85
C TYR B 724 -11.67 34.44 15.15
N ALA B 725 -11.10 33.24 15.16
CA ALA B 725 -10.36 32.76 16.32
C ALA B 725 -8.89 32.50 15.96
N HIS B 726 -7.98 33.32 16.47
CA HIS B 726 -6.55 33.17 16.18
C HIS B 726 -5.97 31.86 16.69
N SER B 727 -6.63 31.27 17.68
CA SER B 727 -6.15 30.04 18.29
C SER B 727 -6.50 28.79 17.49
N SER B 728 -7.18 28.97 16.35
CA SER B 728 -7.59 27.85 15.51
C SER B 728 -6.79 27.78 14.22
N PHE B 729 -6.82 26.63 13.57
CA PHE B 729 -6.08 26.46 12.31
C PHE B 729 -6.80 27.15 11.17
N LEU B 730 -8.03 27.58 11.41
CA LEU B 730 -8.81 28.26 10.39
C LEU B 730 -9.04 29.71 10.86
N SER B 731 -7.93 30.39 11.09
CA SER B 731 -7.92 31.74 11.64
C SER B 731 -8.45 32.84 10.72
N ASP B 732 -8.45 32.59 9.40
CA ASP B 732 -8.93 33.59 8.47
C ASP B 732 -10.32 33.20 7.98
N THR B 733 -10.87 32.20 8.65
CA THR B 733 -12.18 31.69 8.30
C THR B 733 -13.20 32.14 9.32
N PRO B 734 -14.23 32.86 8.86
CA PRO B 734 -15.24 33.35 9.80
C PRO B 734 -16.02 32.18 10.37
N GLN B 735 -16.50 32.35 11.59
CA GLN B 735 -17.30 31.33 12.22
C GLN B 735 -18.75 31.74 12.11
N MET B 736 -19.64 30.91 12.68
CA MET B 736 -21.08 31.06 12.51
C MET B 736 -21.64 32.42 12.86
N GLY B 737 -22.48 32.95 11.97
CA GLY B 737 -23.17 34.20 12.21
C GLY B 737 -24.34 34.00 13.16
N ARG B 738 -25.33 34.88 13.05
CA ARG B 738 -26.49 34.86 13.92
C ARG B 738 -27.26 33.55 13.87
N SER B 739 -27.54 32.98 15.04
CA SER B 739 -28.17 31.67 15.14
C SER B 739 -29.16 31.61 16.29
N PHE B 740 -30.35 31.06 16.01
CA PHE B 740 -31.35 30.87 17.05
C PHE B 740 -31.51 29.39 17.41
N THR B 741 -31.72 29.11 18.69
CA THR B 741 -31.80 27.74 19.17
C THR B 741 -33.02 27.60 20.09
N GLY B 742 -33.81 26.57 19.83
CA GLY B 742 -34.91 26.17 20.69
C GLY B 742 -34.73 24.70 21.05
N GLY B 743 -34.92 24.36 22.33
CA GLY B 743 -34.71 22.98 22.73
C GLY B 743 -35.51 22.47 23.90
N VAL B 744 -35.59 21.14 23.99
CA VAL B 744 -36.30 20.50 25.07
C VAL B 744 -35.50 19.37 25.69
N ASN B 745 -35.58 19.29 27.00
CA ASN B 745 -35.09 18.16 27.78
C ASN B 745 -36.13 17.63 28.72
N VAL B 746 -36.12 16.33 28.94
CA VAL B 746 -37.11 15.73 29.79
C VAL B 746 -36.29 14.86 30.68
N LYS B 747 -36.11 15.33 31.91
CA LYS B 747 -35.43 14.57 32.91
C LYS B 747 -36.45 13.64 33.52
N PHE B 748 -36.05 12.50 34.05
CA PHE B 748 -36.98 11.64 34.78
C PHE B 748 -36.31 10.52 35.59
ZN ZN C . 4.99 -5.46 -18.03
C1 GOL D . 18.99 -21.46 -38.15
O1 GOL D . 19.28 -22.31 -37.06
C2 GOL D . 19.42 -20.04 -37.84
O2 GOL D . 20.13 -19.49 -38.93
C3 GOL D . 18.20 -19.17 -37.55
O3 GOL D . 17.77 -19.39 -36.22
C1 GOL E . 13.59 13.45 -43.27
O1 GOL E . 14.59 12.96 -42.38
C2 GOL E . 12.56 14.25 -42.49
O2 GOL E . 12.87 14.23 -41.12
C3 GOL E . 12.48 15.69 -42.99
O3 GOL E . 11.77 16.49 -42.07
C1 GOL F . 18.97 -3.74 -28.47
O1 GOL F . 18.26 -2.57 -28.81
C2 GOL F . 18.57 -4.94 -29.34
O2 GOL F . 18.28 -6.05 -28.53
C3 GOL F . 17.36 -4.62 -30.23
O3 GOL F . 17.79 -4.08 -31.45
C1 C8E G . 33.84 -12.20 -19.17
C2 C8E G . 32.76 -11.18 -18.89
C3 C8E G . 31.86 -11.68 -17.78
C4 C8E G . 31.27 -10.55 -16.96
C5 C8E G . 30.35 -11.14 -15.91
C6 C8E G . 29.59 -10.06 -15.17
C7 C8E G . 29.53 -10.44 -13.70
C8 C8E G . 28.25 -11.19 -13.38
O9 C8E G . 27.42 -10.34 -12.63
C10 C8E G . 26.57 -11.06 -11.76
C11 C8E G . 25.94 -10.10 -10.77
O12 C8E G . 24.97 -9.31 -11.44
C13 C8E G . 24.40 -8.33 -10.56
C14 C8E G . 23.65 -9.03 -9.43
O15 C8E G . 22.98 -8.07 -8.62
C16 C8E G . 21.81 -8.64 -8.03
C17 C8E G . 21.24 -7.65 -7.02
O18 C8E G . 20.96 -8.34 -5.80
C19 C8E G . 21.07 -7.49 -4.66
C20 C8E G . 19.72 -7.34 -3.99
O21 C8E G . 19.90 -7.14 -2.58
C1 C8E H . 1.70 -43.53 -38.21
C2 C8E H . 2.49 -43.21 -39.47
C3 C8E H . 3.53 -44.27 -39.78
C4 C8E H . 2.90 -45.43 -40.52
C5 C8E H . 1.69 -45.93 -39.75
C6 C8E H . 1.29 -47.33 -40.19
C7 C8E H . 1.69 -48.36 -39.16
C8 C8E H . 0.74 -48.42 -37.97
O9 C8E H . 0.06 -47.19 -37.80
C10 C8E H . -1.28 -47.47 -37.43
C11 C8E H . -1.60 -46.90 -36.05
O12 C8E H . -0.65 -45.91 -35.69
C13 C8E H . -0.62 -44.81 -36.60
C14 C8E H . -0.23 -43.56 -35.84
O15 C8E H . -1.02 -43.47 -34.65
C16 C8E H . -1.41 -42.13 -34.39
C17 C8E H . -2.11 -42.08 -33.04
O18 C8E H . -3.37 -41.43 -33.15
C19 C8E H . -4.23 -41.78 -32.06
C20 C8E H . -5.45 -40.87 -32.02
O21 C8E H . -6.43 -41.41 -31.14
S SO4 I . -8.47 -27.09 -41.96
O1 SO4 I . -8.81 -28.50 -41.75
O2 SO4 I . -8.67 -26.36 -40.71
O3 SO4 I . -7.07 -26.99 -42.36
O4 SO4 I . -9.31 -26.53 -43.00
ZN ZN J . -6.61 15.27 9.94
S SO4 K . 6.53 37.55 33.78
O1 SO4 K . 5.10 37.76 33.98
O2 SO4 K . 7.15 38.80 33.35
O3 SO4 K . 7.13 37.10 35.02
O4 SO4 K . 6.73 36.54 32.75
#